data_6YB4
# 
_entry.id   6YB4 
# 
_audit_conform.dict_name       mmcif_pdbx.dic 
_audit_conform.dict_version    5.392 
_audit_conform.dict_location   http://mmcif.pdb.org/dictionaries/ascii/mmcif_pdbx.dic 
# 
loop_
_database_2.database_id 
_database_2.database_code 
_database_2.pdbx_database_accession 
_database_2.pdbx_DOI 
PDB   6YB4         pdb_00006yb4 10.2210/pdb6yb4/pdb 
WWPDB D_1292107311 ?            ?                   
# 
loop_
_pdbx_audit_revision_history.ordinal 
_pdbx_audit_revision_history.data_content_type 
_pdbx_audit_revision_history.major_revision 
_pdbx_audit_revision_history.minor_revision 
_pdbx_audit_revision_history.revision_date 
1 'Structure model' 1 0 2020-05-06 
2 'Structure model' 1 1 2020-05-13 
3 'Structure model' 1 2 2020-06-10 
4 'Structure model' 1 3 2024-05-15 
# 
_pdbx_audit_revision_details.ordinal             1 
_pdbx_audit_revision_details.revision_ordinal    1 
_pdbx_audit_revision_details.data_content_type   'Structure model' 
_pdbx_audit_revision_details.provider            repository 
_pdbx_audit_revision_details.type                'Initial release' 
_pdbx_audit_revision_details.description         ? 
_pdbx_audit_revision_details.details             ? 
# 
loop_
_pdbx_audit_revision_group.ordinal 
_pdbx_audit_revision_group.revision_ordinal 
_pdbx_audit_revision_group.data_content_type 
_pdbx_audit_revision_group.group 
1 2 'Structure model' 'Database references'    
2 3 'Structure model' 'Database references'    
3 4 'Structure model' 'Data collection'        
4 4 'Structure model' 'Database references'    
5 4 'Structure model' 'Derived calculations'   
6 4 'Structure model' 'Refinement description' 
# 
loop_
_pdbx_audit_revision_category.ordinal 
_pdbx_audit_revision_category.revision_ordinal 
_pdbx_audit_revision_category.data_content_type 
_pdbx_audit_revision_category.category 
1 2 'Structure model' citation        
2 2 'Structure model' citation_author 
3 3 'Structure model' citation        
4 3 'Structure model' citation_author 
5 4 'Structure model' atom_type       
6 4 'Structure model' chem_comp_atom  
7 4 'Structure model' chem_comp_bond  
8 4 'Structure model' database_2      
9 4 'Structure model' software        
# 
loop_
_pdbx_audit_revision_item.ordinal 
_pdbx_audit_revision_item.revision_ordinal 
_pdbx_audit_revision_item.data_content_type 
_pdbx_audit_revision_item.item 
1  2 'Structure model' '_citation.title'                     
2  2 'Structure model' '_citation_author.identifier_ORCID'   
3  2 'Structure model' '_citation_author.name'               
4  3 'Structure model' '_citation.journal_volume'            
5  3 'Structure model' '_citation.page_first'                
6  3 'Structure model' '_citation.page_last'                 
7  3 'Structure model' '_citation_author.identifier_ORCID'   
8  4 'Structure model' '_atom_type.pdbx_N_electrons'         
9  4 'Structure model' '_atom_type.pdbx_scat_Z'              
10 4 'Structure model' '_database_2.pdbx_DOI'                
11 4 'Structure model' '_database_2.pdbx_database_accession' 
12 4 'Structure model' '_software.name'                      
# 
_pdbx_database_status.status_code                     REL 
_pdbx_database_status.status_code_sf                  REL 
_pdbx_database_status.status_code_mr                  ? 
_pdbx_database_status.entry_id                        6YB4 
_pdbx_database_status.recvd_initial_deposition_date   2020-03-15 
_pdbx_database_status.SG_entry                        N 
_pdbx_database_status.deposit_site                    PDBE 
_pdbx_database_status.process_site                    PDBE 
_pdbx_database_status.status_code_cs                  ? 
_pdbx_database_status.status_code_nmr_data            ? 
_pdbx_database_status.methods_development_category    ? 
_pdbx_database_status.pdb_format_compatible           N 
# 
_audit_author.name               'Chung, C.' 
_audit_author.pdbx_ordinal       1 
_audit_author.identifier_ORCID   0000-0002-2480-3110 
# 
_citation.abstract                  ? 
_citation.abstract_id_CAS           ? 
_citation.book_id_ISBN              ? 
_citation.book_publisher            ? 
_citation.book_publisher_city       ? 
_citation.book_title                ? 
_citation.coordinate_linkage        ? 
_citation.country                   US 
_citation.database_id_Medline       ? 
_citation.details                   ? 
_citation.id                        primary 
_citation.journal_abbrev            J.Med.Chem. 
_citation.journal_id_ASTM           JMCMAR 
_citation.journal_id_CSD            0151 
_citation.journal_id_ISSN           0022-2623 
_citation.journal_full              ? 
_citation.journal_issue             ? 
_citation.journal_volume            63 
_citation.language                  ? 
_citation.page_first                5212 
_citation.page_last                 5241 
_citation.title                     'Optimization of Potent ATAD2 and CECR2 Bromodomain Inhibitors with an Atypical Binding Mode.' 
_citation.year                      2020 
_citation.database_id_CSD           ? 
_citation.pdbx_database_id_DOI      10.1021/acs.jmedchem.0c00021 
_citation.pdbx_database_id_PubMed   32321240 
_citation.unpublished_flag          ? 
# 
loop_
_citation_author.citation_id 
_citation_author.name 
_citation_author.ordinal 
_citation_author.identifier_ORCID 
primary 'Lucas, S.C.C.'     1  ? 
primary 'Atkinson, S.J.'    2  ? 
primary 'Bamborough, P.'    3  ? 
primary 'Barnett, H.'       4  ? 
primary 'Chung, C.W.'       5  ? 
primary 'Gordon, L.'        6  ? 
primary 'Mitchell, D.J.'    7  ? 
primary 'Phillipou, A.'     8  ? 
primary 'Prinjha, R.K.'     9  ? 
primary 'Sheppard, R.J.'    10 ? 
primary 'Tomkinson, N.C.O.' 11 ? 
primary 'Watson, R.J.'      12 ? 
primary 'Demont, E.H.'      13 ? 
# 
loop_
_entity.id 
_entity.type 
_entity.src_method 
_entity.pdbx_description 
_entity.formula_weight 
_entity.pdbx_number_of_molecules 
_entity.pdbx_ec 
_entity.pdbx_mutation 
_entity.pdbx_fragment 
_entity.details 
1 polymer     man 'ATPase family AAA domain-containing protein 2' 15453.514 1   3.6.1.3 ? ? ? 
2 non-polymer syn 'SULFATE ION' 96.063    2   ?       ? ? ? 
3 non-polymer syn 1,2-ETHANEDIOL 62.068    3   ?       ? ? ? 
4 non-polymer syn 
;~{N}-[4-bromanyl-3-[(3~{S})-3-methylpyrrolidin-1-yl]sulfonyl-phenyl]-2-[(4~{R})-4-cyclopropyl-4-methyl-2,5-bis(oxidanylidene)imidazolidin-1-yl]ethanamide
;
513.405   1   ?       ? ? ? 
5 water       nat water 18.015    222 ?       ? ? ? 
# 
_entity_name_com.entity_id   1 
_entity_name_com.name        'AAA nuclear coregulator cancer-associated protein,ANCCA' 
# 
_entity_poly.entity_id                      1 
_entity_poly.type                           'polypeptide(L)' 
_entity_poly.nstd_linkage                   no 
_entity_poly.nstd_monomer                   no 
_entity_poly.pdbx_seq_one_letter_code       
;SMQEEDTFRELRIFLRNVTHRLAIDKRFRVFTKPVDPDEVPDYVTVIKQPMDLSSVISKIDLHKYLTVKDYLRDIDLICS
NALEYNPDRDPGDRLIRHRACALRDTAYAIIKEELDEDFEQLCEEIQESR
;
_entity_poly.pdbx_seq_one_letter_code_can   
;SMQEEDTFRELRIFLRNVTHRLAIDKRFRVFTKPVDPDEVPDYVTVIKQPMDLSSVISKIDLHKYLTVKDYLRDIDLICS
NALEYNPDRDPGDRLIRHRACALRDTAYAIIKEELDEDFEQLCEEIQESR
;
_entity_poly.pdbx_strand_id                 AAA 
_entity_poly.pdbx_target_identifier         ? 
# 
loop_
_pdbx_entity_nonpoly.entity_id 
_pdbx_entity_nonpoly.name 
_pdbx_entity_nonpoly.comp_id 
2 'SULFATE ION' SO4 
3 1,2-ETHANEDIOL EDO 
4 
;~{N}-[4-bromanyl-3-[(3~{S})-3-methylpyrrolidin-1-yl]sulfonyl-phenyl]-2-[(4~{R})-4-cyclopropyl-4-methyl-2,5-bis(oxidanylidene)imidazolidin-1-yl]ethanamide
;
OJH 
5 water HOH 
# 
loop_
_entity_poly_seq.entity_id 
_entity_poly_seq.num 
_entity_poly_seq.mon_id 
_entity_poly_seq.hetero 
1 1   SER n 
1 2   MET n 
1 3   GLN n 
1 4   GLU n 
1 5   GLU n 
1 6   ASP n 
1 7   THR n 
1 8   PHE n 
1 9   ARG n 
1 10  GLU n 
1 11  LEU n 
1 12  ARG n 
1 13  ILE n 
1 14  PHE n 
1 15  LEU n 
1 16  ARG n 
1 17  ASN n 
1 18  VAL n 
1 19  THR n 
1 20  HIS n 
1 21  ARG n 
1 22  LEU n 
1 23  ALA n 
1 24  ILE n 
1 25  ASP n 
1 26  LYS n 
1 27  ARG n 
1 28  PHE n 
1 29  ARG n 
1 30  VAL n 
1 31  PHE n 
1 32  THR n 
1 33  LYS n 
1 34  PRO n 
1 35  VAL n 
1 36  ASP n 
1 37  PRO n 
1 38  ASP n 
1 39  GLU n 
1 40  VAL n 
1 41  PRO n 
1 42  ASP n 
1 43  TYR n 
1 44  VAL n 
1 45  THR n 
1 46  VAL n 
1 47  ILE n 
1 48  LYS n 
1 49  GLN n 
1 50  PRO n 
1 51  MET n 
1 52  ASP n 
1 53  LEU n 
1 54  SER n 
1 55  SER n 
1 56  VAL n 
1 57  ILE n 
1 58  SER n 
1 59  LYS n 
1 60  ILE n 
1 61  ASP n 
1 62  LEU n 
1 63  HIS n 
1 64  LYS n 
1 65  TYR n 
1 66  LEU n 
1 67  THR n 
1 68  VAL n 
1 69  LYS n 
1 70  ASP n 
1 71  TYR n 
1 72  LEU n 
1 73  ARG n 
1 74  ASP n 
1 75  ILE n 
1 76  ASP n 
1 77  LEU n 
1 78  ILE n 
1 79  CYS n 
1 80  SER n 
1 81  ASN n 
1 82  ALA n 
1 83  LEU n 
1 84  GLU n 
1 85  TYR n 
1 86  ASN n 
1 87  PRO n 
1 88  ASP n 
1 89  ARG n 
1 90  ASP n 
1 91  PRO n 
1 92  GLY n 
1 93  ASP n 
1 94  ARG n 
1 95  LEU n 
1 96  ILE n 
1 97  ARG n 
1 98  HIS n 
1 99  ARG n 
1 100 ALA n 
1 101 CYS n 
1 102 ALA n 
1 103 LEU n 
1 104 ARG n 
1 105 ASP n 
1 106 THR n 
1 107 ALA n 
1 108 TYR n 
1 109 ALA n 
1 110 ILE n 
1 111 ILE n 
1 112 LYS n 
1 113 GLU n 
1 114 GLU n 
1 115 LEU n 
1 116 ASP n 
1 117 GLU n 
1 118 ASP n 
1 119 PHE n 
1 120 GLU n 
1 121 GLN n 
1 122 LEU n 
1 123 CYS n 
1 124 GLU n 
1 125 GLU n 
1 126 ILE n 
1 127 GLN n 
1 128 GLU n 
1 129 SER n 
1 130 ARG n 
# 
_entity_src_gen.entity_id                          1 
_entity_src_gen.pdbx_src_id                        1 
_entity_src_gen.pdbx_alt_source_flag               sample 
_entity_src_gen.pdbx_seq_type                      'Biological sequence' 
_entity_src_gen.pdbx_beg_seq_num                   1 
_entity_src_gen.pdbx_end_seq_num                   130 
_entity_src_gen.gene_src_common_name               Human 
_entity_src_gen.gene_src_genus                     ? 
_entity_src_gen.pdbx_gene_src_gene                 'ATAD2, L16, PRO2000' 
_entity_src_gen.gene_src_species                   ? 
_entity_src_gen.gene_src_strain                    ? 
_entity_src_gen.gene_src_tissue                    ? 
_entity_src_gen.gene_src_tissue_fraction           ? 
_entity_src_gen.gene_src_details                   ? 
_entity_src_gen.pdbx_gene_src_fragment             ? 
_entity_src_gen.pdbx_gene_src_scientific_name      'Homo sapiens' 
_entity_src_gen.pdbx_gene_src_ncbi_taxonomy_id     9606 
_entity_src_gen.pdbx_gene_src_variant              ? 
_entity_src_gen.pdbx_gene_src_cell_line            ? 
_entity_src_gen.pdbx_gene_src_atcc                 ? 
_entity_src_gen.pdbx_gene_src_organ                ? 
_entity_src_gen.pdbx_gene_src_organelle            ? 
_entity_src_gen.pdbx_gene_src_cell                 ? 
_entity_src_gen.pdbx_gene_src_cellular_location    ? 
_entity_src_gen.host_org_common_name               ? 
_entity_src_gen.pdbx_host_org_scientific_name      'Escherichia coli' 
_entity_src_gen.pdbx_host_org_ncbi_taxonomy_id     562 
_entity_src_gen.host_org_genus                     ? 
_entity_src_gen.pdbx_host_org_gene                 ? 
_entity_src_gen.pdbx_host_org_organ                ? 
_entity_src_gen.host_org_species                   ? 
_entity_src_gen.pdbx_host_org_tissue               ? 
_entity_src_gen.pdbx_host_org_tissue_fraction      ? 
_entity_src_gen.pdbx_host_org_strain               ? 
_entity_src_gen.pdbx_host_org_variant              ? 
_entity_src_gen.pdbx_host_org_cell_line            ? 
_entity_src_gen.pdbx_host_org_atcc                 ? 
_entity_src_gen.pdbx_host_org_culture_collection   ? 
_entity_src_gen.pdbx_host_org_cell                 ? 
_entity_src_gen.pdbx_host_org_organelle            ? 
_entity_src_gen.pdbx_host_org_cellular_location    ? 
_entity_src_gen.pdbx_host_org_vector_type          ? 
_entity_src_gen.pdbx_host_org_vector               ? 
_entity_src_gen.host_org_details                   ? 
_entity_src_gen.expression_system_id               ? 
_entity_src_gen.plasmid_name                       ? 
_entity_src_gen.plasmid_details                    ? 
_entity_src_gen.pdbx_description                   ? 
# 
loop_
_chem_comp.id 
_chem_comp.type 
_chem_comp.mon_nstd_flag 
_chem_comp.name 
_chem_comp.pdbx_synonyms 
_chem_comp.formula 
_chem_comp.formula_weight 
ALA 'L-peptide linking' y ALANINE ?                 'C3 H7 N O2'         89.093  
ARG 'L-peptide linking' y ARGININE ?                 'C6 H15 N4 O2 1'     175.209 
ASN 'L-peptide linking' y ASPARAGINE ?                 'C4 H8 N2 O3'        132.118 
ASP 'L-peptide linking' y 'ASPARTIC ACID' ?                 'C4 H7 N O4'         133.103 
CYS 'L-peptide linking' y CYSTEINE ?                 'C3 H7 N O2 S'       121.158 
EDO non-polymer         . 1,2-ETHANEDIOL 'ETHYLENE GLYCOL' 'C2 H6 O2'           62.068  
GLN 'L-peptide linking' y GLUTAMINE ?                 'C5 H10 N2 O3'       146.144 
GLU 'L-peptide linking' y 'GLUTAMIC ACID' ?                 'C5 H9 N O4'         147.129 
GLY 'peptide linking'   y GLYCINE ?                 'C2 H5 N O2'         75.067  
HIS 'L-peptide linking' y HISTIDINE ?                 'C6 H10 N3 O2 1'     156.162 
HOH non-polymer         . WATER ?                 'H2 O'               18.015  
ILE 'L-peptide linking' y ISOLEUCINE ?                 'C6 H13 N O2'        131.173 
LEU 'L-peptide linking' y LEUCINE ?                 'C6 H13 N O2'        131.173 
LYS 'L-peptide linking' y LYSINE ?                 'C6 H15 N2 O2 1'     147.195 
MET 'L-peptide linking' y METHIONINE ?                 'C5 H11 N O2 S'      149.211 
OJH non-polymer         . 
;~{N}-[4-bromanyl-3-[(3~{S})-3-methylpyrrolidin-1-yl]sulfonyl-phenyl]-2-[(4~{R})-4-cyclopropyl-4-methyl-2,5-bis(oxidanylidene)imidazolidin-1-yl]ethanamide
;
?                 'C20 H25 Br N4 O5 S' 513.405 
PHE 'L-peptide linking' y PHENYLALANINE ?                 'C9 H11 N O2'        165.189 
PRO 'L-peptide linking' y PROLINE ?                 'C5 H9 N O2'         115.130 
SER 'L-peptide linking' y SERINE ?                 'C3 H7 N O3'         105.093 
SO4 non-polymer         . 'SULFATE ION' ?                 'O4 S -2'            96.063  
THR 'L-peptide linking' y THREONINE ?                 'C4 H9 N O3'         119.119 
TYR 'L-peptide linking' y TYROSINE ?                 'C9 H11 N O3'        181.189 
VAL 'L-peptide linking' y VALINE ?                 'C5 H11 N O2'        117.146 
# 
loop_
_pdbx_poly_seq_scheme.asym_id 
_pdbx_poly_seq_scheme.entity_id 
_pdbx_poly_seq_scheme.seq_id 
_pdbx_poly_seq_scheme.mon_id 
_pdbx_poly_seq_scheme.ndb_seq_num 
_pdbx_poly_seq_scheme.pdb_seq_num 
_pdbx_poly_seq_scheme.auth_seq_num 
_pdbx_poly_seq_scheme.pdb_mon_id 
_pdbx_poly_seq_scheme.auth_mon_id 
_pdbx_poly_seq_scheme.pdb_strand_id 
_pdbx_poly_seq_scheme.pdb_ins_code 
_pdbx_poly_seq_scheme.hetero 
A 1 1   SER 1   979  979  SER SER AAA . n 
A 1 2   MET 2   980  980  MET MET AAA . n 
A 1 3   GLN 3   981  981  GLN GLN AAA . n 
A 1 4   GLU 4   982  982  GLU GLU AAA . n 
A 1 5   GLU 5   983  983  GLU GLU AAA . n 
A 1 6   ASP 6   984  984  ASP ASP AAA . n 
A 1 7   THR 7   985  985  THR THR AAA . n 
A 1 8   PHE 8   986  986  PHE PHE AAA . n 
A 1 9   ARG 9   987  987  ARG ARG AAA . n 
A 1 10  GLU 10  988  988  GLU GLU AAA . n 
A 1 11  LEU 11  989  989  LEU LEU AAA . n 
A 1 12  ARG 12  990  990  ARG ARG AAA . n 
A 1 13  ILE 13  991  991  ILE ILE AAA . n 
A 1 14  PHE 14  992  992  PHE PHE AAA . n 
A 1 15  LEU 15  993  993  LEU LEU AAA . n 
A 1 16  ARG 16  994  994  ARG ARG AAA . n 
A 1 17  ASN 17  995  995  ASN ASN AAA . n 
A 1 18  VAL 18  996  996  VAL VAL AAA . n 
A 1 19  THR 19  997  997  THR THR AAA . n 
A 1 20  HIS 20  998  998  HIS HIS AAA . n 
A 1 21  ARG 21  999  999  ARG ARG AAA . n 
A 1 22  LEU 22  1000 1000 LEU LEU AAA . n 
A 1 23  ALA 23  1001 1001 ALA ALA AAA . n 
A 1 24  ILE 24  1002 1002 ILE ILE AAA . n 
A 1 25  ASP 25  1003 1003 ASP ASP AAA . n 
A 1 26  LYS 26  1004 1004 LYS LYS AAA . n 
A 1 27  ARG 27  1005 1005 ARG ARG AAA . n 
A 1 28  PHE 28  1006 1006 PHE PHE AAA . n 
A 1 29  ARG 29  1007 1007 ARG ARG AAA . n 
A 1 30  VAL 30  1008 1008 VAL VAL AAA . n 
A 1 31  PHE 31  1009 1009 PHE PHE AAA . n 
A 1 32  THR 32  1010 1010 THR THR AAA . n 
A 1 33  LYS 33  1011 1011 LYS LYS AAA . n 
A 1 34  PRO 34  1012 1012 PRO PRO AAA . n 
A 1 35  VAL 35  1013 1013 VAL VAL AAA . n 
A 1 36  ASP 36  1014 1014 ASP ASP AAA . n 
A 1 37  PRO 37  1015 1015 PRO PRO AAA . n 
A 1 38  ASP 38  1016 1016 ASP ASP AAA . n 
A 1 39  GLU 39  1017 1017 GLU GLU AAA . n 
A 1 40  VAL 40  1018 1018 VAL VAL AAA . n 
A 1 41  PRO 41  1019 1019 PRO PRO AAA . n 
A 1 42  ASP 42  1020 1020 ASP ASP AAA . n 
A 1 43  TYR 43  1021 1021 TYR TYR AAA . n 
A 1 44  VAL 44  1022 1022 VAL VAL AAA . n 
A 1 45  THR 45  1023 1023 THR THR AAA . n 
A 1 46  VAL 46  1024 1024 VAL VAL AAA . n 
A 1 47  ILE 47  1025 1025 ILE ILE AAA . n 
A 1 48  LYS 48  1026 1026 LYS LYS AAA . n 
A 1 49  GLN 49  1027 1027 GLN GLN AAA . n 
A 1 50  PRO 50  1028 1028 PRO PRO AAA . n 
A 1 51  MET 51  1029 1029 MET MET AAA . n 
A 1 52  ASP 52  1030 1030 ASP ASP AAA . n 
A 1 53  LEU 53  1031 1031 LEU LEU AAA . n 
A 1 54  SER 54  1032 1032 SER SER AAA . n 
A 1 55  SER 55  1033 1033 SER SER AAA . n 
A 1 56  VAL 56  1034 1034 VAL VAL AAA . n 
A 1 57  ILE 57  1035 1035 ILE ILE AAA . n 
A 1 58  SER 58  1036 1036 SER SER AAA . n 
A 1 59  LYS 59  1037 1037 LYS LYS AAA . n 
A 1 60  ILE 60  1038 1038 ILE ILE AAA . n 
A 1 61  ASP 61  1039 1039 ASP ASP AAA . n 
A 1 62  LEU 62  1040 1040 LEU LEU AAA . n 
A 1 63  HIS 63  1041 1041 HIS HIS AAA . n 
A 1 64  LYS 64  1042 1042 LYS LYS AAA . n 
A 1 65  TYR 65  1043 1043 TYR TYR AAA . n 
A 1 66  LEU 66  1044 1044 LEU LEU AAA . n 
A 1 67  THR 67  1045 1045 THR THR AAA . n 
A 1 68  VAL 68  1046 1046 VAL VAL AAA . n 
A 1 69  LYS 69  1047 1047 LYS LYS AAA . n 
A 1 70  ASP 70  1048 1048 ASP ASP AAA . n 
A 1 71  TYR 71  1049 1049 TYR TYR AAA . n 
A 1 72  LEU 72  1050 1050 LEU LEU AAA . n 
A 1 73  ARG 73  1051 1051 ARG ARG AAA . n 
A 1 74  ASP 74  1052 1052 ASP ASP AAA . n 
A 1 75  ILE 75  1053 1053 ILE ILE AAA . n 
A 1 76  ASP 76  1054 1054 ASP ASP AAA . n 
A 1 77  LEU 77  1055 1055 LEU LEU AAA . n 
A 1 78  ILE 78  1056 1056 ILE ILE AAA . n 
A 1 79  CYS 79  1057 1057 CYS CYS AAA . n 
A 1 80  SER 80  1058 1058 SER SER AAA . n 
A 1 81  ASN 81  1059 1059 ASN ASN AAA . n 
A 1 82  ALA 82  1060 1060 ALA ALA AAA . n 
A 1 83  LEU 83  1061 1061 LEU LEU AAA . n 
A 1 84  GLU 84  1062 1062 GLU GLU AAA . n 
A 1 85  TYR 85  1063 1063 TYR TYR AAA . n 
A 1 86  ASN 86  1064 1064 ASN ASN AAA . n 
A 1 87  PRO 87  1065 1065 PRO PRO AAA . n 
A 1 88  ASP 88  1066 1066 ASP ASP AAA . n 
A 1 89  ARG 89  1067 1067 ARG ARG AAA . n 
A 1 90  ASP 90  1068 1068 ASP ASP AAA . n 
A 1 91  PRO 91  1069 1069 PRO PRO AAA . n 
A 1 92  GLY 92  1070 1070 GLY GLY AAA . n 
A 1 93  ASP 93  1071 1071 ASP ASP AAA . n 
A 1 94  ARG 94  1072 1072 ARG ARG AAA . n 
A 1 95  LEU 95  1073 1073 LEU LEU AAA . n 
A 1 96  ILE 96  1074 1074 ILE ILE AAA . n 
A 1 97  ARG 97  1075 1075 ARG ARG AAA . n 
A 1 98  HIS 98  1076 1076 HIS HIS AAA . n 
A 1 99  ARG 99  1077 1077 ARG ARG AAA . n 
A 1 100 ALA 100 1078 1078 ALA ALA AAA . n 
A 1 101 CYS 101 1079 1079 CYS CYS AAA . n 
A 1 102 ALA 102 1080 1080 ALA ALA AAA . n 
A 1 103 LEU 103 1081 1081 LEU LEU AAA . n 
A 1 104 ARG 104 1082 1082 ARG ARG AAA . n 
A 1 105 ASP 105 1083 1083 ASP ASP AAA . n 
A 1 106 THR 106 1084 1084 THR THR AAA . n 
A 1 107 ALA 107 1085 1085 ALA ALA AAA . n 
A 1 108 TYR 108 1086 1086 TYR TYR AAA . n 
A 1 109 ALA 109 1087 1087 ALA ALA AAA . n 
A 1 110 ILE 110 1088 1088 ILE ILE AAA . n 
A 1 111 ILE 111 1089 1089 ILE ILE AAA . n 
A 1 112 LYS 112 1090 1090 LYS LYS AAA . n 
A 1 113 GLU 113 1091 1091 GLU GLU AAA . n 
A 1 114 GLU 114 1092 1092 GLU GLU AAA . n 
A 1 115 LEU 115 1093 1093 LEU LEU AAA . n 
A 1 116 ASP 116 1094 1094 ASP ASP AAA . n 
A 1 117 GLU 117 1095 1095 GLU GLU AAA . n 
A 1 118 ASP 118 1096 1096 ASP ASP AAA . n 
A 1 119 PHE 119 1097 1097 PHE PHE AAA . n 
A 1 120 GLU 120 1098 1098 GLU GLU AAA . n 
A 1 121 GLN 121 1099 1099 GLN GLN AAA . n 
A 1 122 LEU 122 1100 1100 LEU LEU AAA . n 
A 1 123 CYS 123 1101 1101 CYS CYS AAA . n 
A 1 124 GLU 124 1102 1102 GLU GLU AAA . n 
A 1 125 GLU 125 1103 1103 GLU GLU AAA . n 
A 1 126 ILE 126 1104 1104 ILE ILE AAA . n 
A 1 127 GLN 127 1105 1105 GLN GLN AAA . n 
A 1 128 GLU 128 1106 1106 GLU GLU AAA . n 
A 1 129 SER 129 1107 1107 SER SER AAA . n 
A 1 130 ARG 130 1108 1108 ARG ARG AAA . n 
# 
loop_
_pdbx_nonpoly_scheme.asym_id 
_pdbx_nonpoly_scheme.entity_id 
_pdbx_nonpoly_scheme.mon_id 
_pdbx_nonpoly_scheme.ndb_seq_num 
_pdbx_nonpoly_scheme.pdb_seq_num 
_pdbx_nonpoly_scheme.auth_seq_num 
_pdbx_nonpoly_scheme.pdb_mon_id 
_pdbx_nonpoly_scheme.auth_mon_id 
_pdbx_nonpoly_scheme.pdb_strand_id 
_pdbx_nonpoly_scheme.pdb_ins_code 
B 2 SO4 1   1201 1   SO4 SO4 AAA . 
C 2 SO4 1   1202 2   SO4 SO4 AAA . 
D 3 EDO 1   1203 1   EDO EDO AAA . 
E 3 EDO 1   1204 2   EDO EDO AAA . 
F 3 EDO 1   1205 3   EDO EDO AAA . 
G 4 OJH 1   1206 1   OJH LIG AAA . 
H 5 HOH 1   1301 149 HOH HOH AAA . 
H 5 HOH 2   1302 185 HOH HOH AAA . 
H 5 HOH 3   1303 191 HOH HOH AAA . 
H 5 HOH 4   1304 219 HOH HOH AAA . 
H 5 HOH 5   1305 150 HOH HOH AAA . 
H 5 HOH 6   1306 85  HOH HOH AAA . 
H 5 HOH 7   1307 174 HOH HOH AAA . 
H 5 HOH 8   1308 218 HOH HOH AAA . 
H 5 HOH 9   1309 127 HOH HOH AAA . 
H 5 HOH 10  1310 26  HOH HOH AAA . 
H 5 HOH 11  1311 86  HOH HOH AAA . 
H 5 HOH 12  1312 52  HOH HOH AAA . 
H 5 HOH 13  1313 205 HOH HOH AAA . 
H 5 HOH 14  1314 88  HOH HOH AAA . 
H 5 HOH 15  1315 221 HOH HOH AAA . 
H 5 HOH 16  1316 215 HOH HOH AAA . 
H 5 HOH 17  1317 19  HOH HOH AAA . 
H 5 HOH 18  1318 14  HOH HOH AAA . 
H 5 HOH 19  1319 69  HOH HOH AAA . 
H 5 HOH 20  1320 186 HOH HOH AAA . 
H 5 HOH 21  1321 222 HOH HOH AAA . 
H 5 HOH 22  1322 51  HOH HOH AAA . 
H 5 HOH 23  1323 89  HOH HOH AAA . 
H 5 HOH 24  1324 60  HOH HOH AAA . 
H 5 HOH 25  1325 120 HOH HOH AAA . 
H 5 HOH 26  1326 11  HOH HOH AAA . 
H 5 HOH 27  1327 58  HOH HOH AAA . 
H 5 HOH 28  1328 40  HOH HOH AAA . 
H 5 HOH 29  1329 93  HOH HOH AAA . 
H 5 HOH 30  1330 42  HOH HOH AAA . 
H 5 HOH 31  1331 160 HOH HOH AAA . 
H 5 HOH 32  1332 64  HOH HOH AAA . 
H 5 HOH 33  1333 122 HOH HOH AAA . 
H 5 HOH 34  1334 5   HOH HOH AAA . 
H 5 HOH 35  1335 102 HOH HOH AAA . 
H 5 HOH 36  1336 151 HOH HOH AAA . 
H 5 HOH 37  1337 136 HOH HOH AAA . 
H 5 HOH 38  1338 91  HOH HOH AAA . 
H 5 HOH 39  1339 176 HOH HOH AAA . 
H 5 HOH 40  1340 220 HOH HOH AAA . 
H 5 HOH 41  1341 156 HOH HOH AAA . 
H 5 HOH 42  1342 184 HOH HOH AAA . 
H 5 HOH 43  1343 124 HOH HOH AAA . 
H 5 HOH 44  1344 214 HOH HOH AAA . 
H 5 HOH 45  1345 32  HOH HOH AAA . 
H 5 HOH 46  1346 96  HOH HOH AAA . 
H 5 HOH 47  1347 82  HOH HOH AAA . 
H 5 HOH 48  1348 70  HOH HOH AAA . 
H 5 HOH 49  1349 134 HOH HOH AAA . 
H 5 HOH 50  1350 123 HOH HOH AAA . 
H 5 HOH 51  1351 38  HOH HOH AAA . 
H 5 HOH 52  1352 188 HOH HOH AAA . 
H 5 HOH 53  1353 22  HOH HOH AAA . 
H 5 HOH 54  1354 168 HOH HOH AAA . 
H 5 HOH 55  1355 198 HOH HOH AAA . 
H 5 HOH 56  1356 80  HOH HOH AAA . 
H 5 HOH 57  1357 112 HOH HOH AAA . 
H 5 HOH 58  1358 68  HOH HOH AAA . 
H 5 HOH 59  1359 217 HOH HOH AAA . 
H 5 HOH 60  1360 20  HOH HOH AAA . 
H 5 HOH 61  1361 3   HOH HOH AAA . 
H 5 HOH 62  1362 104 HOH HOH AAA . 
H 5 HOH 63  1363 187 HOH HOH AAA . 
H 5 HOH 64  1364 36  HOH HOH AAA . 
H 5 HOH 65  1365 27  HOH HOH AAA . 
H 5 HOH 66  1366 108 HOH HOH AAA . 
H 5 HOH 67  1367 148 HOH HOH AAA . 
H 5 HOH 68  1368 175 HOH HOH AAA . 
H 5 HOH 69  1369 138 HOH HOH AAA . 
H 5 HOH 70  1370 2   HOH HOH AAA . 
H 5 HOH 71  1371 78  HOH HOH AAA . 
H 5 HOH 72  1372 183 HOH HOH AAA . 
H 5 HOH 73  1373 43  HOH HOH AAA . 
H 5 HOH 74  1374 9   HOH HOH AAA . 
H 5 HOH 75  1375 115 HOH HOH AAA . 
H 5 HOH 76  1376 65  HOH HOH AAA . 
H 5 HOH 77  1377 208 HOH HOH AAA . 
H 5 HOH 78  1378 4   HOH HOH AAA . 
H 5 HOH 79  1379 23  HOH HOH AAA . 
H 5 HOH 80  1380 10  HOH HOH AAA . 
H 5 HOH 81  1381 6   HOH HOH AAA . 
H 5 HOH 82  1382 155 HOH HOH AAA . 
H 5 HOH 83  1383 128 HOH HOH AAA . 
H 5 HOH 84  1384 25  HOH HOH AAA . 
H 5 HOH 85  1385 189 HOH HOH AAA . 
H 5 HOH 86  1386 170 HOH HOH AAA . 
H 5 HOH 87  1387 117 HOH HOH AAA . 
H 5 HOH 88  1388 39  HOH HOH AAA . 
H 5 HOH 89  1389 143 HOH HOH AAA . 
H 5 HOH 90  1390 204 HOH HOH AAA . 
H 5 HOH 91  1391 50  HOH HOH AAA . 
H 5 HOH 92  1392 56  HOH HOH AAA . 
H 5 HOH 93  1393 135 HOH HOH AAA . 
H 5 HOH 94  1394 62  HOH HOH AAA . 
H 5 HOH 95  1395 105 HOH HOH AAA . 
H 5 HOH 96  1396 196 HOH HOH AAA . 
H 5 HOH 97  1397 146 HOH HOH AAA . 
H 5 HOH 98  1398 167 HOH HOH AAA . 
H 5 HOH 99  1399 47  HOH HOH AAA . 
H 5 HOH 100 1400 195 HOH HOH AAA . 
H 5 HOH 101 1401 15  HOH HOH AAA . 
H 5 HOH 102 1402 55  HOH HOH AAA . 
H 5 HOH 103 1403 29  HOH HOH AAA . 
H 5 HOH 104 1404 177 HOH HOH AAA . 
H 5 HOH 105 1405 141 HOH HOH AAA . 
H 5 HOH 106 1406 30  HOH HOH AAA . 
H 5 HOH 107 1407 98  HOH HOH AAA . 
H 5 HOH 108 1408 190 HOH HOH AAA . 
H 5 HOH 109 1409 71  HOH HOH AAA . 
H 5 HOH 110 1410 125 HOH HOH AAA . 
H 5 HOH 111 1411 75  HOH HOH AAA . 
H 5 HOH 112 1412 59  HOH HOH AAA . 
H 5 HOH 113 1413 1   HOH HOH AAA . 
H 5 HOH 114 1414 41  HOH HOH AAA . 
H 5 HOH 115 1415 8   HOH HOH AAA . 
H 5 HOH 116 1416 17  HOH HOH AAA . 
H 5 HOH 117 1417 109 HOH HOH AAA . 
H 5 HOH 118 1418 61  HOH HOH AAA . 
H 5 HOH 119 1419 165 HOH HOH AAA . 
H 5 HOH 120 1420 210 HOH HOH AAA . 
H 5 HOH 121 1421 18  HOH HOH AAA . 
H 5 HOH 122 1422 144 HOH HOH AAA . 
H 5 HOH 123 1423 164 HOH HOH AAA . 
H 5 HOH 124 1424 173 HOH HOH AAA . 
H 5 HOH 125 1425 114 HOH HOH AAA . 
H 5 HOH 126 1426 13  HOH HOH AAA . 
H 5 HOH 127 1427 99  HOH HOH AAA . 
H 5 HOH 128 1428 213 HOH HOH AAA . 
H 5 HOH 129 1429 31  HOH HOH AAA . 
H 5 HOH 130 1430 110 HOH HOH AAA . 
H 5 HOH 131 1431 66  HOH HOH AAA . 
H 5 HOH 132 1432 21  HOH HOH AAA . 
H 5 HOH 133 1433 179 HOH HOH AAA . 
H 5 HOH 134 1434 76  HOH HOH AAA . 
H 5 HOH 135 1435 126 HOH HOH AAA . 
H 5 HOH 136 1436 28  HOH HOH AAA . 
H 5 HOH 137 1437 166 HOH HOH AAA . 
H 5 HOH 138 1438 172 HOH HOH AAA . 
H 5 HOH 139 1439 77  HOH HOH AAA . 
H 5 HOH 140 1440 92  HOH HOH AAA . 
H 5 HOH 141 1441 103 HOH HOH AAA . 
H 5 HOH 142 1442 139 HOH HOH AAA . 
H 5 HOH 143 1443 72  HOH HOH AAA . 
H 5 HOH 144 1444 111 HOH HOH AAA . 
H 5 HOH 145 1445 171 HOH HOH AAA . 
H 5 HOH 146 1446 73  HOH HOH AAA . 
H 5 HOH 147 1447 95  HOH HOH AAA . 
H 5 HOH 148 1448 83  HOH HOH AAA . 
H 5 HOH 149 1449 107 HOH HOH AAA . 
H 5 HOH 150 1450 79  HOH HOH AAA . 
H 5 HOH 151 1451 192 HOH HOH AAA . 
H 5 HOH 152 1452 142 HOH HOH AAA . 
H 5 HOH 153 1453 116 HOH HOH AAA . 
H 5 HOH 154 1454 74  HOH HOH AAA . 
H 5 HOH 155 1455 209 HOH HOH AAA . 
H 5 HOH 156 1456 145 HOH HOH AAA . 
H 5 HOH 157 1457 119 HOH HOH AAA . 
H 5 HOH 158 1458 16  HOH HOH AAA . 
H 5 HOH 159 1459 48  HOH HOH AAA . 
H 5 HOH 160 1460 35  HOH HOH AAA . 
H 5 HOH 161 1461 203 HOH HOH AAA . 
H 5 HOH 162 1462 197 HOH HOH AAA . 
H 5 HOH 163 1463 118 HOH HOH AAA . 
H 5 HOH 164 1464 12  HOH HOH AAA . 
H 5 HOH 165 1465 37  HOH HOH AAA . 
H 5 HOH 166 1466 216 HOH HOH AAA . 
H 5 HOH 167 1467 94  HOH HOH AAA . 
H 5 HOH 168 1468 106 HOH HOH AAA . 
H 5 HOH 169 1469 33  HOH HOH AAA . 
H 5 HOH 170 1470 201 HOH HOH AAA . 
H 5 HOH 171 1471 207 HOH HOH AAA . 
H 5 HOH 172 1472 157 HOH HOH AAA . 
H 5 HOH 173 1473 133 HOH HOH AAA . 
H 5 HOH 174 1474 182 HOH HOH AAA . 
H 5 HOH 175 1475 81  HOH HOH AAA . 
H 5 HOH 176 1476 57  HOH HOH AAA . 
H 5 HOH 177 1477 129 HOH HOH AAA . 
H 5 HOH 178 1478 200 HOH HOH AAA . 
H 5 HOH 179 1479 100 HOH HOH AAA . 
H 5 HOH 180 1480 44  HOH HOH AAA . 
H 5 HOH 181 1481 152 HOH HOH AAA . 
H 5 HOH 182 1482 194 HOH HOH AAA . 
H 5 HOH 183 1483 54  HOH HOH AAA . 
H 5 HOH 184 1484 53  HOH HOH AAA . 
H 5 HOH 185 1485 67  HOH HOH AAA . 
H 5 HOH 186 1486 113 HOH HOH AAA . 
H 5 HOH 187 1487 87  HOH HOH AAA . 
H 5 HOH 188 1488 63  HOH HOH AAA . 
H 5 HOH 189 1489 212 HOH HOH AAA . 
H 5 HOH 190 1490 202 HOH HOH AAA . 
H 5 HOH 191 1491 7   HOH HOH AAA . 
H 5 HOH 192 1492 46  HOH HOH AAA . 
H 5 HOH 193 1493 132 HOH HOH AAA . 
H 5 HOH 194 1494 137 HOH HOH AAA . 
H 5 HOH 195 1495 147 HOH HOH AAA . 
H 5 HOH 196 1496 140 HOH HOH AAA . 
H 5 HOH 197 1497 161 HOH HOH AAA . 
H 5 HOH 198 1498 97  HOH HOH AAA . 
H 5 HOH 199 1499 180 HOH HOH AAA . 
H 5 HOH 200 1500 49  HOH HOH AAA . 
H 5 HOH 201 1501 84  HOH HOH AAA . 
H 5 HOH 202 1502 153 HOH HOH AAA . 
H 5 HOH 203 1503 121 HOH HOH AAA . 
H 5 HOH 204 1504 34  HOH HOH AAA . 
H 5 HOH 205 1505 45  HOH HOH AAA . 
H 5 HOH 206 1506 199 HOH HOH AAA . 
H 5 HOH 207 1507 101 HOH HOH AAA . 
H 5 HOH 208 1508 162 HOH HOH AAA . 
H 5 HOH 209 1509 181 HOH HOH AAA . 
H 5 HOH 210 1510 193 HOH HOH AAA . 
H 5 HOH 211 1511 154 HOH HOH AAA . 
H 5 HOH 212 1512 169 HOH HOH AAA . 
H 5 HOH 213 1513 163 HOH HOH AAA . 
H 5 HOH 214 1514 158 HOH HOH AAA . 
H 5 HOH 215 1515 131 HOH HOH AAA . 
H 5 HOH 216 1516 206 HOH HOH AAA . 
H 5 HOH 217 1517 159 HOH HOH AAA . 
H 5 HOH 218 1518 24  HOH HOH AAA . 
H 5 HOH 219 1519 211 HOH HOH AAA . 
H 5 HOH 220 1520 130 HOH HOH AAA . 
H 5 HOH 221 1521 90  HOH HOH AAA . 
H 5 HOH 222 1522 178 HOH HOH AAA . 
# 
loop_
_software.citation_id 
_software.classification 
_software.compiler_name 
_software.compiler_version 
_software.contact_author 
_software.contact_author_email 
_software.date 
_software.description 
_software.dependencies 
_software.hardware 
_software.language 
_software.location 
_software.mods 
_software.name 
_software.os 
_software.os_version 
_software.type 
_software.version 
_software.pdbx_ordinal 
? refinement       ? ? ? ? ? ? ? ? ? ? ? REFMAC   ? ? ? 5.8.0253 1 
? 'data reduction' ? ? ? ? ? ? ? ? ? ? ? XDS      ? ? ? .        2 
? 'data scaling'   ? ? ? ? ? ? ? ? ? ? ? autoPROC ? ? ? .        3 
? 'data scaling'   ? ? ? ? ? ? ? ? ? ? ? Aimless  ? ? ? .        4 
# 
_cell.angle_alpha                  90.000 
_cell.angle_alpha_esd              ? 
_cell.angle_beta                   90.000 
_cell.angle_beta_esd               ? 
_cell.angle_gamma                  120.000 
_cell.angle_gamma_esd              ? 
_cell.entry_id                     6YB4 
_cell.details                      ? 
_cell.formula_units_Z              ? 
_cell.length_a                     79.407 
_cell.length_a_esd                 ? 
_cell.length_b                     79.407 
_cell.length_b_esd                 ? 
_cell.length_c                     137.969 
_cell.length_c_esd                 ? 
_cell.volume                       ? 
_cell.volume_esd                   ? 
_cell.Z_PDB                        12 
_cell.reciprocal_angle_alpha       ? 
_cell.reciprocal_angle_beta        ? 
_cell.reciprocal_angle_gamma       ? 
_cell.reciprocal_angle_alpha_esd   ? 
_cell.reciprocal_angle_beta_esd    ? 
_cell.reciprocal_angle_gamma_esd   ? 
_cell.reciprocal_length_a          ? 
_cell.reciprocal_length_b          ? 
_cell.reciprocal_length_c          ? 
_cell.reciprocal_length_a_esd      ? 
_cell.reciprocal_length_b_esd      ? 
_cell.reciprocal_length_c_esd      ? 
_cell.pdbx_unique_axis             ? 
# 
_symmetry.entry_id                         6YB4 
_symmetry.cell_setting                     ? 
_symmetry.Int_Tables_number                179 
_symmetry.space_group_name_Hall            ? 
_symmetry.space_group_name_H-M             'P 65 2 2' 
_symmetry.pdbx_full_space_group_name_H-M   ? 
# 
_exptl.absorpt_coefficient_mu     ? 
_exptl.absorpt_correction_T_max   ? 
_exptl.absorpt_correction_T_min   ? 
_exptl.absorpt_correction_type    ? 
_exptl.absorpt_process_details    ? 
_exptl.entry_id                   6YB4 
_exptl.crystals_number            1 
_exptl.details                    ? 
_exptl.method                     'X-RAY DIFFRACTION' 
_exptl.method_details             ? 
# 
_exptl_crystal.colour                      ? 
_exptl_crystal.density_diffrn              ? 
_exptl_crystal.density_Matthews            4.06 
_exptl_crystal.density_method              ? 
_exptl_crystal.density_percent_sol         69.73 
_exptl_crystal.description                 ? 
_exptl_crystal.F_000                       ? 
_exptl_crystal.id                          1 
_exptl_crystal.preparation                 ? 
_exptl_crystal.size_max                    ? 
_exptl_crystal.size_mid                    ? 
_exptl_crystal.size_min                    ? 
_exptl_crystal.size_rad                    ? 
_exptl_crystal.colour_lustre               ? 
_exptl_crystal.colour_modifier             ? 
_exptl_crystal.colour_primary              ? 
_exptl_crystal.density_meas                ? 
_exptl_crystal.density_meas_esd            ? 
_exptl_crystal.density_meas_gt             ? 
_exptl_crystal.density_meas_lt             ? 
_exptl_crystal.density_meas_temp           ? 
_exptl_crystal.density_meas_temp_esd       ? 
_exptl_crystal.density_meas_temp_gt        ? 
_exptl_crystal.density_meas_temp_lt        ? 
_exptl_crystal.pdbx_crystal_image_url      ? 
_exptl_crystal.pdbx_crystal_image_format   ? 
_exptl_crystal.pdbx_mosaicity              ? 
_exptl_crystal.pdbx_mosaicity_esd          ? 
# 
_exptl_crystal_grow.apparatus       ? 
_exptl_crystal_grow.atmosphere      ? 
_exptl_crystal_grow.crystal_id      1 
_exptl_crystal_grow.details         ? 
_exptl_crystal_grow.method          'VAPOR DIFFUSION, SITTING DROP' 
_exptl_crystal_grow.method_ref      ? 
_exptl_crystal_grow.pH              ? 
_exptl_crystal_grow.pressure        ? 
_exptl_crystal_grow.pressure_esd    ? 
_exptl_crystal_grow.seeding         ? 
_exptl_crystal_grow.seeding_ref     ? 
_exptl_crystal_grow.temp            277 
_exptl_crystal_grow.temp_details    ? 
_exptl_crystal_grow.temp_esd        ? 
_exptl_crystal_grow.time            ? 
_exptl_crystal_grow.pdbx_details    '0.1M trisHCl pH 7.0-8.0, 1.2-1.5M ammonium sulphate' 
_exptl_crystal_grow.pdbx_pH_range   ? 
# 
_diffrn.ambient_environment              ? 
_diffrn.ambient_temp                     100 
_diffrn.ambient_temp_details             ? 
_diffrn.ambient_temp_esd                 ? 
_diffrn.crystal_id                       1 
_diffrn.crystal_support                  ? 
_diffrn.crystal_treatment                ? 
_diffrn.details                          ? 
_diffrn.id                               1 
_diffrn.ambient_pressure                 ? 
_diffrn.ambient_pressure_esd             ? 
_diffrn.ambient_pressure_gt              ? 
_diffrn.ambient_pressure_lt              ? 
_diffrn.ambient_temp_gt                  ? 
_diffrn.ambient_temp_lt                  ? 
_diffrn.pdbx_serial_crystal_experiment   N 
# 
_diffrn_detector.details                      ? 
_diffrn_detector.detector                     PIXEL 
_diffrn_detector.diffrn_id                    1 
_diffrn_detector.type                         'DECTRIS PILATUS 6M-F' 
_diffrn_detector.area_resol_mean              ? 
_diffrn_detector.dtime                        ? 
_diffrn_detector.pdbx_frames_total            ? 
_diffrn_detector.pdbx_collection_time_total   ? 
_diffrn_detector.pdbx_collection_date         2017-01-19 
_diffrn_detector.pdbx_frequency               ? 
# 
_diffrn_radiation.collimation                      ? 
_diffrn_radiation.diffrn_id                        1 
_diffrn_radiation.filter_edge                      ? 
_diffrn_radiation.inhomogeneity                    ? 
_diffrn_radiation.monochromator                    ? 
_diffrn_radiation.polarisn_norm                    ? 
_diffrn_radiation.polarisn_ratio                   ? 
_diffrn_radiation.probe                            ? 
_diffrn_radiation.type                             ? 
_diffrn_radiation.xray_symbol                      ? 
_diffrn_radiation.wavelength_id                    1 
_diffrn_radiation.pdbx_monochromatic_or_laue_m_l   M 
_diffrn_radiation.pdbx_wavelength_list             ? 
_diffrn_radiation.pdbx_wavelength                  ? 
_diffrn_radiation.pdbx_diffrn_protocol             'SINGLE WAVELENGTH' 
_diffrn_radiation.pdbx_analyzer                    ? 
_diffrn_radiation.pdbx_scattering_type             x-ray 
# 
_diffrn_radiation_wavelength.id           1 
_diffrn_radiation_wavelength.wavelength   0.97950 
_diffrn_radiation_wavelength.wt           1.0 
# 
_diffrn_source.current                     ? 
_diffrn_source.details                     ? 
_diffrn_source.diffrn_id                   1 
_diffrn_source.power                       ? 
_diffrn_source.size                        ? 
_diffrn_source.source                      SYNCHROTRON 
_diffrn_source.target                      ? 
_diffrn_source.type                        'DIAMOND BEAMLINE I04' 
_diffrn_source.voltage                     ? 
_diffrn_source.take-off_angle              ? 
_diffrn_source.pdbx_wavelength_list        0.97950 
_diffrn_source.pdbx_wavelength             ? 
_diffrn_source.pdbx_synchrotron_beamline   I04 
_diffrn_source.pdbx_synchrotron_site       Diamond 
# 
_reflns.B_iso_Wilson_estimate            ? 
_reflns.entry_id                         6YB4 
_reflns.data_reduction_details           ? 
_reflns.data_reduction_method            ? 
_reflns.d_resolution_high                1.85 
_reflns.d_resolution_low                 68.77 
_reflns.details                          ? 
_reflns.limit_h_max                      ? 
_reflns.limit_h_min                      ? 
_reflns.limit_k_max                      ? 
_reflns.limit_k_min                      ? 
_reflns.limit_l_max                      ? 
_reflns.limit_l_min                      ? 
_reflns.number_all                       ? 
_reflns.number_obs                       22564 
_reflns.observed_criterion               ? 
_reflns.observed_criterion_F_max         ? 
_reflns.observed_criterion_F_min         ? 
_reflns.observed_criterion_I_max         ? 
_reflns.observed_criterion_I_min         ? 
_reflns.observed_criterion_sigma_F       ? 
_reflns.observed_criterion_sigma_I       ? 
_reflns.percent_possible_obs             99.2 
_reflns.R_free_details                   ? 
_reflns.Rmerge_F_all                     ? 
_reflns.Rmerge_F_obs                     ? 
_reflns.Friedel_coverage                 ? 
_reflns.number_gt                        ? 
_reflns.threshold_expression             ? 
_reflns.pdbx_redundancy                  18.9 
_reflns.pdbx_Rmerge_I_obs                0.062 
_reflns.pdbx_Rmerge_I_all                ? 
_reflns.pdbx_Rsym_value                  ? 
_reflns.pdbx_netI_over_av_sigmaI         ? 
_reflns.pdbx_netI_over_sigmaI            20.7 
_reflns.pdbx_res_netI_over_av_sigmaI_2   ? 
_reflns.pdbx_res_netI_over_sigmaI_2      ? 
_reflns.pdbx_chi_squared                 ? 
_reflns.pdbx_scaling_rejects             ? 
_reflns.pdbx_d_res_high_opt              ? 
_reflns.pdbx_d_res_low_opt               ? 
_reflns.pdbx_d_res_opt_method            ? 
_reflns.phase_calculation_details        ? 
_reflns.pdbx_Rrim_I_all                  ? 
_reflns.pdbx_Rpim_I_all                  ? 
_reflns.pdbx_d_opt                       ? 
_reflns.pdbx_number_measured_all         ? 
_reflns.pdbx_diffrn_id                   1 
_reflns.pdbx_ordinal                     1 
_reflns.pdbx_CC_half                     1.00 
_reflns.pdbx_CC_star                     ? 
_reflns.pdbx_R_split                     ? 
# 
_reflns_shell.d_res_high                  1.85 
_reflns_shell.d_res_low                   1.95 
_reflns_shell.meanI_over_sigI_all         ? 
_reflns_shell.meanI_over_sigI_obs         6.1 
_reflns_shell.number_measured_all         ? 
_reflns_shell.number_measured_obs         ? 
_reflns_shell.number_possible             ? 
_reflns_shell.number_unique_all           ? 
_reflns_shell.number_unique_obs           3215 
_reflns_shell.percent_possible_all        ? 
_reflns_shell.percent_possible_obs        ? 
_reflns_shell.Rmerge_F_all                ? 
_reflns_shell.Rmerge_F_obs                ? 
_reflns_shell.Rmerge_I_all                ? 
_reflns_shell.Rmerge_I_obs                0.508 
_reflns_shell.meanI_over_sigI_gt          ? 
_reflns_shell.meanI_over_uI_all           ? 
_reflns_shell.meanI_over_uI_gt            ? 
_reflns_shell.number_measured_gt          ? 
_reflns_shell.number_unique_gt            ? 
_reflns_shell.percent_possible_gt         ? 
_reflns_shell.Rmerge_F_gt                 ? 
_reflns_shell.Rmerge_I_gt                 ? 
_reflns_shell.pdbx_redundancy             ? 
_reflns_shell.pdbx_Rsym_value             ? 
_reflns_shell.pdbx_chi_squared            ? 
_reflns_shell.pdbx_netI_over_sigmaI_all   ? 
_reflns_shell.pdbx_netI_over_sigmaI_obs   ? 
_reflns_shell.pdbx_Rrim_I_all             ? 
_reflns_shell.pdbx_Rpim_I_all             ? 
_reflns_shell.pdbx_rejects                ? 
_reflns_shell.pdbx_ordinal                1 
_reflns_shell.pdbx_diffrn_id              1 
_reflns_shell.pdbx_CC_half                0.961 
_reflns_shell.pdbx_CC_star                ? 
_reflns_shell.pdbx_R_split                ? 
# 
_refine.aniso_B[1][1]                            0.141 
_refine.aniso_B[1][2]                            0.070 
_refine.aniso_B[1][3]                            -0.000 
_refine.aniso_B[2][2]                            0.141 
_refine.aniso_B[2][3]                            0.000 
_refine.aniso_B[3][3]                            -0.457 
_refine.B_iso_max                                ? 
_refine.B_iso_mean                               30.810 
_refine.B_iso_min                                ? 
_refine.correlation_coeff_Fo_to_Fc               0.954 
_refine.correlation_coeff_Fo_to_Fc_free          0.946 
_refine.details                                  'Hydrogens have been added in their riding positions' 
_refine.diff_density_max                         ? 
_refine.diff_density_max_esd                     ? 
_refine.diff_density_min                         ? 
_refine.diff_density_min_esd                     ? 
_refine.diff_density_rms                         ? 
_refine.diff_density_rms_esd                     ? 
_refine.entry_id                                 6YB4 
_refine.pdbx_refine_id                           'X-RAY DIFFRACTION' 
_refine.ls_abs_structure_details                 ? 
_refine.ls_abs_structure_Flack                   ? 
_refine.ls_abs_structure_Flack_esd               ? 
_refine.ls_abs_structure_Rogers                  ? 
_refine.ls_abs_structure_Rogers_esd              ? 
_refine.ls_d_res_high                            1.85 
_refine.ls_d_res_low                             68.768 
_refine.ls_extinction_coef                       ? 
_refine.ls_extinction_coef_esd                   ? 
_refine.ls_extinction_expression                 ? 
_refine.ls_extinction_method                     ? 
_refine.ls_goodness_of_fit_all                   ? 
_refine.ls_goodness_of_fit_all_esd               ? 
_refine.ls_goodness_of_fit_obs                   ? 
_refine.ls_goodness_of_fit_obs_esd               ? 
_refine.ls_hydrogen_treatment                    ? 
_refine.ls_matrix_type                           ? 
_refine.ls_number_constraints                    ? 
_refine.ls_number_parameters                     ? 
_refine.ls_number_reflns_all                     ? 
_refine.ls_number_reflns_obs                     22534 
_refine.ls_number_reflns_R_free                  1120 
_refine.ls_number_reflns_R_work                  ? 
_refine.ls_number_restraints                     ? 
_refine.ls_percent_reflns_obs                    99.194 
_refine.ls_percent_reflns_R_free                 4.970 
_refine.ls_R_factor_all                          0.191 
_refine.ls_R_factor_obs                          ? 
_refine.ls_R_factor_R_free                       0.2152 
_refine.ls_R_factor_R_free_error                 ? 
_refine.ls_R_factor_R_free_error_details         ? 
_refine.ls_R_factor_R_work                       0.1902 
_refine.ls_R_Fsqd_factor_obs                     ? 
_refine.ls_R_I_factor_obs                        ? 
_refine.ls_redundancy_reflns_all                 ? 
_refine.ls_redundancy_reflns_obs                 ? 
_refine.ls_restrained_S_all                      ? 
_refine.ls_restrained_S_obs                      ? 
_refine.ls_shift_over_esd_max                    ? 
_refine.ls_shift_over_esd_mean                   ? 
_refine.ls_structure_factor_coef                 ? 
_refine.ls_weighting_details                     ? 
_refine.ls_weighting_scheme                      ? 
_refine.ls_wR_factor_all                         ? 
_refine.ls_wR_factor_obs                         ? 
_refine.ls_wR_factor_R_free                      ? 
_refine.ls_wR_factor_R_work                      ? 
_refine.occupancy_max                            ? 
_refine.occupancy_min                            ? 
_refine.solvent_model_details                    ? 
_refine.solvent_model_param_bsol                 ? 
_refine.solvent_model_param_ksol                 ? 
_refine.pdbx_R_complete                          ? 
_refine.ls_R_factor_gt                           ? 
_refine.ls_goodness_of_fit_gt                    ? 
_refine.ls_goodness_of_fit_ref                   ? 
_refine.ls_shift_over_su_max                     ? 
_refine.ls_shift_over_su_max_lt                  ? 
_refine.ls_shift_over_su_mean                    ? 
_refine.ls_shift_over_su_mean_lt                 ? 
_refine.pdbx_ls_sigma_I                          ? 
_refine.pdbx_ls_sigma_F                          ? 
_refine.pdbx_ls_sigma_Fsqd                       ? 
_refine.pdbx_data_cutoff_high_absF               ? 
_refine.pdbx_data_cutoff_high_rms_absF           ? 
_refine.pdbx_data_cutoff_low_absF                ? 
_refine.pdbx_isotropic_thermal_model             ? 
_refine.pdbx_ls_cross_valid_method               'FREE R-VALUE' 
_refine.pdbx_method_to_determine_struct          'FOURIER SYNTHESIS' 
_refine.pdbx_starting_model                      ? 
_refine.pdbx_stereochemistry_target_values       ? 
_refine.pdbx_R_Free_selection_details            ? 
_refine.pdbx_stereochem_target_val_spec_case     ? 
_refine.pdbx_overall_ESU_R                       0.106 
_refine.pdbx_overall_ESU_R_Free                  0.104 
_refine.pdbx_solvent_vdw_probe_radii             1.200 
_refine.pdbx_solvent_ion_probe_radii             0.800 
_refine.pdbx_solvent_shrinkage_radii             0.800 
_refine.pdbx_real_space_R                        ? 
_refine.pdbx_density_correlation                 ? 
_refine.pdbx_pd_number_of_powder_patterns        ? 
_refine.pdbx_pd_number_of_points                 ? 
_refine.pdbx_pd_meas_number_of_points            ? 
_refine.pdbx_pd_proc_ls_prof_R_factor            ? 
_refine.pdbx_pd_proc_ls_prof_wR_factor           ? 
_refine.pdbx_pd_Marquardt_correlation_coeff      ? 
_refine.pdbx_pd_Fsqrd_R_factor                   ? 
_refine.pdbx_pd_ls_matrix_band_width             ? 
_refine.pdbx_overall_phase_error                 ? 
_refine.pdbx_overall_SU_R_free_Cruickshank_DPI   ? 
_refine.pdbx_overall_SU_R_free_Blow_DPI          ? 
_refine.pdbx_overall_SU_R_Blow_DPI               ? 
_refine.pdbx_TLS_residual_ADP_flag               ? 
_refine.pdbx_diffrn_id                           1 
_refine.overall_SU_B                             2.270 
_refine.overall_SU_ML                            0.069 
_refine.overall_SU_R_Cruickshank_DPI             ? 
_refine.overall_SU_R_free                        ? 
_refine.overall_FOM_free_R_set                   ? 
_refine.overall_FOM_work_R_set                   ? 
_refine.pdbx_average_fsc_overall                 ? 
_refine.pdbx_average_fsc_work                    ? 
_refine.pdbx_average_fsc_free                    ? 
# 
_refine_hist.pdbx_refine_id                   'X-RAY DIFFRACTION' 
_refine_hist.cycle_id                         LAST 
_refine_hist.pdbx_number_atoms_protein        1084 
_refine_hist.pdbx_number_atoms_nucleic_acid   0 
_refine_hist.pdbx_number_atoms_ligand         53 
_refine_hist.number_atoms_solvent             222 
_refine_hist.number_atoms_total               1359 
_refine_hist.d_res_high                       1.85 
_refine_hist.d_res_low                        68.768 
# 
loop_
_refine_ls_restr.pdbx_refine_id 
_refine_ls_restr.criterion 
_refine_ls_restr.dev_ideal 
_refine_ls_restr.dev_ideal_target 
_refine_ls_restr.number 
_refine_ls_restr.rejects 
_refine_ls_restr.type 
_refine_ls_restr.weight 
_refine_ls_restr.pdbx_restraint_function 
'X-RAY DIFFRACTION' ? 0.004  0.013  1192 ? r_bond_refined_d               ? ? 
'X-RAY DIFFRACTION' ? 0.001  0.017  1121 ? r_bond_other_d                 ? ? 
'X-RAY DIFFRACTION' ? 1.178  1.671  1618 ? r_angle_refined_deg            ? ? 
'X-RAY DIFFRACTION' ? 1.228  1.621  2599 ? r_angle_other_deg              ? ? 
'X-RAY DIFFRACTION' ? 4.427  5.000  137  ? r_dihedral_angle_1_deg         ? ? 
'X-RAY DIFFRACTION' ? 30.184 20.875 80   ? r_dihedral_angle_2_deg         ? ? 
'X-RAY DIFFRACTION' ? 13.759 15.000 220  ? r_dihedral_angle_3_deg         ? ? 
'X-RAY DIFFRACTION' ? 9.970  15.000 15   ? r_dihedral_angle_4_deg         ? ? 
'X-RAY DIFFRACTION' ? 0.059  0.200  155  ? r_chiral_restr                 ? ? 
'X-RAY DIFFRACTION' ? 0.004  0.020  1305 ? r_gen_planes_refined           ? ? 
'X-RAY DIFFRACTION' ? 0.001  0.020  259  ? r_gen_planes_other             ? ? 
'X-RAY DIFFRACTION' ? 0.188  0.200  251  ? r_nbd_refined                  ? ? 
'X-RAY DIFFRACTION' ? 0.171  0.200  1004 ? r_symmetry_nbd_other           ? ? 
'X-RAY DIFFRACTION' ? 0.157  0.200  562  ? r_nbtor_refined                ? ? 
'X-RAY DIFFRACTION' ? 0.079  0.200  465  ? r_symmetry_nbtor_other         ? ? 
'X-RAY DIFFRACTION' ? 0.208  0.200  169  ? r_xyhbond_nbd_refined          ? ? 
'X-RAY DIFFRACTION' ? 0.118  0.200  11   ? r_symmetry_nbd_refined         ? ? 
'X-RAY DIFFRACTION' ? 0.181  0.200  32   ? r_nbd_other                    ? ? 
'X-RAY DIFFRACTION' ? 0.200  0.200  23   ? r_symmetry_xyhbond_nbd_refined ? ? 
'X-RAY DIFFRACTION' ? 2.082  3.719  530  ? r_mcbond_it                    ? ? 
'X-RAY DIFFRACTION' ? 2.068  3.705  529  ? r_mcbond_other                 ? ? 
'X-RAY DIFFRACTION' ? 3.064  8.343  664  ? r_mcangle_it                   ? ? 
'X-RAY DIFFRACTION' ? 3.070  8.366  665  ? r_mcangle_other                ? ? 
'X-RAY DIFFRACTION' ? 3.680  4.446  662  ? r_scbond_it                    ? ? 
'X-RAY DIFFRACTION' ? 3.324  4.442  662  ? r_scbond_other                 ? ? 
'X-RAY DIFFRACTION' ? 5.868  9.667  948  ? r_scangle_it                   ? ? 
'X-RAY DIFFRACTION' ? 5.865  9.674  949  ? r_scangle_other                ? ? 
'X-RAY DIFFRACTION' ? 8.614  37.142 1444 ? r_lrange_it                    ? ? 
'X-RAY DIFFRACTION' ? 8.611  37.131 1445 ? r_lrange_other                 ? ? 
# 
loop_
_refine_ls_shell.pdbx_refine_id 
_refine_ls_shell.d_res_high 
_refine_ls_shell.d_res_low 
_refine_ls_shell.number_reflns_all 
_refine_ls_shell.number_reflns_obs 
_refine_ls_shell.number_reflns_R_free 
_refine_ls_shell.number_reflns_R_work 
_refine_ls_shell.percent_reflns_obs 
_refine_ls_shell.percent_reflns_R_free 
_refine_ls_shell.R_factor_all 
_refine_ls_shell.R_factor_obs 
_refine_ls_shell.R_factor_R_free 
_refine_ls_shell.R_factor_R_free_error 
_refine_ls_shell.R_factor_R_work 
_refine_ls_shell.redundancy_reflns_all 
_refine_ls_shell.redundancy_reflns_obs 
_refine_ls_shell.wR_factor_all 
_refine_ls_shell.wR_factor_obs 
_refine_ls_shell.wR_factor_R_free 
_refine_ls_shell.wR_factor_R_work 
_refine_ls_shell.pdbx_R_complete 
_refine_ls_shell.pdbx_total_number_of_bins_used 
_refine_ls_shell.pdbx_phase_error 
_refine_ls_shell.pdbx_fsc_work 
_refine_ls_shell.pdbx_fsc_free 
'X-RAY DIFFRACTION' 1.849 1.897  1639 . 75 1551 99.2068  . 0.245 . 0.266 . 0.244 . . . . . 0.211 . 20 . 0.901 0.903 
'X-RAY DIFFRACTION' 1.897 1.949  1599 . 67 1525 99.5622  . 0.232 . 0.246 . 0.232 . . . . . 0.203 . 20 . 0.908 0.899 
'X-RAY DIFFRACTION' 1.949 2.005  1546 . 77 1463 99.6119  . 0.213 . 0.259 . 0.210 . . . . . 0.183 . 20 . 0.927 0.915 
'X-RAY DIFFRACTION' 2.005 2.067  1512 . 83 1426 99.8016  . 0.202 . 0.226 . 0.201 . . . . . 0.174 . 20 . 0.944 0.929 
'X-RAY DIFFRACTION' 2.067 2.135  1464 . 82 1378 99.7268  . 0.190 . 0.201 . 0.189 . . . . . 0.160 . 20 . 0.950 0.950 
'X-RAY DIFFRACTION' 2.135 2.209  1437 . 74 1361 99.8608  . 0.191 . 0.201 . 0.191 . . . . . 0.166 . 20 . 0.950 0.955 
'X-RAY DIFFRACTION' 2.209 2.293  1367 . 64 1160 89.5391  . 0.188 . 0.218 . 0.186 . . . . . 0.162 . 20 . 0.951 0.942 
'X-RAY DIFFRACTION' 2.293 2.386  1336 . 56 1279 99.9251  . 0.193 . 0.220 . 0.192 . . . . . 0.169 . 20 . 0.949 0.945 
'X-RAY DIFFRACTION' 2.386 2.492  1282 . 76 1206 100.0000 . 0.192 . 0.219 . 0.190 . . . . . 0.164 . 20 . 0.950 0.948 
'X-RAY DIFFRACTION' 2.492 2.614  1211 . 60 1150 99.9174  . 0.188 . 0.236 . 0.185 . . . . . 0.166 . 20 . 0.953 0.940 
'X-RAY DIFFRACTION' 2.614 2.755  1179 . 65 1114 100.0000 . 0.183 . 0.210 . 0.181 . . . . . 0.166 . 20 . 0.951 0.951 
'X-RAY DIFFRACTION' 2.755 2.922  1111 . 59 1052 100.0000 . 0.193 . 0.265 . 0.189 . . . . . 0.175 . 20 . 0.948 0.919 
'X-RAY DIFFRACTION' 2.922 3.123  1051 . 52 999  100.0000 . 0.184 . 0.237 . 0.182 . . . . . 0.172 . 20 . 0.952 0.937 
'X-RAY DIFFRACTION' 3.123 3.373  981  . 35 946  100.0000 . 0.172 . 0.233 . 0.170 . . . . . 0.165 . 20 . 0.963 0.943 
'X-RAY DIFFRACTION' 3.373 3.694  919  . 40 879  100.0000 . 0.160 . 0.143 . 0.161 . . . . . 0.165 . 20 . 0.971 0.977 
'X-RAY DIFFRACTION' 3.694 4.128  833  . 50 783  100.0000 . 0.161 . 0.159 . 0.161 . . . . . 0.172 . 20 . 0.971 0.975 
'X-RAY DIFFRACTION' 4.128 4.764  746  . 44 702  100.0000 . 0.172 . 0.223 . 0.169 . . . . . 0.185 . 20 . 0.968 0.953 
'X-RAY DIFFRACTION' 4.764 5.828  647  . 28 619  100.0000 . 0.231 . 0.266 . 0.230 . . . . . 0.251 . 20 . 0.943 0.935 
'X-RAY DIFFRACTION' 5.828 8.212  524  . 25 499  100.0000 . 0.234 . 0.268 . 0.232 . . . . . 0.256 . 20 . 0.938 0.935 
'X-RAY DIFFRACTION' 8.212 68.768 333  . 8  322  99.0991  . 0.237 . 0.144 . 0.240 . . . . . 0.286 . 20 . 0.945 0.977 
# 
_struct.entry_id                     6YB4 
_struct.title                        
;Crystal structure of human ATAD2 bromodomain in complex with N-(4-bromo-3-(3-methylpyrrolidin-1-yl)sulfonyl)phenyl)-2-(-4-cyclopropyl-4-methyl-2,5-dioxoimidazolidin-1-yl)acetamide
;
_struct.pdbx_model_details           ? 
_struct.pdbx_formula_weight          ? 
_struct.pdbx_formula_weight_method   ? 
_struct.pdbx_model_type_details      ? 
_struct.pdbx_CASP_flag               N 
# 
_struct_keywords.entry_id        6YB4 
_struct_keywords.text            
'INHIBITOR, ATAD2, BROMODOMAIN, EPIGENETICS, ATPase family AAA domain-containing protein 2, TRANSCRIPTION' 
_struct_keywords.pdbx_keywords   TRANSCRIPTION 
# 
loop_
_struct_asym.id 
_struct_asym.pdbx_blank_PDB_chainid_flag 
_struct_asym.pdbx_modified 
_struct_asym.entity_id 
_struct_asym.details 
A N N 1 ? 
B N N 2 ? 
C N N 2 ? 
D N N 3 ? 
E N N 3 ? 
F N N 3 ? 
G N N 4 ? 
H N N 5 ? 
# 
_struct_ref.id                         1 
_struct_ref.db_name                    UNP 
_struct_ref.db_code                    ATAD2_HUMAN 
_struct_ref.pdbx_db_accession          Q6PL18 
_struct_ref.pdbx_db_isoform            ? 
_struct_ref.entity_id                  1 
_struct_ref.pdbx_seq_one_letter_code   
;QEEDTFRELRIFLRNVTHRLAIDKRFRVFTKPVDPDEVPDYVTVIKQPMDLSSVISKIDLHKYLTVKDYLRDIDLICSNA
LEYNPDRDPGDRLIRHRACALRDTAYAIIKEELDEDFEQLCEEIQESR
;
_struct_ref.pdbx_align_begin           981 
# 
_struct_ref_seq.align_id                      1 
_struct_ref_seq.ref_id                        1 
_struct_ref_seq.pdbx_PDB_id_code              6YB4 
_struct_ref_seq.pdbx_strand_id                AAA 
_struct_ref_seq.seq_align_beg                 3 
_struct_ref_seq.pdbx_seq_align_beg_ins_code   ? 
_struct_ref_seq.seq_align_end                 130 
_struct_ref_seq.pdbx_seq_align_end_ins_code   ? 
_struct_ref_seq.pdbx_db_accession             Q6PL18 
_struct_ref_seq.db_align_beg                  981 
_struct_ref_seq.pdbx_db_align_beg_ins_code    ? 
_struct_ref_seq.db_align_end                  1108 
_struct_ref_seq.pdbx_db_align_end_ins_code    ? 
_struct_ref_seq.pdbx_auth_seq_align_beg       981 
_struct_ref_seq.pdbx_auth_seq_align_end       1108 
# 
loop_
_struct_ref_seq_dif.align_id 
_struct_ref_seq_dif.pdbx_pdb_id_code 
_struct_ref_seq_dif.mon_id 
_struct_ref_seq_dif.pdbx_pdb_strand_id 
_struct_ref_seq_dif.seq_num 
_struct_ref_seq_dif.pdbx_pdb_ins_code 
_struct_ref_seq_dif.pdbx_seq_db_name 
_struct_ref_seq_dif.pdbx_seq_db_accession_code 
_struct_ref_seq_dif.db_mon_id 
_struct_ref_seq_dif.pdbx_seq_db_seq_num 
_struct_ref_seq_dif.details 
_struct_ref_seq_dif.pdbx_auth_seq_num 
_struct_ref_seq_dif.pdbx_ordinal 
1 6YB4 SER AAA 1 ? UNP Q6PL18 ? ? 'expression tag' 979 1 
1 6YB4 MET AAA 2 ? UNP Q6PL18 ? ? 'expression tag' 980 2 
# 
_pdbx_struct_assembly.id                   1 
_pdbx_struct_assembly.details              author_and_software_defined_assembly 
_pdbx_struct_assembly.method_details       PISA 
_pdbx_struct_assembly.oligomeric_details   monomeric 
_pdbx_struct_assembly.oligomeric_count     1 
# 
loop_
_pdbx_struct_assembly_prop.biol_id 
_pdbx_struct_assembly_prop.type 
_pdbx_struct_assembly_prop.value 
_pdbx_struct_assembly_prop.details 
1 'ABSA (A^2)' 860  ? 
1 MORE         -10  ? 
1 'SSA (A^2)'  8070 ? 
# 
_pdbx_struct_assembly_gen.assembly_id       1 
_pdbx_struct_assembly_gen.oper_expression   1 
_pdbx_struct_assembly_gen.asym_id_list      A,B,C,D,E,F,G,H 
# 
_pdbx_struct_assembly_auth_evidence.id                     1 
_pdbx_struct_assembly_auth_evidence.assembly_id            1 
_pdbx_struct_assembly_auth_evidence.experimental_support   'gel filtration' 
_pdbx_struct_assembly_auth_evidence.details                ? 
# 
_pdbx_struct_oper_list.id                   1 
_pdbx_struct_oper_list.type                 'identity operation' 
_pdbx_struct_oper_list.name                 1_555 
_pdbx_struct_oper_list.symmetry_operation   x,y,z 
_pdbx_struct_oper_list.matrix[1][1]         1.0000000000 
_pdbx_struct_oper_list.matrix[1][2]         0.0000000000 
_pdbx_struct_oper_list.matrix[1][3]         0.0000000000 
_pdbx_struct_oper_list.vector[1]            0.0000000000 
_pdbx_struct_oper_list.matrix[2][1]         0.0000000000 
_pdbx_struct_oper_list.matrix[2][2]         1.0000000000 
_pdbx_struct_oper_list.matrix[2][3]         0.0000000000 
_pdbx_struct_oper_list.vector[2]            0.0000000000 
_pdbx_struct_oper_list.matrix[3][1]         0.0000000000 
_pdbx_struct_oper_list.matrix[3][2]         0.0000000000 
_pdbx_struct_oper_list.matrix[3][3]         1.0000000000 
_pdbx_struct_oper_list.vector[3]            0.0000000000 
# 
loop_
_struct_conf.conf_type_id 
_struct_conf.id 
_struct_conf.pdbx_PDB_helix_id 
_struct_conf.beg_label_comp_id 
_struct_conf.beg_label_asym_id 
_struct_conf.beg_label_seq_id 
_struct_conf.pdbx_beg_PDB_ins_code 
_struct_conf.end_label_comp_id 
_struct_conf.end_label_asym_id 
_struct_conf.end_label_seq_id 
_struct_conf.pdbx_end_PDB_ins_code 
_struct_conf.beg_auth_comp_id 
_struct_conf.beg_auth_asym_id 
_struct_conf.beg_auth_seq_id 
_struct_conf.end_auth_comp_id 
_struct_conf.end_auth_asym_id 
_struct_conf.end_auth_seq_id 
_struct_conf.pdbx_PDB_helix_class 
_struct_conf.details 
_struct_conf.pdbx_PDB_helix_length 
HELX_P HELX_P1 AA1 SER A 1   ? ILE A 24  ? SER AAA 979  ILE AAA 1002 1 ? 24 
HELX_P HELX_P2 AA2 ASP A 25  ? LYS A 33  ? ASP AAA 1003 LYS AAA 1011 5 ? 9  
HELX_P HELX_P3 AA3 ASP A 42  ? ILE A 47  ? ASP AAA 1020 ILE AAA 1025 1 ? 6  
HELX_P HELX_P4 AA4 ASP A 52  ? LEU A 62  ? ASP AAA 1030 LEU AAA 1040 1 ? 11 
HELX_P HELX_P5 AA5 THR A 67  ? ASN A 86  ? THR AAA 1045 ASN AAA 1064 1 ? 20 
HELX_P HELX_P6 AA6 ASP A 90  ? LEU A 115 ? ASP AAA 1068 LEU AAA 1093 1 ? 26 
HELX_P HELX_P7 AA7 ASP A 116 ? SER A 129 ? ASP AAA 1094 SER AAA 1107 1 ? 14 
# 
_struct_conf_type.id          HELX_P 
_struct_conf_type.criteria    ? 
_struct_conf_type.reference   ? 
# 
loop_
_pdbx_validate_close_contact.id 
_pdbx_validate_close_contact.PDB_model_num 
_pdbx_validate_close_contact.auth_atom_id_1 
_pdbx_validate_close_contact.auth_asym_id_1 
_pdbx_validate_close_contact.auth_comp_id_1 
_pdbx_validate_close_contact.auth_seq_id_1 
_pdbx_validate_close_contact.PDB_ins_code_1 
_pdbx_validate_close_contact.label_alt_id_1 
_pdbx_validate_close_contact.auth_atom_id_2 
_pdbx_validate_close_contact.auth_asym_id_2 
_pdbx_validate_close_contact.auth_comp_id_2 
_pdbx_validate_close_contact.auth_seq_id_2 
_pdbx_validate_close_contact.PDB_ins_code_2 
_pdbx_validate_close_contact.label_alt_id_2 
_pdbx_validate_close_contact.dist 
1 1 ND2 AAA ASN 995  ? ? O  AAA HOH 1301 ? ? 1.99 
2 1 O   AAA HOH 1303 ? ? O  AAA HOH 1319 ? ? 2.02 
3 1 OD2 AAA ASP 1048 ? ? O  AAA HOH 1302 ? ? 2.10 
4 1 OD2 AAA ASP 1030 ? ? OG AAA SER 1032 ? A 2.19 
# 
loop_
_pdbx_struct_special_symmetry.id 
_pdbx_struct_special_symmetry.PDB_model_num 
_pdbx_struct_special_symmetry.auth_asym_id 
_pdbx_struct_special_symmetry.auth_comp_id 
_pdbx_struct_special_symmetry.auth_seq_id 
_pdbx_struct_special_symmetry.PDB_ins_code 
_pdbx_struct_special_symmetry.label_asym_id 
_pdbx_struct_special_symmetry.label_comp_id 
_pdbx_struct_special_symmetry.label_seq_id 
1 1 AAA HOH 1307 ? H HOH . 
2 1 AAA HOH 1308 ? H HOH . 
3 1 AAA HOH 1510 ? H HOH . 
# 
_pdbx_entry_details.entry_id                 6YB4 
_pdbx_entry_details.has_ligand_of_interest   Y 
_pdbx_entry_details.compound_details         ? 
_pdbx_entry_details.source_details           ? 
_pdbx_entry_details.nonpolymer_details       ? 
_pdbx_entry_details.sequence_details         ? 
# 
loop_
_pdbx_distant_solvent_atoms.id 
_pdbx_distant_solvent_atoms.PDB_model_num 
_pdbx_distant_solvent_atoms.auth_atom_id 
_pdbx_distant_solvent_atoms.label_alt_id 
_pdbx_distant_solvent_atoms.auth_asym_id 
_pdbx_distant_solvent_atoms.auth_comp_id 
_pdbx_distant_solvent_atoms.auth_seq_id 
_pdbx_distant_solvent_atoms.PDB_ins_code 
_pdbx_distant_solvent_atoms.neighbor_macromolecule_distance 
_pdbx_distant_solvent_atoms.neighbor_ligand_distance 
1 1 O ? AAA HOH 1521 ? 5.88 . 
2 1 O ? AAA HOH 1522 ? 6.38 . 
# 
loop_
_chem_comp_atom.comp_id 
_chem_comp_atom.atom_id 
_chem_comp_atom.type_symbol 
_chem_comp_atom.pdbx_aromatic_flag 
_chem_comp_atom.pdbx_stereo_config 
_chem_comp_atom.pdbx_ordinal 
ALA N    N  N N 1   
ALA CA   C  N S 2   
ALA C    C  N N 3   
ALA O    O  N N 4   
ALA CB   C  N N 5   
ALA OXT  O  N N 6   
ALA H    H  N N 7   
ALA H2   H  N N 8   
ALA HA   H  N N 9   
ALA HB1  H  N N 10  
ALA HB2  H  N N 11  
ALA HB3  H  N N 12  
ALA HXT  H  N N 13  
ARG N    N  N N 14  
ARG CA   C  N S 15  
ARG C    C  N N 16  
ARG O    O  N N 17  
ARG CB   C  N N 18  
ARG CG   C  N N 19  
ARG CD   C  N N 20  
ARG NE   N  N N 21  
ARG CZ   C  N N 22  
ARG NH1  N  N N 23  
ARG NH2  N  N N 24  
ARG OXT  O  N N 25  
ARG H    H  N N 26  
ARG H2   H  N N 27  
ARG HA   H  N N 28  
ARG HB2  H  N N 29  
ARG HB3  H  N N 30  
ARG HG2  H  N N 31  
ARG HG3  H  N N 32  
ARG HD2  H  N N 33  
ARG HD3  H  N N 34  
ARG HE   H  N N 35  
ARG HH11 H  N N 36  
ARG HH12 H  N N 37  
ARG HH21 H  N N 38  
ARG HH22 H  N N 39  
ARG HXT  H  N N 40  
ASN N    N  N N 41  
ASN CA   C  N S 42  
ASN C    C  N N 43  
ASN O    O  N N 44  
ASN CB   C  N N 45  
ASN CG   C  N N 46  
ASN OD1  O  N N 47  
ASN ND2  N  N N 48  
ASN OXT  O  N N 49  
ASN H    H  N N 50  
ASN H2   H  N N 51  
ASN HA   H  N N 52  
ASN HB2  H  N N 53  
ASN HB3  H  N N 54  
ASN HD21 H  N N 55  
ASN HD22 H  N N 56  
ASN HXT  H  N N 57  
ASP N    N  N N 58  
ASP CA   C  N S 59  
ASP C    C  N N 60  
ASP O    O  N N 61  
ASP CB   C  N N 62  
ASP CG   C  N N 63  
ASP OD1  O  N N 64  
ASP OD2  O  N N 65  
ASP OXT  O  N N 66  
ASP H    H  N N 67  
ASP H2   H  N N 68  
ASP HA   H  N N 69  
ASP HB2  H  N N 70  
ASP HB3  H  N N 71  
ASP HD2  H  N N 72  
ASP HXT  H  N N 73  
CYS N    N  N N 74  
CYS CA   C  N R 75  
CYS C    C  N N 76  
CYS O    O  N N 77  
CYS CB   C  N N 78  
CYS SG   S  N N 79  
CYS OXT  O  N N 80  
CYS H    H  N N 81  
CYS H2   H  N N 82  
CYS HA   H  N N 83  
CYS HB2  H  N N 84  
CYS HB3  H  N N 85  
CYS HG   H  N N 86  
CYS HXT  H  N N 87  
EDO C1   C  N N 88  
EDO O1   O  N N 89  
EDO C2   C  N N 90  
EDO O2   O  N N 91  
EDO H11  H  N N 92  
EDO H12  H  N N 93  
EDO HO1  H  N N 94  
EDO H21  H  N N 95  
EDO H22  H  N N 96  
EDO HO2  H  N N 97  
GLN N    N  N N 98  
GLN CA   C  N S 99  
GLN C    C  N N 100 
GLN O    O  N N 101 
GLN CB   C  N N 102 
GLN CG   C  N N 103 
GLN CD   C  N N 104 
GLN OE1  O  N N 105 
GLN NE2  N  N N 106 
GLN OXT  O  N N 107 
GLN H    H  N N 108 
GLN H2   H  N N 109 
GLN HA   H  N N 110 
GLN HB2  H  N N 111 
GLN HB3  H  N N 112 
GLN HG2  H  N N 113 
GLN HG3  H  N N 114 
GLN HE21 H  N N 115 
GLN HE22 H  N N 116 
GLN HXT  H  N N 117 
GLU N    N  N N 118 
GLU CA   C  N S 119 
GLU C    C  N N 120 
GLU O    O  N N 121 
GLU CB   C  N N 122 
GLU CG   C  N N 123 
GLU CD   C  N N 124 
GLU OE1  O  N N 125 
GLU OE2  O  N N 126 
GLU OXT  O  N N 127 
GLU H    H  N N 128 
GLU H2   H  N N 129 
GLU HA   H  N N 130 
GLU HB2  H  N N 131 
GLU HB3  H  N N 132 
GLU HG2  H  N N 133 
GLU HG3  H  N N 134 
GLU HE2  H  N N 135 
GLU HXT  H  N N 136 
GLY N    N  N N 137 
GLY CA   C  N N 138 
GLY C    C  N N 139 
GLY O    O  N N 140 
GLY OXT  O  N N 141 
GLY H    H  N N 142 
GLY H2   H  N N 143 
GLY HA2  H  N N 144 
GLY HA3  H  N N 145 
GLY HXT  H  N N 146 
HIS N    N  N N 147 
HIS CA   C  N S 148 
HIS C    C  N N 149 
HIS O    O  N N 150 
HIS CB   C  N N 151 
HIS CG   C  Y N 152 
HIS ND1  N  Y N 153 
HIS CD2  C  Y N 154 
HIS CE1  C  Y N 155 
HIS NE2  N  Y N 156 
HIS OXT  O  N N 157 
HIS H    H  N N 158 
HIS H2   H  N N 159 
HIS HA   H  N N 160 
HIS HB2  H  N N 161 
HIS HB3  H  N N 162 
HIS HD1  H  N N 163 
HIS HD2  H  N N 164 
HIS HE1  H  N N 165 
HIS HE2  H  N N 166 
HIS HXT  H  N N 167 
HOH O    O  N N 168 
HOH H1   H  N N 169 
HOH H2   H  N N 170 
ILE N    N  N N 171 
ILE CA   C  N S 172 
ILE C    C  N N 173 
ILE O    O  N N 174 
ILE CB   C  N S 175 
ILE CG1  C  N N 176 
ILE CG2  C  N N 177 
ILE CD1  C  N N 178 
ILE OXT  O  N N 179 
ILE H    H  N N 180 
ILE H2   H  N N 181 
ILE HA   H  N N 182 
ILE HB   H  N N 183 
ILE HG12 H  N N 184 
ILE HG13 H  N N 185 
ILE HG21 H  N N 186 
ILE HG22 H  N N 187 
ILE HG23 H  N N 188 
ILE HD11 H  N N 189 
ILE HD12 H  N N 190 
ILE HD13 H  N N 191 
ILE HXT  H  N N 192 
LEU N    N  N N 193 
LEU CA   C  N S 194 
LEU C    C  N N 195 
LEU O    O  N N 196 
LEU CB   C  N N 197 
LEU CG   C  N N 198 
LEU CD1  C  N N 199 
LEU CD2  C  N N 200 
LEU OXT  O  N N 201 
LEU H    H  N N 202 
LEU H2   H  N N 203 
LEU HA   H  N N 204 
LEU HB2  H  N N 205 
LEU HB3  H  N N 206 
LEU HG   H  N N 207 
LEU HD11 H  N N 208 
LEU HD12 H  N N 209 
LEU HD13 H  N N 210 
LEU HD21 H  N N 211 
LEU HD22 H  N N 212 
LEU HD23 H  N N 213 
LEU HXT  H  N N 214 
LYS N    N  N N 215 
LYS CA   C  N S 216 
LYS C    C  N N 217 
LYS O    O  N N 218 
LYS CB   C  N N 219 
LYS CG   C  N N 220 
LYS CD   C  N N 221 
LYS CE   C  N N 222 
LYS NZ   N  N N 223 
LYS OXT  O  N N 224 
LYS H    H  N N 225 
LYS H2   H  N N 226 
LYS HA   H  N N 227 
LYS HB2  H  N N 228 
LYS HB3  H  N N 229 
LYS HG2  H  N N 230 
LYS HG3  H  N N 231 
LYS HD2  H  N N 232 
LYS HD3  H  N N 233 
LYS HE2  H  N N 234 
LYS HE3  H  N N 235 
LYS HZ1  H  N N 236 
LYS HZ2  H  N N 237 
LYS HZ3  H  N N 238 
LYS HXT  H  N N 239 
MET N    N  N N 240 
MET CA   C  N S 241 
MET C    C  N N 242 
MET O    O  N N 243 
MET CB   C  N N 244 
MET CG   C  N N 245 
MET SD   S  N N 246 
MET CE   C  N N 247 
MET OXT  O  N N 248 
MET H    H  N N 249 
MET H2   H  N N 250 
MET HA   H  N N 251 
MET HB2  H  N N 252 
MET HB3  H  N N 253 
MET HG2  H  N N 254 
MET HG3  H  N N 255 
MET HE1  H  N N 256 
MET HE2  H  N N 257 
MET HE3  H  N N 258 
MET HXT  H  N N 259 
OJH C13  C  Y N 260 
OJH C15  C  N N 261 
OJH C17  C  N N 262 
OJH C22  C  N R 263 
OJH C24  C  N N 264 
OJH C26  C  N N 265 
OJH C01  C  N N 266 
OJH C02  C  N S 267 
OJH C04  C  N N 268 
OJH C05  C  N N 269 
OJH N06  N  N N 270 
OJH C07  C  N N 271 
OJH S08  S  N N 272 
OJH O09  O  N N 273 
OJH O10  O  N N 274 
OJH C11  C  Y N 275 
OJH C12  C  Y N 276 
OJH N14  N  N N 277 
OJH O16  O  N N 278 
OJH N18  N  N N 279 
OJH C19  C  N N 280 
OJH O20  O  N N 281 
OJH N21  N  N N 282 
OJH C23  C  N N 283 
OJH C25  C  N N 284 
OJH C27  C  N N 285 
OJH O28  O  N N 286 
OJH C29  C  Y N 287 
OJH C30  C  Y N 288 
OJH C31  C  Y N 289 
OJH BR1  BR N N 290 
OJH H1   H  N N 291 
OJH H2   H  N N 292 
OJH H3   H  N N 293 
OJH H4   H  N N 294 
OJH H5   H  N N 295 
OJH H6   H  N N 296 
OJH H7   H  N N 297 
OJH H8   H  N N 298 
OJH H9   H  N N 299 
OJH H10  H  N N 300 
OJH H11  H  N N 301 
OJH H12  H  N N 302 
OJH H13  H  N N 303 
OJH H14  H  N N 304 
OJH H15  H  N N 305 
OJH H16  H  N N 306 
OJH H17  H  N N 307 
OJH H18  H  N N 308 
OJH H19  H  N N 309 
OJH H20  H  N N 310 
OJH H21  H  N N 311 
OJH H22  H  N N 312 
OJH H23  H  N N 313 
OJH H24  H  N N 314 
OJH H25  H  N N 315 
PHE N    N  N N 316 
PHE CA   C  N S 317 
PHE C    C  N N 318 
PHE O    O  N N 319 
PHE CB   C  N N 320 
PHE CG   C  Y N 321 
PHE CD1  C  Y N 322 
PHE CD2  C  Y N 323 
PHE CE1  C  Y N 324 
PHE CE2  C  Y N 325 
PHE CZ   C  Y N 326 
PHE OXT  O  N N 327 
PHE H    H  N N 328 
PHE H2   H  N N 329 
PHE HA   H  N N 330 
PHE HB2  H  N N 331 
PHE HB3  H  N N 332 
PHE HD1  H  N N 333 
PHE HD2  H  N N 334 
PHE HE1  H  N N 335 
PHE HE2  H  N N 336 
PHE HZ   H  N N 337 
PHE HXT  H  N N 338 
PRO N    N  N N 339 
PRO CA   C  N S 340 
PRO C    C  N N 341 
PRO O    O  N N 342 
PRO CB   C  N N 343 
PRO CG   C  N N 344 
PRO CD   C  N N 345 
PRO OXT  O  N N 346 
PRO H    H  N N 347 
PRO HA   H  N N 348 
PRO HB2  H  N N 349 
PRO HB3  H  N N 350 
PRO HG2  H  N N 351 
PRO HG3  H  N N 352 
PRO HD2  H  N N 353 
PRO HD3  H  N N 354 
PRO HXT  H  N N 355 
SER N    N  N N 356 
SER CA   C  N S 357 
SER C    C  N N 358 
SER O    O  N N 359 
SER CB   C  N N 360 
SER OG   O  N N 361 
SER OXT  O  N N 362 
SER H    H  N N 363 
SER H2   H  N N 364 
SER HA   H  N N 365 
SER HB2  H  N N 366 
SER HB3  H  N N 367 
SER HG   H  N N 368 
SER HXT  H  N N 369 
SO4 S    S  N N 370 
SO4 O1   O  N N 371 
SO4 O2   O  N N 372 
SO4 O3   O  N N 373 
SO4 O4   O  N N 374 
THR N    N  N N 375 
THR CA   C  N S 376 
THR C    C  N N 377 
THR O    O  N N 378 
THR CB   C  N R 379 
THR OG1  O  N N 380 
THR CG2  C  N N 381 
THR OXT  O  N N 382 
THR H    H  N N 383 
THR H2   H  N N 384 
THR HA   H  N N 385 
THR HB   H  N N 386 
THR HG1  H  N N 387 
THR HG21 H  N N 388 
THR HG22 H  N N 389 
THR HG23 H  N N 390 
THR HXT  H  N N 391 
TYR N    N  N N 392 
TYR CA   C  N S 393 
TYR C    C  N N 394 
TYR O    O  N N 395 
TYR CB   C  N N 396 
TYR CG   C  Y N 397 
TYR CD1  C  Y N 398 
TYR CD2  C  Y N 399 
TYR CE1  C  Y N 400 
TYR CE2  C  Y N 401 
TYR CZ   C  Y N 402 
TYR OH   O  N N 403 
TYR OXT  O  N N 404 
TYR H    H  N N 405 
TYR H2   H  N N 406 
TYR HA   H  N N 407 
TYR HB2  H  N N 408 
TYR HB3  H  N N 409 
TYR HD1  H  N N 410 
TYR HD2  H  N N 411 
TYR HE1  H  N N 412 
TYR HE2  H  N N 413 
TYR HH   H  N N 414 
TYR HXT  H  N N 415 
VAL N    N  N N 416 
VAL CA   C  N S 417 
VAL C    C  N N 418 
VAL O    O  N N 419 
VAL CB   C  N N 420 
VAL CG1  C  N N 421 
VAL CG2  C  N N 422 
VAL OXT  O  N N 423 
VAL H    H  N N 424 
VAL H2   H  N N 425 
VAL HA   H  N N 426 
VAL HB   H  N N 427 
VAL HG11 H  N N 428 
VAL HG12 H  N N 429 
VAL HG13 H  N N 430 
VAL HG21 H  N N 431 
VAL HG22 H  N N 432 
VAL HG23 H  N N 433 
VAL HXT  H  N N 434 
# 
loop_
_chem_comp_bond.comp_id 
_chem_comp_bond.atom_id_1 
_chem_comp_bond.atom_id_2 
_chem_comp_bond.value_order 
_chem_comp_bond.pdbx_aromatic_flag 
_chem_comp_bond.pdbx_stereo_config 
_chem_comp_bond.pdbx_ordinal 
ALA N   CA   sing N N 1   
ALA N   H    sing N N 2   
ALA N   H2   sing N N 3   
ALA CA  C    sing N N 4   
ALA CA  CB   sing N N 5   
ALA CA  HA   sing N N 6   
ALA C   O    doub N N 7   
ALA C   OXT  sing N N 8   
ALA CB  HB1  sing N N 9   
ALA CB  HB2  sing N N 10  
ALA CB  HB3  sing N N 11  
ALA OXT HXT  sing N N 12  
ARG N   CA   sing N N 13  
ARG N   H    sing N N 14  
ARG N   H2   sing N N 15  
ARG CA  C    sing N N 16  
ARG CA  CB   sing N N 17  
ARG CA  HA   sing N N 18  
ARG C   O    doub N N 19  
ARG C   OXT  sing N N 20  
ARG CB  CG   sing N N 21  
ARG CB  HB2  sing N N 22  
ARG CB  HB3  sing N N 23  
ARG CG  CD   sing N N 24  
ARG CG  HG2  sing N N 25  
ARG CG  HG3  sing N N 26  
ARG CD  NE   sing N N 27  
ARG CD  HD2  sing N N 28  
ARG CD  HD3  sing N N 29  
ARG NE  CZ   sing N N 30  
ARG NE  HE   sing N N 31  
ARG CZ  NH1  sing N N 32  
ARG CZ  NH2  doub N N 33  
ARG NH1 HH11 sing N N 34  
ARG NH1 HH12 sing N N 35  
ARG NH2 HH21 sing N N 36  
ARG NH2 HH22 sing N N 37  
ARG OXT HXT  sing N N 38  
ASN N   CA   sing N N 39  
ASN N   H    sing N N 40  
ASN N   H2   sing N N 41  
ASN CA  C    sing N N 42  
ASN CA  CB   sing N N 43  
ASN CA  HA   sing N N 44  
ASN C   O    doub N N 45  
ASN C   OXT  sing N N 46  
ASN CB  CG   sing N N 47  
ASN CB  HB2  sing N N 48  
ASN CB  HB3  sing N N 49  
ASN CG  OD1  doub N N 50  
ASN CG  ND2  sing N N 51  
ASN ND2 HD21 sing N N 52  
ASN ND2 HD22 sing N N 53  
ASN OXT HXT  sing N N 54  
ASP N   CA   sing N N 55  
ASP N   H    sing N N 56  
ASP N   H2   sing N N 57  
ASP CA  C    sing N N 58  
ASP CA  CB   sing N N 59  
ASP CA  HA   sing N N 60  
ASP C   O    doub N N 61  
ASP C   OXT  sing N N 62  
ASP CB  CG   sing N N 63  
ASP CB  HB2  sing N N 64  
ASP CB  HB3  sing N N 65  
ASP CG  OD1  doub N N 66  
ASP CG  OD2  sing N N 67  
ASP OD2 HD2  sing N N 68  
ASP OXT HXT  sing N N 69  
CYS N   CA   sing N N 70  
CYS N   H    sing N N 71  
CYS N   H2   sing N N 72  
CYS CA  C    sing N N 73  
CYS CA  CB   sing N N 74  
CYS CA  HA   sing N N 75  
CYS C   O    doub N N 76  
CYS C   OXT  sing N N 77  
CYS CB  SG   sing N N 78  
CYS CB  HB2  sing N N 79  
CYS CB  HB3  sing N N 80  
CYS SG  HG   sing N N 81  
CYS OXT HXT  sing N N 82  
EDO C1  O1   sing N N 83  
EDO C1  C2   sing N N 84  
EDO C1  H11  sing N N 85  
EDO C1  H12  sing N N 86  
EDO O1  HO1  sing N N 87  
EDO C2  O2   sing N N 88  
EDO C2  H21  sing N N 89  
EDO C2  H22  sing N N 90  
EDO O2  HO2  sing N N 91  
GLN N   CA   sing N N 92  
GLN N   H    sing N N 93  
GLN N   H2   sing N N 94  
GLN CA  C    sing N N 95  
GLN CA  CB   sing N N 96  
GLN CA  HA   sing N N 97  
GLN C   O    doub N N 98  
GLN C   OXT  sing N N 99  
GLN CB  CG   sing N N 100 
GLN CB  HB2  sing N N 101 
GLN CB  HB3  sing N N 102 
GLN CG  CD   sing N N 103 
GLN CG  HG2  sing N N 104 
GLN CG  HG3  sing N N 105 
GLN CD  OE1  doub N N 106 
GLN CD  NE2  sing N N 107 
GLN NE2 HE21 sing N N 108 
GLN NE2 HE22 sing N N 109 
GLN OXT HXT  sing N N 110 
GLU N   CA   sing N N 111 
GLU N   H    sing N N 112 
GLU N   H2   sing N N 113 
GLU CA  C    sing N N 114 
GLU CA  CB   sing N N 115 
GLU CA  HA   sing N N 116 
GLU C   O    doub N N 117 
GLU C   OXT  sing N N 118 
GLU CB  CG   sing N N 119 
GLU CB  HB2  sing N N 120 
GLU CB  HB3  sing N N 121 
GLU CG  CD   sing N N 122 
GLU CG  HG2  sing N N 123 
GLU CG  HG3  sing N N 124 
GLU CD  OE1  doub N N 125 
GLU CD  OE2  sing N N 126 
GLU OE2 HE2  sing N N 127 
GLU OXT HXT  sing N N 128 
GLY N   CA   sing N N 129 
GLY N   H    sing N N 130 
GLY N   H2   sing N N 131 
GLY CA  C    sing N N 132 
GLY CA  HA2  sing N N 133 
GLY CA  HA3  sing N N 134 
GLY C   O    doub N N 135 
GLY C   OXT  sing N N 136 
GLY OXT HXT  sing N N 137 
HIS N   CA   sing N N 138 
HIS N   H    sing N N 139 
HIS N   H2   sing N N 140 
HIS CA  C    sing N N 141 
HIS CA  CB   sing N N 142 
HIS CA  HA   sing N N 143 
HIS C   O    doub N N 144 
HIS C   OXT  sing N N 145 
HIS CB  CG   sing N N 146 
HIS CB  HB2  sing N N 147 
HIS CB  HB3  sing N N 148 
HIS CG  ND1  sing Y N 149 
HIS CG  CD2  doub Y N 150 
HIS ND1 CE1  doub Y N 151 
HIS ND1 HD1  sing N N 152 
HIS CD2 NE2  sing Y N 153 
HIS CD2 HD2  sing N N 154 
HIS CE1 NE2  sing Y N 155 
HIS CE1 HE1  sing N N 156 
HIS NE2 HE2  sing N N 157 
HIS OXT HXT  sing N N 158 
HOH O   H1   sing N N 159 
HOH O   H2   sing N N 160 
ILE N   CA   sing N N 161 
ILE N   H    sing N N 162 
ILE N   H2   sing N N 163 
ILE CA  C    sing N N 164 
ILE CA  CB   sing N N 165 
ILE CA  HA   sing N N 166 
ILE C   O    doub N N 167 
ILE C   OXT  sing N N 168 
ILE CB  CG1  sing N N 169 
ILE CB  CG2  sing N N 170 
ILE CB  HB   sing N N 171 
ILE CG1 CD1  sing N N 172 
ILE CG1 HG12 sing N N 173 
ILE CG1 HG13 sing N N 174 
ILE CG2 HG21 sing N N 175 
ILE CG2 HG22 sing N N 176 
ILE CG2 HG23 sing N N 177 
ILE CD1 HD11 sing N N 178 
ILE CD1 HD12 sing N N 179 
ILE CD1 HD13 sing N N 180 
ILE OXT HXT  sing N N 181 
LEU N   CA   sing N N 182 
LEU N   H    sing N N 183 
LEU N   H2   sing N N 184 
LEU CA  C    sing N N 185 
LEU CA  CB   sing N N 186 
LEU CA  HA   sing N N 187 
LEU C   O    doub N N 188 
LEU C   OXT  sing N N 189 
LEU CB  CG   sing N N 190 
LEU CB  HB2  sing N N 191 
LEU CB  HB3  sing N N 192 
LEU CG  CD1  sing N N 193 
LEU CG  CD2  sing N N 194 
LEU CG  HG   sing N N 195 
LEU CD1 HD11 sing N N 196 
LEU CD1 HD12 sing N N 197 
LEU CD1 HD13 sing N N 198 
LEU CD2 HD21 sing N N 199 
LEU CD2 HD22 sing N N 200 
LEU CD2 HD23 sing N N 201 
LEU OXT HXT  sing N N 202 
LYS N   CA   sing N N 203 
LYS N   H    sing N N 204 
LYS N   H2   sing N N 205 
LYS CA  C    sing N N 206 
LYS CA  CB   sing N N 207 
LYS CA  HA   sing N N 208 
LYS C   O    doub N N 209 
LYS C   OXT  sing N N 210 
LYS CB  CG   sing N N 211 
LYS CB  HB2  sing N N 212 
LYS CB  HB3  sing N N 213 
LYS CG  CD   sing N N 214 
LYS CG  HG2  sing N N 215 
LYS CG  HG3  sing N N 216 
LYS CD  CE   sing N N 217 
LYS CD  HD2  sing N N 218 
LYS CD  HD3  sing N N 219 
LYS CE  NZ   sing N N 220 
LYS CE  HE2  sing N N 221 
LYS CE  HE3  sing N N 222 
LYS NZ  HZ1  sing N N 223 
LYS NZ  HZ2  sing N N 224 
LYS NZ  HZ3  sing N N 225 
LYS OXT HXT  sing N N 226 
MET N   CA   sing N N 227 
MET N   H    sing N N 228 
MET N   H2   sing N N 229 
MET CA  C    sing N N 230 
MET CA  CB   sing N N 231 
MET CA  HA   sing N N 232 
MET C   O    doub N N 233 
MET C   OXT  sing N N 234 
MET CB  CG   sing N N 235 
MET CB  HB2  sing N N 236 
MET CB  HB3  sing N N 237 
MET CG  SD   sing N N 238 
MET CG  HG2  sing N N 239 
MET CG  HG3  sing N N 240 
MET SD  CE   sing N N 241 
MET CE  HE1  sing N N 242 
MET CE  HE2  sing N N 243 
MET CE  HE3  sing N N 244 
MET OXT HXT  sing N N 245 
OJH O28 C27  doub N N 246 
OJH C23 C22  sing N N 247 
OJH C27 C22  sing N N 248 
OJH C27 N18  sing N N 249 
OJH C22 C24  sing N N 250 
OJH C22 N21  sing N N 251 
OJH C17 N18  sing N N 252 
OJH C17 C15  sing N N 253 
OJH N18 C19  sing N N 254 
OJH C24 C26  sing N N 255 
OJH C24 C25  sing N N 256 
OJH N14 C15  sing N N 257 
OJH N14 C13  sing N N 258 
OJH C15 O16  doub N N 259 
OJH C29 C13  doub Y N 260 
OJH C29 C30  sing Y N 261 
OJH N21 C19  sing N N 262 
OJH C13 C12  sing Y N 263 
OJH C30 C31  doub Y N 264 
OJH C19 O20  doub N N 265 
OJH C26 C25  sing N N 266 
OJH C12 C11  doub Y N 267 
OJH C31 C11  sing Y N 268 
OJH C31 BR1  sing N N 269 
OJH C11 S08  sing N N 270 
OJH O09 S08  doub N N 271 
OJH C05 C04  sing N N 272 
OJH C05 N06  sing N N 273 
OJH C04 C02  sing N N 274 
OJH S08 N06  sing N N 275 
OJH S08 O10  doub N N 276 
OJH N06 C07  sing N N 277 
OJH C02 C07  sing N N 278 
OJH C02 C01  sing N N 279 
OJH C17 H1   sing N N 280 
OJH C17 H2   sing N N 281 
OJH C24 H3   sing N N 282 
OJH C26 H4   sing N N 283 
OJH C26 H5   sing N N 284 
OJH C01 H6   sing N N 285 
OJH C01 H7   sing N N 286 
OJH C01 H8   sing N N 287 
OJH C02 H9   sing N N 288 
OJH C04 H10  sing N N 289 
OJH C04 H11  sing N N 290 
OJH C05 H12  sing N N 291 
OJH C05 H13  sing N N 292 
OJH C07 H14  sing N N 293 
OJH C07 H15  sing N N 294 
OJH C12 H16  sing N N 295 
OJH N14 H17  sing N N 296 
OJH N21 H18  sing N N 297 
OJH C23 H19  sing N N 298 
OJH C23 H20  sing N N 299 
OJH C23 H21  sing N N 300 
OJH C25 H22  sing N N 301 
OJH C25 H23  sing N N 302 
OJH C29 H24  sing N N 303 
OJH C30 H25  sing N N 304 
PHE N   CA   sing N N 305 
PHE N   H    sing N N 306 
PHE N   H2   sing N N 307 
PHE CA  C    sing N N 308 
PHE CA  CB   sing N N 309 
PHE CA  HA   sing N N 310 
PHE C   O    doub N N 311 
PHE C   OXT  sing N N 312 
PHE CB  CG   sing N N 313 
PHE CB  HB2  sing N N 314 
PHE CB  HB3  sing N N 315 
PHE CG  CD1  doub Y N 316 
PHE CG  CD2  sing Y N 317 
PHE CD1 CE1  sing Y N 318 
PHE CD1 HD1  sing N N 319 
PHE CD2 CE2  doub Y N 320 
PHE CD2 HD2  sing N N 321 
PHE CE1 CZ   doub Y N 322 
PHE CE1 HE1  sing N N 323 
PHE CE2 CZ   sing Y N 324 
PHE CE2 HE2  sing N N 325 
PHE CZ  HZ   sing N N 326 
PHE OXT HXT  sing N N 327 
PRO N   CA   sing N N 328 
PRO N   CD   sing N N 329 
PRO N   H    sing N N 330 
PRO CA  C    sing N N 331 
PRO CA  CB   sing N N 332 
PRO CA  HA   sing N N 333 
PRO C   O    doub N N 334 
PRO C   OXT  sing N N 335 
PRO CB  CG   sing N N 336 
PRO CB  HB2  sing N N 337 
PRO CB  HB3  sing N N 338 
PRO CG  CD   sing N N 339 
PRO CG  HG2  sing N N 340 
PRO CG  HG3  sing N N 341 
PRO CD  HD2  sing N N 342 
PRO CD  HD3  sing N N 343 
PRO OXT HXT  sing N N 344 
SER N   CA   sing N N 345 
SER N   H    sing N N 346 
SER N   H2   sing N N 347 
SER CA  C    sing N N 348 
SER CA  CB   sing N N 349 
SER CA  HA   sing N N 350 
SER C   O    doub N N 351 
SER C   OXT  sing N N 352 
SER CB  OG   sing N N 353 
SER CB  HB2  sing N N 354 
SER CB  HB3  sing N N 355 
SER OG  HG   sing N N 356 
SER OXT HXT  sing N N 357 
SO4 S   O1   doub N N 358 
SO4 S   O2   doub N N 359 
SO4 S   O3   sing N N 360 
SO4 S   O4   sing N N 361 
THR N   CA   sing N N 362 
THR N   H    sing N N 363 
THR N   H2   sing N N 364 
THR CA  C    sing N N 365 
THR CA  CB   sing N N 366 
THR CA  HA   sing N N 367 
THR C   O    doub N N 368 
THR C   OXT  sing N N 369 
THR CB  OG1  sing N N 370 
THR CB  CG2  sing N N 371 
THR CB  HB   sing N N 372 
THR OG1 HG1  sing N N 373 
THR CG2 HG21 sing N N 374 
THR CG2 HG22 sing N N 375 
THR CG2 HG23 sing N N 376 
THR OXT HXT  sing N N 377 
TYR N   CA   sing N N 378 
TYR N   H    sing N N 379 
TYR N   H2   sing N N 380 
TYR CA  C    sing N N 381 
TYR CA  CB   sing N N 382 
TYR CA  HA   sing N N 383 
TYR C   O    doub N N 384 
TYR C   OXT  sing N N 385 
TYR CB  CG   sing N N 386 
TYR CB  HB2  sing N N 387 
TYR CB  HB3  sing N N 388 
TYR CG  CD1  doub Y N 389 
TYR CG  CD2  sing Y N 390 
TYR CD1 CE1  sing Y N 391 
TYR CD1 HD1  sing N N 392 
TYR CD2 CE2  doub Y N 393 
TYR CD2 HD2  sing N N 394 
TYR CE1 CZ   doub Y N 395 
TYR CE1 HE1  sing N N 396 
TYR CE2 CZ   sing Y N 397 
TYR CE2 HE2  sing N N 398 
TYR CZ  OH   sing N N 399 
TYR OH  HH   sing N N 400 
TYR OXT HXT  sing N N 401 
VAL N   CA   sing N N 402 
VAL N   H    sing N N 403 
VAL N   H2   sing N N 404 
VAL CA  C    sing N N 405 
VAL CA  CB   sing N N 406 
VAL CA  HA   sing N N 407 
VAL C   O    doub N N 408 
VAL C   OXT  sing N N 409 
VAL CB  CG1  sing N N 410 
VAL CB  CG2  sing N N 411 
VAL CB  HB   sing N N 412 
VAL CG1 HG11 sing N N 413 
VAL CG1 HG12 sing N N 414 
VAL CG1 HG13 sing N N 415 
VAL CG2 HG21 sing N N 416 
VAL CG2 HG22 sing N N 417 
VAL CG2 HG23 sing N N 418 
VAL OXT HXT  sing N N 419 
# 
_pdbx_entity_instance_feature.ordinal        1 
_pdbx_entity_instance_feature.comp_id        OJH 
_pdbx_entity_instance_feature.asym_id        ? 
_pdbx_entity_instance_feature.seq_num        ? 
_pdbx_entity_instance_feature.auth_comp_id   OJH 
_pdbx_entity_instance_feature.auth_asym_id   ? 
_pdbx_entity_instance_feature.auth_seq_num   ? 
_pdbx_entity_instance_feature.feature_type   'SUBJECT OF INVESTIGATION' 
_pdbx_entity_instance_feature.details        ? 
# 
_atom_sites.entry_id                    6YB4 
_atom_sites.Cartn_transf_matrix[1][1]   ? 
_atom_sites.Cartn_transf_matrix[1][2]   ? 
_atom_sites.Cartn_transf_matrix[1][3]   ? 
_atom_sites.Cartn_transf_matrix[2][1]   ? 
_atom_sites.Cartn_transf_matrix[2][2]   ? 
_atom_sites.Cartn_transf_matrix[2][3]   ? 
_atom_sites.Cartn_transf_matrix[3][1]   ? 
_atom_sites.Cartn_transf_matrix[3][2]   ? 
_atom_sites.Cartn_transf_matrix[3][3]   ? 
_atom_sites.Cartn_transf_vector[1]      ? 
_atom_sites.Cartn_transf_vector[2]      ? 
_atom_sites.Cartn_transf_vector[3]      ? 
_atom_sites.fract_transf_matrix[1][1]   -0.01100477 
_atom_sites.fract_transf_matrix[1][2]   0.00419397 
_atom_sites.fract_transf_matrix[1][3]   -0.00852975 
_atom_sites.fract_transf_matrix[2][1]   -0.00878118 
_atom_sites.fract_transf_matrix[2][2]   0.01078891 
_atom_sites.fract_transf_matrix[2][3]   0.00423792 
_atom_sites.fract_transf_matrix[3][1]   0.00434579 
_atom_sites.fract_transf_matrix[3][2]   0.00481038 
_atom_sites.fract_transf_matrix[3][3]   -0.00324158 
_atom_sites.fract_transf_vector[1]      0.138905 
_atom_sites.fract_transf_vector[2]      0.603354 
_atom_sites.fract_transf_vector[3]      0.026542 
_atom_sites.solution_primary            ? 
_atom_sites.solution_secondary          ? 
_atom_sites.solution_hydrogens          ? 
_atom_sites.special_details             ? 
# 
loop_
_atom_type.symbol 
_atom_type.pdbx_scat_Z 
_atom_type.pdbx_N_electrons 
_atom_type.scat_Cromer_Mann_a1 
_atom_type.scat_Cromer_Mann_b1 
_atom_type.scat_Cromer_Mann_a2 
_atom_type.scat_Cromer_Mann_b2 
_atom_type.scat_Cromer_Mann_a3 
_atom_type.scat_Cromer_Mann_b3 
_atom_type.scat_Cromer_Mann_a4 
_atom_type.scat_Cromer_Mann_b4 
_atom_type.scat_Cromer_Mann_c 
BR 35 35 17.182 2.172  5.237 16.580 5.639 0.261  3.986 41.433 0.485   
C  6  6  2.310  20.844 1.020 10.208 1.589 0.569  0.865 51.651 0.216   
H  1  1  0.493  10.511 0.323 26.126 0.140 3.142  0.041 57.800 0.003   
N  7  7  12.222 0.006  3.135 9.893  2.014 28.997 1.167 0.583  -11.538 
O  8  8  3.049  13.277 2.287 5.701  1.546 0.324  0.867 32.909 0.251   
S  16 16 6.905  1.468  5.203 22.215 1.438 0.254  1.586 56.172 1.050   
# 
loop_
_atom_site.group_PDB 
_atom_site.id 
_atom_site.type_symbol 
_atom_site.label_atom_id 
_atom_site.label_alt_id 
_atom_site.label_comp_id 
_atom_site.label_asym_id 
_atom_site.label_entity_id 
_atom_site.label_seq_id 
_atom_site.pdbx_PDB_ins_code 
_atom_site.Cartn_x 
_atom_site.Cartn_y 
_atom_site.Cartn_z 
_atom_site.occupancy 
_atom_site.B_iso_or_equiv 
_atom_site.pdbx_formal_charge 
_atom_site.auth_seq_id 
_atom_site.auth_comp_id 
_atom_site.auth_asym_id 
_atom_site.auth_atom_id 
_atom_site.pdbx_PDB_model_num 
ATOM   1    N  N   . SER A 1 1   ? -20.129 -4.136  -17.295 1.000 42.405 ? 979  SER AAA N   1 
ATOM   2    C  CA  . SER A 1 1   ? -21.271 -4.973  -16.833 1.000 43.764 ? 979  SER AAA CA  1 
ATOM   3    C  C   . SER A 1 1   ? -21.368 -4.942  -15.303 1.000 46.999 ? 979  SER AAA C   1 
ATOM   4    O  O   . SER A 1 1   ? -20.390 -4.514  -14.652 1.000 41.580 ? 979  SER AAA O   1 
ATOM   5    C  CB  . SER A 1 1   ? -21.133 -6.386  -17.327 1.000 47.067 ? 979  SER AAA CB  1 
ATOM   6    O  OG  . SER A 1 1   ? -19.970 -6.996  -16.783 1.000 45.371 ? 979  SER AAA OG  1 
ATOM   7    N  N   . MET A 1 2   ? -22.498 -5.400  -14.758 1.000 48.091 ? 980  MET AAA N   1 
ATOM   8    C  CA  . MET A 1 2   ? -22.690 -5.609  -13.298 1.000 49.705 ? 980  MET AAA CA  1 
ATOM   9    C  C   . MET A 1 2   ? -21.711 -6.690  -12.813 1.000 42.449 ? 980  MET AAA C   1 
ATOM   10   O  O   . MET A 1 2   ? -21.226 -6.572  -11.677 1.000 40.510 ? 980  MET AAA O   1 
ATOM   11   C  CB  . MET A 1 2   ? -24.129 -6.033  -12.981 1.000 58.644 ? 980  MET AAA CB  1 
ATOM   12   C  CG  . MET A 1 2   ? -24.440 -6.102  -11.493 1.000 68.265 ? 980  MET AAA CG  1 
ATOM   13   S  SD  . MET A 1 2   ? -24.193 -4.522  -10.630 1.000 81.514 ? 980  MET AAA SD  1 
ATOM   14   C  CE  . MET A 1 2   ? -25.579 -3.579  -11.265 1.000 81.507 ? 980  MET AAA CE  1 
ATOM   15   N  N   . GLN A 1 3   ? -21.413 -7.688  -13.651 1.000 39.769 ? 981  GLN AAA N   1 
ATOM   16   C  CA  . GLN A 1 3   ? -20.465 -8.791  -13.327 1.000 43.166 ? 981  GLN AAA CA  1 
ATOM   17   C  C   . GLN A 1 3   ? -19.059 -8.204  -13.151 1.000 38.587 ? 981  GLN AAA C   1 
ATOM   18   O  O   . GLN A 1 3   ? -18.338 -8.637  -12.225 1.000 36.154 ? 981  GLN AAA O   1 
ATOM   19   C  CB  . GLN A 1 3   ? -20.466 -9.870  -14.416 1.000 47.420 ? 981  GLN AAA CB  1 
ATOM   20   C  CG  . GLN A 1 3   ? -21.843 -10.465 -14.697 1.000 53.678 ? 981  GLN AAA CG  1 
ATOM   21   C  CD  . GLN A 1 3   ? -22.611 -9.676  -15.731 1.000 58.010 ? 981  GLN AAA CD  1 
ATOM   22   O  OE1 . GLN A 1 3   ? -23.609 -9.025  -15.429 1.000 64.733 ? 981  GLN AAA OE1 1 
ATOM   23   N  NE2 . GLN A 1 3   ? -22.130 -9.701  -16.963 1.000 62.192 ? 981  GLN AAA NE2 1 
ATOM   24   N  N   . GLU A 1 4   ? -18.679 -7.254  -14.008 1.000 35.100 ? 982  GLU AAA N   1 
ATOM   25   C  CA  . GLU A 1 4   ? -17.370 -6.556  -13.918 1.000 35.156 ? 982  GLU AAA CA  1 
ATOM   26   C  C   . GLU A 1 4   ? -17.349 -5.690  -12.655 1.000 32.152 ? 982  GLU AAA C   1 
ATOM   27   O  O   . GLU A 1 4   ? -16.326 -5.731  -11.943 1.000 29.507 ? 982  GLU AAA O   1 
ATOM   28   C  CB  . GLU A 1 4   ? -17.092 -5.753  -15.188 1.000 35.577 ? 982  GLU AAA CB  1 
ATOM   29   C  CG  . GLU A 1 4   ? -16.758 -6.638  -16.374 1.000 38.151 ? 982  GLU AAA CG  1 
ATOM   30   C  CD  . GLU A 1 4   ? -16.668 -5.909  -17.704 1.000 41.507 ? 982  GLU AAA CD  1 
ATOM   31   O  OE1 . GLU A 1 4   ? -17.165 -4.766  -17.787 1.000 41.885 ? 982  GLU AAA OE1 1 
ATOM   32   O  OE2 . GLU A 1 4   ? -16.095 -6.483  -18.647 1.000 40.383 ? 982  GLU AAA OE2 1 
ATOM   33   N  N   . GLU A 1 5   ? -18.425 -4.942  -12.388 1.000 29.885 ? 983  GLU AAA N   1 
ATOM   34   C  CA  . GLU A 1 5   ? -18.576 -4.116  -11.157 1.000 32.790 ? 983  GLU AAA CA  1 
ATOM   35   C  C   . GLU A 1 5   ? -18.462 -5.015  -9.914  1.000 29.958 ? 983  GLU AAA C   1 
ATOM   36   O  O   . GLU A 1 5   ? -17.799 -4.598  -8.942  1.000 25.308 ? 983  GLU AAA O   1 
ATOM   37   C  CB  . GLU A 1 5   ? -19.908 -3.363  -11.157 1.000 39.562 ? 983  GLU AAA CB  1 
ATOM   38   C  CG  . GLU A 1 5   ? -19.958 -2.211  -12.147 1.000 46.232 ? 983  GLU AAA CG  1 
ATOM   39   C  CD  . GLU A 1 5   ? -21.337 -1.607  -12.365 1.000 56.447 ? 983  GLU AAA CD  1 
ATOM   40   O  OE1 . GLU A 1 5   ? -22.248 -1.889  -11.555 1.000 58.123 ? 983  GLU AAA OE1 1 
ATOM   41   O  OE2 . GLU A 1 5   ? -21.500 -0.855  -13.351 1.000 64.536 ? 983  GLU AAA OE2 1 
ATOM   42   N  N   . ASP A 1 6   ? -19.096 -6.192  -9.933  1.000 26.132 ? 984  ASP AAA N   1 
ATOM   43   C  CA  . ASP A 1 6   ? -19.019 -7.186  -8.827  1.000 27.641 ? 984  ASP AAA CA  1 
ATOM   44   C  C   . ASP A 1 6   ? -17.561 -7.637  -8.642  1.000 23.373 ? 984  ASP AAA C   1 
ATOM   45   O  O   . ASP A 1 6   ? -17.158 -7.850  -7.485  1.000 23.831 ? 984  ASP AAA O   1 
ATOM   46   C  CB  . ASP A 1 6   ? -19.924 -8.393  -9.090  1.000 30.709 ? 984  ASP AAA CB  1 
ATOM   47   C  CG  . ASP A 1 6   ? -21.415 -8.119  -8.959  1.000 34.390 ? 984  ASP AAA CG  1 
ATOM   48   O  OD1 . ASP A 1 6   ? -21.780 -7.101  -8.347  1.000 36.090 ? 984  ASP AAA OD1 1 
ATOM   49   O  OD2 . ASP A 1 6   ? -22.196 -8.942  -9.469  1.000 43.584 ? 984  ASP AAA OD2 1 
ATOM   50   N  N   . THR A 1 7   ? -16.805 -7.797  -9.733  1.000 21.512 ? 985  THR AAA N   1 
ATOM   51   C  CA  . THR A 1 7   ? -15.377 -8.219  -9.698  1.000 21.955 ? 985  THR AAA CA  1 
ATOM   52   C  C   . THR A 1 7   ? -14.567 -7.148  -8.961  1.000 21.891 ? 985  THR AAA C   1 
ATOM   53   O  O   . THR A 1 7   ? -13.819 -7.499  -8.027  1.000 19.204 ? 985  THR AAA O   1 
ATOM   54   C  CB  . THR A 1 7   ? -14.813 -8.476  -11.099 1.000 23.350 ? 985  THR AAA CB  1 
ATOM   55   O  OG1 . THR A 1 7   ? -15.603 -9.492  -11.722 1.000 24.437 ? 985  THR AAA OG1 1 
ATOM   56   C  CG2 . THR A 1 7   ? -13.362 -8.902  -11.071 1.000 23.579 ? 985  THR AAA CG2 1 
ATOM   57   N  N   . PHE A 1 8   ? -14.711 -5.883  -9.350  1.000 22.513 ? 986  PHE AAA N   1 
ATOM   58   C  CA  . PHE A 1 8   ? -13.955 -4.772  -8.716  1.000 23.158 ? 986  PHE AAA CA  1 
ATOM   59   C  C   . PHE A 1 8   ? -14.397 -4.604  -7.259  1.000 21.455 ? 986  PHE AAA C   1 
ATOM   60   O  O   . PHE A 1 8   ? -13.543 -4.225  -6.437  1.000 22.292 ? 986  PHE AAA O   1 
ATOM   61   C  CB  . PHE A 1 8   ? -14.078 -3.483  -9.527  1.000 23.805 ? 986  PHE AAA CB  1 
ATOM   62   C  CG  . PHE A 1 8   ? -13.391 -3.541  -10.867 1.000 27.254 ? 986  PHE AAA CG  1 
ATOM   63   C  CD1 . PHE A 1 8   ? -12.089 -4.005  -10.984 1.000 27.739 ? 986  PHE AAA CD1 1 
ATOM   64   C  CD2 . PHE A 1 8   ? -14.043 -3.117  -12.016 1.000 29.190 ? 986  PHE AAA CD2 1 
ATOM   65   C  CE1 . PHE A 1 8   ? -11.459 -4.054  -12.218 1.000 30.091 ? 986  PHE AAA CE1 1 
ATOM   66   C  CE2 . PHE A 1 8   ? -13.409 -3.158  -13.248 1.000 28.264 ? 986  PHE AAA CE2 1 
ATOM   67   C  CZ  . PHE A 1 8   ? -12.121 -3.628  -13.349 1.000 30.491 ? 986  PHE AAA CZ  1 
ATOM   68   N  N   . ARG A 1 9   ? -15.665 -4.858  -6.923  1.000 21.582 ? 987  ARG AAA N   1 
ATOM   69   C  CA  A ARG A 1 9   ? -16.128 -4.750  -5.515  0.500 21.431 ? 987  ARG AAA CA  1 
ATOM   70   C  CA  B ARG A 1 9   ? -16.146 -4.765  -5.519  0.500 22.569 ? 987  ARG AAA CA  1 
ATOM   71   C  C   . ARG A 1 9   ? -15.415 -5.828  -4.688  1.000 19.919 ? 987  ARG AAA C   1 
ATOM   72   O  O   . ARG A 1 9   ? -14.959 -5.501  -3.589  1.000 17.929 ? 987  ARG AAA O   1 
ATOM   73   C  CB  A ARG A 1 9   ? -17.651 -4.853  -5.400  0.500 22.693 ? 987  ARG AAA CB  1 
ATOM   74   C  CB  B ARG A 1 9   ? -17.667 -4.925  -5.439  0.500 25.872 ? 987  ARG AAA CB  1 
ATOM   75   C  CG  A ARG A 1 9   ? -18.146 -4.663  -3.975  0.500 24.771 ? 987  ARG AAA CG  1 
ATOM   76   C  CG  B ARG A 1 9   ? -18.252 -4.543  -4.087  0.500 30.122 ? 987  ARG AAA CG  1 
ATOM   77   C  CD  A ARG A 1 9   ? -19.541 -4.085  -3.865  0.500 25.898 ? 987  ARG AAA CD  1 
ATOM   78   C  CD  B ARG A 1 9   ? -19.767 -4.452  -4.100  0.500 34.308 ? 987  ARG AAA CD  1 
ATOM   79   N  NE  A ARG A 1 9   ? -19.895 -3.884  -2.470  0.500 26.934 ? 987  ARG AAA NE  1 
ATOM   80   N  NE  B ARG A 1 9   ? -20.255 -3.663  -5.222  0.500 37.657 ? 987  ARG AAA NE  1 
ATOM   81   C  CZ  A ARG A 1 9   ? -20.356 -4.831  -1.658  0.500 26.840 ? 987  ARG AAA CZ  1 
ATOM   82   C  CZ  B ARG A 1 9   ? -20.847 -4.171  -6.298  0.500 38.248 ? 987  ARG AAA CZ  1 
ATOM   83   N  NH1 A ARG A 1 9   ? -20.530 -6.068  -2.095  0.500 25.810 ? 987  ARG AAA NH1 1 
ATOM   84   N  NH1 B ARG A 1 9   ? -21.035 -5.475  -6.400  0.500 39.084 ? 987  ARG AAA NH1 1 
ATOM   85   N  NH2 A ARG A 1 9   ? -20.637 -4.533  -0.404  0.500 28.616 ? 987  ARG AAA NH2 1 
ATOM   86   N  NH2 B ARG A 1 9   ? -21.249 -3.370  -7.269  0.500 37.808 ? 987  ARG AAA NH2 1 
ATOM   87   N  N   . GLU A 1 10  ? -15.302 -7.046  -5.220  1.000 19.250 ? 988  GLU AAA N   1 
ATOM   88   C  CA  . GLU A 1 10  ? -14.565 -8.140  -4.536  1.000 18.360 ? 988  GLU AAA CA  1 
ATOM   89   C  C   . GLU A 1 10  ? -13.095 -7.731  -4.368  1.000 17.829 ? 988  GLU AAA C   1 
ATOM   90   O  O   . GLU A 1 10  ? -12.554 -7.938  -3.268  1.000 17.103 ? 988  GLU AAA O   1 
ATOM   91   C  CB  . GLU A 1 10  ? -14.687 -9.476  -5.266  1.000 19.974 ? 988  GLU AAA CB  1 
ATOM   92   C  CG  . GLU A 1 10  ? -13.890 -10.563 -4.572  1.000 21.081 ? 988  GLU AAA CG  1 
ATOM   93   C  CD  . GLU A 1 10  ? -14.231 -11.992 -4.936  1.000 23.645 ? 988  GLU AAA CD  1 
ATOM   94   O  OE1 . GLU A 1 10  ? -15.204 -12.198 -5.691  1.000 22.687 ? 988  GLU AAA OE1 1 
ATOM   95   O  OE2 . GLU A 1 10  ? -13.508 -12.895 -4.461  1.000 20.905 ? 988  GLU AAA OE2 1 
ATOM   96   N  N   . LEU A 1 11  ? -12.470 -7.153  -5.395  1.000 17.642 ? 989  LEU AAA N   1 
ATOM   97   C  CA  . LEU A 1 11  ? -11.070 -6.658  -5.299  1.000 18.534 ? 989  LEU AAA CA  1 
ATOM   98   C  C   . LEU A 1 11  ? -10.959 -5.655  -4.139  1.000 18.068 ? 989  LEU AAA C   1 
ATOM   99   O  O   . LEU A 1 11  ? -10.021 -5.794  -3.338  1.000 16.250 ? 989  LEU AAA O   1 
ATOM   100  C  CB  . LEU A 1 11  ? -10.625 -6.037  -6.628  1.000 19.614 ? 989  LEU AAA CB  1 
ATOM   101  C  CG  . LEU A 1 11  ? -9.233  -5.406  -6.618  1.000 20.959 ? 989  LEU AAA CG  1 
ATOM   102  C  CD1 . LEU A 1 11  ? -8.155  -6.438  -6.313  1.000 20.643 ? 989  LEU AAA CD1 1 
ATOM   103  C  CD2 . LEU A 1 11  ? -8.935  -4.717  -7.940  1.000 22.471 ? 989  LEU AAA CD2 1 
ATOM   104  N  N   . ARG A 1 12  ? -11.874 -4.684  -4.034  1.000 18.074 ? 990  ARG AAA N   1 
ATOM   105  C  CA  . ARG A 1 12  ? -11.836 -3.650  -2.959  1.000 17.837 ? 990  ARG AAA CA  1 
ATOM   106  C  C   . ARG A 1 12  ? -11.953 -4.313  -1.583  1.000 16.926 ? 990  ARG AAA C   1 
ATOM   107  O  O   . ARG A 1 12  ? -11.179 -3.931  -0.687  1.000 16.702 ? 990  ARG AAA O   1 
ATOM   108  C  CB  . ARG A 1 12  ? -12.926 -2.593  -3.168  1.000 19.037 ? 990  ARG AAA CB  1 
ATOM   109  C  CG  . ARG A 1 12  ? -12.708 -1.731  -4.403  1.000 19.488 ? 990  ARG AAA CG  1 
ATOM   110  C  CD  . ARG A 1 12  ? -13.574 -0.486  -4.417  1.000 20.437 ? 990  ARG AAA CD  1 
ATOM   111  N  NE  . ARG A 1 12  ? -15.002 -0.779  -4.458  1.000 21.255 ? 990  ARG AAA NE  1 
ATOM   112  C  CZ  . ARG A 1 12  ? -15.709 -1.034  -5.561  1.000 22.808 ? 990  ARG AAA CZ  1 
ATOM   113  N  NH1 . ARG A 1 12  ? -15.130 -1.062  -6.748  1.000 22.905 ? 990  ARG AAA NH1 1 
ATOM   114  N  NH2 . ARG A 1 12  ? -17.003 -1.276  -5.463  1.000 24.340 ? 990  ARG AAA NH2 1 
ATOM   115  N  N   . ILE A 1 13  ? -12.870 -5.272  -1.410  1.000 16.919 ? 991  ILE AAA N   1 
ATOM   116  C  CA  . ILE A 1 13  ? -13.064 -5.997  -0.120  1.000 16.950 ? 991  ILE AAA CA  1 
ATOM   117  C  C   . ILE A 1 13  ? -11.756 -6.719  0.236   1.000 16.832 ? 991  ILE AAA C   1 
ATOM   118  O  O   . ILE A 1 13  ? -11.295 -6.599  1.392   1.000 17.121 ? 991  ILE AAA O   1 
ATOM   119  C  CB  . ILE A 1 13  ? -14.278 -6.942  -0.191  1.000 18.024 ? 991  ILE AAA CB  1 
ATOM   120  C  CG1 . ILE A 1 13  ? -15.579 -6.140  -0.315  1.000 19.648 ? 991  ILE AAA CG1 1 
ATOM   121  C  CG2 . ILE A 1 13  ? -14.310 -7.876  1.005   1.000 19.703 ? 991  ILE AAA CG2 1 
ATOM   122  C  CD1 . ILE A 1 13  ? -16.745 -6.924  -0.848  1.000 21.171 ? 991  ILE AAA CD1 1 
ATOM   123  N  N   . PHE A 1 14  ? -11.157 -7.399  -0.734  1.000 16.455 ? 992  PHE AAA N   1 
ATOM   124  C  CA  . PHE A 1 14  ? -9.878  -8.131  -0.548  1.000 17.389 ? 992  PHE AAA CA  1 
ATOM   125  C  C   . PHE A 1 14  ? -8.778  -7.137  -0.132  1.000 17.023 ? 992  PHE AAA C   1 
ATOM   126  O  O   . PHE A 1 14  ? -8.074  -7.386  0.861   1.000 16.612 ? 992  PHE AAA O   1 
ATOM   127  C  CB  . PHE A 1 14  ? -9.535  -8.924  -1.808  1.000 18.344 ? 992  PHE AAA CB  1 
ATOM   128  C  CG  . PHE A 1 14  ? -8.172  -9.555  -1.751  1.000 18.809 ? 992  PHE AAA CG  1 
ATOM   129  C  CD1 . PHE A 1 14  ? -7.937  -10.659 -0.944  1.000 19.989 ? 992  PHE AAA CD1 1 
ATOM   130  C  CD2 . PHE A 1 14  ? -7.117  -9.009  -2.456  1.000 19.377 ? 992  PHE AAA CD2 1 
ATOM   131  C  CE1 . PHE A 1 14  ? -6.674  -11.224 -0.876  1.000 20.866 ? 992  PHE AAA CE1 1 
ATOM   132  C  CE2 . PHE A 1 14  ? -5.854  -9.575  -2.381  1.000 21.906 ? 992  PHE AAA CE2 1 
ATOM   133  C  CZ  . PHE A 1 14  ? -5.638  -10.679 -1.595  1.000 20.707 ? 992  PHE AAA CZ  1 
ATOM   134  N  N   . LEU A 1 15  ? -8.639  -6.021  -0.848  1.000 16.324 ? 993  LEU AAA N   1 
ATOM   135  C  CA  . LEU A 1 15  ? -7.564  -5.028  -0.572  1.000 17.024 ? 993  LEU AAA CA  1 
ATOM   136  C  C   . LEU A 1 15  ? -7.779  -4.343  0.785   1.000 16.712 ? 993  LEU AAA C   1 
ATOM   137  O  O   . LEU A 1 15  ? -6.757  -4.088  1.473   1.000 16.456 ? 993  LEU AAA O   1 
ATOM   138  C  CB  . LEU A 1 15  ? -7.492  -4.012  -1.712  1.000 17.286 ? 993  LEU AAA CB  1 
ATOM   139  C  CG  . LEU A 1 15  ? -7.044  -4.555  -3.066  1.000 17.699 ? 993  LEU AAA CG  1 
ATOM   140  C  CD1 . LEU A 1 15  ? -6.961  -3.432  -4.089  1.000 19.488 ? 993  LEU AAA CD1 1 
ATOM   141  C  CD2 . LEU A 1 15  ? -5.714  -5.286  -2.965  1.000 17.980 ? 993  LEU AAA CD2 1 
ATOM   142  N  N   . ARG A 1 16  ? -9.025  -4.035  1.167   1.000 16.581 ? 994  ARG AAA N   1 
ATOM   143  C  CA  . ARG A 1 16  ? -9.328  -3.459  2.504   1.000 18.984 ? 994  ARG AAA CA  1 
ATOM   144  C  C   . ARG A 1 16  ? -8.878  -4.419  3.604   1.000 17.461 ? 994  ARG AAA C   1 
ATOM   145  O  O   . ARG A 1 16  ? -8.297  -3.955  4.600   1.000 17.050 ? 994  ARG AAA O   1 
ATOM   146  C  CB  . ARG A 1 16  ? -10.818 -3.182  2.696   1.000 21.402 ? 994  ARG AAA CB  1 
ATOM   147  C  CG  . ARG A 1 16  ? -11.263 -1.865  2.093   1.000 24.420 ? 994  ARG AAA CG  1 
ATOM   148  C  CD  . ARG A 1 16  ? -12.655 -1.456  2.524   1.000 23.446 ? 994  ARG AAA CD  1 
ATOM   149  N  NE  . ARG A 1 16  ? -13.184 -0.654  1.443   1.000 25.109 ? 994  ARG AAA NE  1 
ATOM   150  C  CZ  . ARG A 1 16  ? -13.976 -1.078  0.464   1.000 25.521 ? 994  ARG AAA CZ  1 
ATOM   151  N  NH1 . ARG A 1 16  ? -14.435 -2.318  0.432   1.000 24.598 ? 994  ARG AAA NH1 1 
ATOM   152  N  NH2 . ARG A 1 16  ? -14.333 -0.228  -0.478  1.000 27.157 ? 994  ARG AAA NH2 1 
ATOM   153  N  N   . ASN A 1 17  ? -9.149  -5.706  3.429   1.000 16.964 ? 995  ASN AAA N   1 
ATOM   154  C  CA  . ASN A 1 17  ? -8.806  -6.742  4.434   1.000 17.230 ? 995  ASN AAA CA  1 
ATOM   155  C  C   . ASN A 1 17  ? -7.277  -6.845  4.574   1.000 17.029 ? 995  ASN AAA C   1 
ATOM   156  O  O   . ASN A 1 17  ? -6.783  -6.848  5.721   1.000 16.980 ? 995  ASN AAA O   1 
ATOM   157  C  CB  . ASN A 1 17  ? -9.440  -8.079  4.077   1.000 18.595 ? 995  ASN AAA CB  1 
ATOM   158  C  CG  . ASN A 1 17  ? -9.001  -9.153  5.042   1.000 21.800 ? 995  ASN AAA CG  1 
ATOM   159  O  OD1 . ASN A 1 17  ? -8.102  -9.911  4.733   1.000 20.462 ? 995  ASN AAA OD1 1 
ATOM   160  N  ND2 . ASN A 1 17  ? -9.593  -9.176  6.227   1.000 23.949 ? 995  ASN AAA ND2 1 
ATOM   161  N  N   . VAL A 1 18  ? -6.545  -6.913  3.465   1.000 15.897 ? 996  VAL AAA N   1 
ATOM   162  C  CA  . VAL A 1 18  ? -5.050  -6.976  3.510   1.000 17.695 ? 996  VAL AAA CA  1 
ATOM   163  C  C   . VAL A 1 18  ? -4.542  -5.719  4.230   1.000 16.768 ? 996  VAL AAA C   1 
ATOM   164  O  O   . VAL A 1 18  ? -3.702  -5.842  5.154   1.000 16.523 ? 996  VAL AAA O   1 
ATOM   165  C  CB  . VAL A 1 18  ? -4.432  -7.124  2.109   1.000 18.288 ? 996  VAL AAA CB  1 
ATOM   166  C  CG1 . VAL A 1 18  ? -2.913  -7.043  2.155   1.000 19.249 ? 996  VAL AAA CG1 1 
ATOM   167  C  CG2 . VAL A 1 18  ? -4.883  -8.407  1.428   1.000 19.122 ? 996  VAL AAA CG2 1 
ATOM   168  N  N   . THR A 1 19  ? -5.033  -4.542  3.846   1.000 15.680 ? 997  THR AAA N   1 
ATOM   169  C  CA  . THR A 1 19  ? -4.565  -3.245  4.405   1.000 16.472 ? 997  THR AAA CA  1 
ATOM   170  C  C   . THR A 1 19  ? -4.858  -3.193  5.907   1.000 17.049 ? 997  THR AAA C   1 
ATOM   171  O  O   . THR A 1 19  ? -3.971  -2.728  6.671   1.000 16.887 ? 997  THR AAA O   1 
ATOM   172  C  CB  . THR A 1 19  ? -5.196  -2.058  3.672   1.000 17.730 ? 997  THR AAA CB  1 
ATOM   173  O  OG1 . THR A 1 19  ? -4.974  -2.277  2.280   1.000 17.646 ? 997  THR AAA OG1 1 
ATOM   174  C  CG2 . THR A 1 19  ? -4.616  -0.731  4.105   1.000 19.340 ? 997  THR AAA CG2 1 
ATOM   175  N  N   . HIS A 1 20  ? -6.048  -3.628  6.318   1.000 16.855 ? 998  HIS AAA N   1 
ATOM   176  C  CA  . HIS A 1 20  ? -6.460  -3.681  7.746   1.000 18.531 ? 998  HIS AAA CA  1 
ATOM   177  C  C   . HIS A 1 20  ? -5.454  -4.520  8.546   1.000 18.817 ? 998  HIS AAA C   1 
ATOM   178  O  O   . HIS A 1 20  ? -5.020  -4.082  9.630   1.000 19.181 ? 998  HIS AAA O   1 
ATOM   179  C  CB  . HIS A 1 20  ? -7.883  -4.234  7.880   1.000 19.726 ? 998  HIS AAA CB  1 
ATOM   180  C  CG  . HIS A 1 20  ? -8.297  -4.400  9.298   1.000 21.154 ? 998  HIS AAA CG  1 
ATOM   181  N  ND1 . HIS A 1 20  ? -8.534  -3.317  10.122  1.000 21.264 ? 998  HIS AAA ND1 1 
ATOM   182  C  CD2 . HIS A 1 20  ? -8.493  -5.505  10.047  1.000 22.795 ? 998  HIS AAA CD2 1 
ATOM   183  C  CE1 . HIS A 1 20  ? -8.883  -3.751  11.317  1.000 23.902 ? 998  HIS AAA CE1 1 
ATOM   184  N  NE2 . HIS A 1 20  ? -8.865  -5.092  11.295  1.000 24.451 ? 998  HIS AAA NE2 1 
ATOM   185  N  N   . ARG A 1 21  ? -5.090  -5.692  8.032   1.000 18.693 ? 999  ARG AAA N   1 
ATOM   186  C  CA  . ARG A 1 21  ? -4.177  -6.628  8.731   1.000 19.459 ? 999  ARG AAA CA  1 
ATOM   187  C  C   . ARG A 1 21  ? -2.786  -5.999  8.870   1.000 20.799 ? 999  ARG AAA C   1 
ATOM   188  O  O   . ARG A 1 21  ? -2.150  -6.230  9.914   1.000 22.094 ? 999  ARG AAA O   1 
ATOM   189  C  CB  . ARG A 1 21  ? -4.198  -7.974  8.014   1.000 19.275 ? 999  ARG AAA CB  1 
ATOM   190  C  CG  . ARG A 1 21  ? -5.496  -8.724  8.278   1.000 20.488 ? 999  ARG AAA CG  1 
ATOM   191  C  CD  . ARG A 1 21  ? -5.870  -9.674  7.159   1.000 20.220 ? 999  ARG AAA CD  1 
ATOM   192  N  NE  . ARG A 1 21  ? -4.924  -10.771 7.100   1.000 20.062 ? 999  ARG AAA NE  1 
ATOM   193  C  CZ  . ARG A 1 21  ? -4.882  -11.677 6.130   1.000 18.679 ? 999  ARG AAA CZ  1 
ATOM   194  N  NH1 . ARG A 1 21  ? -5.737  -11.622 5.122   1.000 19.611 ? 999  ARG AAA NH1 1 
ATOM   195  N  NH2 . ARG A 1 21  ? -3.971  -12.629 6.172   1.000 19.440 ? 999  ARG AAA NH2 1 
ATOM   196  N  N   . LEU A 1 22  ? -2.334  -5.228  7.881   1.000 18.263 ? 1000 LEU AAA N   1 
ATOM   197  C  CA  . LEU A 1 22  ? -1.054  -4.478  7.986   1.000 19.025 ? 1000 LEU AAA CA  1 
ATOM   198  C  C   . LEU A 1 22  ? -1.217  -3.381  9.042   1.000 20.917 ? 1000 LEU AAA C   1 
ATOM   199  O  O   . LEU A 1 22  ? -0.320  -3.246  9.891   1.000 21.751 ? 1000 LEU AAA O   1 
ATOM   200  C  CB  . LEU A 1 22  ? -0.667  -3.882  6.630   1.000 19.056 ? 1000 LEU AAA CB  1 
ATOM   201  C  CG  . LEU A 1 22  ? -0.504  -4.871  5.478   1.000 19.809 ? 1000 LEU AAA CG  1 
ATOM   202  C  CD1 . LEU A 1 22  ? -0.264  -4.124  4.178   1.000 20.028 ? 1000 LEU AAA CD1 1 
ATOM   203  C  CD2 . LEU A 1 22  ? 0.630   -5.857  5.747   1.000 20.448 ? 1000 LEU AAA CD2 1 
ATOM   204  N  N   . ALA A 1 23  ? -2.346  -2.667  9.027   1.000 19.717 ? 1001 ALA AAA N   1 
ATOM   205  C  CA  . ALA A 1 23  ? -2.570  -1.452  9.847   1.000 20.725 ? 1001 ALA AAA CA  1 
ATOM   206  C  C   . ALA A 1 23  ? -2.692  -1.799  11.336  1.000 22.594 ? 1001 ALA AAA C   1 
ATOM   207  O  O   . ALA A 1 23  ? -2.408  -0.906  12.145  1.000 21.375 ? 1001 ALA AAA O   1 
ATOM   208  C  CB  . ALA A 1 23  ? -3.786  -0.702  9.366   1.000 21.296 ? 1001 ALA AAA CB  1 
ATOM   209  N  N   . ILE A 1 24  ? -3.115  -3.016  11.693  1.000 22.077 ? 1002 ILE AAA N   1 
ATOM   210  C  CA  . ILE A 1 24  ? -3.297  -3.418  13.120  1.000 23.264 ? 1002 ILE AAA CA  1 
ATOM   211  C  C   . ILE A 1 24  ? -2.000  -4.031  13.671  1.000 25.215 ? 1002 ILE AAA C   1 
ATOM   212  O  O   . ILE A 1 24  ? -1.963  -4.280  14.890  1.000 26.334 ? 1002 ILE AAA O   1 
ATOM   213  C  CB  . ILE A 1 24  ? -4.514  -4.345  13.311  1.000 22.867 ? 1002 ILE AAA CB  1 
ATOM   214  C  CG1 . ILE A 1 24  ? -4.337  -5.702  12.625  1.000 22.209 ? 1002 ILE AAA CG1 1 
ATOM   215  C  CG2 . ILE A 1 24  ? -5.779  -3.629  12.869  1.000 24.517 ? 1002 ILE AAA CG2 1 
ATOM   216  C  CD1 . ILE A 1 24  ? -5.415  -6.709  12.961  1.000 25.717 ? 1002 ILE AAA CD1 1 
ATOM   217  N  N   . ASP A 1 25  ? -0.984  -4.260  12.830  1.000 22.706 ? 1003 ASP AAA N   1 
ATOM   218  C  CA  . ASP A 1 25  ? 0.338   -4.801  13.253  1.000 24.661 ? 1003 ASP AAA CA  1 
ATOM   219  C  C   . ASP A 1 25  ? 1.138   -3.656  13.884  1.000 26.208 ? 1003 ASP AAA C   1 
ATOM   220  O  O   . ASP A 1 25  ? 1.403   -2.660  13.181  1.000 24.830 ? 1003 ASP AAA O   1 
ATOM   221  C  CB  . ASP A 1 25  ? 1.075   -5.441  12.076  1.000 25.364 ? 1003 ASP AAA CB  1 
ATOM   222  C  CG  . ASP A 1 25  ? 2.325   -6.223  12.451  1.000 26.489 ? 1003 ASP AAA CG  1 
ATOM   223  O  OD1 . ASP A 1 25  ? 3.142   -5.696  13.225  1.000 28.071 ? 1003 ASP AAA OD1 1 
ATOM   224  O  OD2 . ASP A 1 25  ? 2.480   -7.346  11.939  1.000 28.109 ? 1003 ASP AAA OD2 1 
ATOM   225  N  N   . LYS A 1 26  ? 1.520   -3.796  15.159  1.000 28.554 ? 1004 LYS AAA N   1 
ATOM   226  C  CA  . LYS A 1 26  ? 2.190   -2.722  15.946  1.000 31.214 ? 1004 LYS AAA CA  1 
ATOM   227  C  C   . LYS A 1 26  ? 3.490   -2.278  15.263  1.000 25.143 ? 1004 LYS AAA C   1 
ATOM   228  O  O   . LYS A 1 26  ? 3.820   -1.090  15.407  1.000 28.846 ? 1004 LYS AAA O   1 
ATOM   229  C  CB  . LYS A 1 26  ? 2.446   -3.168  17.389  1.000 39.217 ? 1004 LYS AAA CB  1 
ATOM   230  C  CG  . LYS A 1 26  ? 1.297   -2.868  18.344  1.000 48.331 ? 1004 LYS AAA CG  1 
ATOM   231  C  CD  . LYS A 1 26  ? 1.412   -3.546  19.693  1.000 53.151 ? 1004 LYS AAA CD  1 
ATOM   232  C  CE  . LYS A 1 26  ? 0.169   -3.365  20.539  1.000 57.060 ? 1004 LYS AAA CE  1 
ATOM   233  N  NZ  . LYS A 1 26  ? 0.183   -4.247  21.730  1.000 59.773 ? 1004 LYS AAA NZ  1 
ATOM   234  N  N   . ARG A 1 27  ? 4.172   -3.168  14.531  1.000 26.851 ? 1005 ARG AAA N   1 
ATOM   235  C  CA  . ARG A 1 27  ? 5.429   -2.857  13.785  1.000 26.445 ? 1005 ARG AAA CA  1 
ATOM   236  C  C   . ARG A 1 27  ? 5.189   -1.701  12.806  1.000 27.839 ? 1005 ARG AAA C   1 
ATOM   237  O  O   . ARG A 1 27  ? 6.140   -0.928  12.559  1.000 25.462 ? 1005 ARG AAA O   1 
ATOM   238  C  CB  . ARG A 1 27  ? 5.925   -4.042  12.952  1.000 29.311 ? 1005 ARG AAA CB  1 
ATOM   239  C  CG  . ARG A 1 27  ? 6.657   -5.132  13.723  1.000 30.329 ? 1005 ARG AAA CG  1 
ATOM   240  C  CD  . ARG A 1 27  ? 7.085   -6.248  12.787  1.000 31.455 ? 1005 ARG AAA CD  1 
ATOM   241  N  NE  . ARG A 1 27  ? 5.928   -6.939  12.239  1.000 31.975 ? 1005 ARG AAA NE  1 
ATOM   242  C  CZ  . ARG A 1 27  ? 5.965   -7.917  11.341  1.000 33.894 ? 1005 ARG AAA CZ  1 
ATOM   243  N  NH1 . ARG A 1 27  ? 7.119   -8.355  10.864  1.000 33.522 ? 1005 ARG AAA NH1 1 
ATOM   244  N  NH2 . ARG A 1 27  ? 4.832   -8.461  10.926  1.000 33.055 ? 1005 ARG AAA NH2 1 
ATOM   245  N  N   . PHE A 1 28  ? 3.978   -1.609  12.242  1.000 25.383 ? 1006 PHE AAA N   1 
ATOM   246  C  CA  . PHE A 1 28  ? 3.675   -0.760  11.061  1.000 23.789 ? 1006 PHE AAA CA  1 
ATOM   247  C  C   . PHE A 1 28  ? 2.929   0.519   11.467  1.000 24.938 ? 1006 PHE AAA C   1 
ATOM   248  O  O   . PHE A 1 28  ? 2.507   1.265   10.556  1.000 22.976 ? 1006 PHE AAA O   1 
ATOM   249  C  CB  . PHE A 1 28  ? 2.927   -1.595  10.016  1.000 21.961 ? 1006 PHE AAA CB  1 
ATOM   250  C  CG  . PHE A 1 28  ? 3.608   -2.881  9.624   1.000 23.255 ? 1006 PHE AAA CG  1 
ATOM   251  C  CD1 . PHE A 1 28  ? 4.994   -2.979  9.585   1.000 22.527 ? 1006 PHE AAA CD1 1 
ATOM   252  C  CD2 . PHE A 1 28  ? 2.868   -4.010  9.308   1.000 22.355 ? 1006 PHE AAA CD2 1 
ATOM   253  C  CE1 . PHE A 1 28  ? 5.608   -4.174  9.251   1.000 22.188 ? 1006 PHE AAA CE1 1 
ATOM   254  C  CE2 . PHE A 1 28  ? 3.487   -5.197  8.952   1.000 21.975 ? 1006 PHE AAA CE2 1 
ATOM   255  C  CZ  . PHE A 1 28  ? 4.858   -5.276  8.915   1.000 21.927 ? 1006 PHE AAA CZ  1 
ATOM   256  N  N   . ARG A 1 29  ? 2.846   0.827   12.767  1.000 26.709 ? 1007 ARG AAA N   1 
ATOM   257  C  CA  . ARG A 1 29  ? 2.033   1.962   13.286  1.000 28.262 ? 1007 ARG AAA CA  1 
ATOM   258  C  C   . ARG A 1 29  ? 2.439   3.265   12.583  1.000 26.033 ? 1007 ARG AAA C   1 
ATOM   259  O  O   . ARG A 1 29  ? 1.535   4.054   12.249  1.000 27.895 ? 1007 ARG AAA O   1 
ATOM   260  C  CB  . ARG A 1 29  ? 2.170   2.111   14.804  1.000 32.739 ? 1007 ARG AAA CB  1 
ATOM   261  C  CG  . ARG A 1 29  ? 1.179   3.099   15.409  1.000 39.274 ? 1007 ARG AAA CG  1 
ATOM   262  C  CD  . ARG A 1 29  ? 1.601   3.645   16.762  1.000 49.700 ? 1007 ARG AAA CD  1 
ATOM   263  N  NE  . ARG A 1 29  ? 3.010   4.029   16.805  1.000 57.973 ? 1007 ARG AAA NE  1 
ATOM   264  C  CZ  . ARG A 1 29  ? 3.548   5.096   16.207  1.000 64.042 ? 1007 ARG AAA CZ  1 
ATOM   265  N  NH1 . ARG A 1 29  ? 2.804   5.931   15.496  1.000 63.110 ? 1007 ARG AAA NH1 1 
ATOM   266  N  NH2 . ARG A 1 29  ? 4.845   5.324   16.323  1.000 63.215 ? 1007 ARG AAA NH2 1 
ATOM   267  N  N   . VAL A 1 30  ? 3.739   3.489   12.379  1.000 27.822 ? 1008 VAL AAA N   1 
ATOM   268  C  CA  . VAL A 1 30  ? 4.267   4.744   11.767  1.000 28.010 ? 1008 VAL AAA CA  1 
ATOM   269  C  C   . VAL A 1 30  ? 3.661   4.911   10.366  1.000 26.924 ? 1008 VAL AAA C   1 
ATOM   270  O  O   . VAL A 1 30  ? 3.398   6.062   9.978   1.000 27.163 ? 1008 VAL AAA O   1 
ATOM   271  C  CB  . VAL A 1 30  ? 5.807   4.786   11.721  1.000 32.581 ? 1008 VAL AAA CB  1 
ATOM   272  C  CG1 . VAL A 1 30  ? 6.397   3.667   10.878  1.000 33.504 ? 1008 VAL AAA CG1 1 
ATOM   273  C  CG2 . VAL A 1 30  ? 6.310   6.133   11.223  1.000 32.886 ? 1008 VAL AAA CG2 1 
ATOM   274  N  N   . PHE A 1 31  ? 3.449   3.812   9.634   1.000 25.785 ? 1009 PHE AAA N   1 
ATOM   275  C  CA  . PHE A 1 31  ? 3.005   3.843   8.213   1.000 24.516 ? 1009 PHE AAA CA  1 
ATOM   276  C  C   . PHE A 1 31  ? 1.480   3.991   8.106   1.000 23.329 ? 1009 PHE AAA C   1 
ATOM   277  O  O   . PHE A 1 31  ? 1.003   4.058   6.952   1.000 23.494 ? 1009 PHE AAA O   1 
ATOM   278  C  CB  . PHE A 1 31  ? 3.484   2.595   7.468   1.000 24.619 ? 1009 PHE AAA CB  1 
ATOM   279  C  CG  . PHE A 1 31  ? 4.958   2.315   7.624   1.000 26.262 ? 1009 PHE AAA CG  1 
ATOM   280  C  CD1 . PHE A 1 31  ? 5.905   3.250   7.234   1.000 26.213 ? 1009 PHE AAA CD1 1 
ATOM   281  C  CD2 . PHE A 1 31  ? 5.397   1.124   8.181   1.000 28.760 ? 1009 PHE AAA CD2 1 
ATOM   282  C  CE1 . PHE A 1 31  ? 7.259   3.002   7.400   1.000 27.717 ? 1009 PHE AAA CE1 1 
ATOM   283  C  CE2 . PHE A 1 31  ? 6.753   0.874   8.340   1.000 30.372 ? 1009 PHE AAA CE2 1 
ATOM   284  C  CZ  . PHE A 1 31  ? 7.682   1.810   7.942   1.000 29.545 ? 1009 PHE AAA CZ  1 
ATOM   285  N  N   . THR A 1 32  ? 0.744   4.025   9.224   1.000 26.147 ? 1010 THR AAA N   1 
ATOM   286  C  CA  . THR A 1 32  ? -0.747  4.028   9.238   1.000 25.140 ? 1010 THR AAA CA  1 
ATOM   287  C  C   . THR A 1 32  ? -1.290  5.447   9.044   1.000 29.149 ? 1010 THR AAA C   1 
ATOM   288  O  O   . THR A 1 32  ? -2.501  5.581   8.783   1.000 28.177 ? 1010 THR AAA O   1 
ATOM   289  C  CB  . THR A 1 32  ? -1.341  3.441   10.524  1.000 27.673 ? 1010 THR AAA CB  1 
ATOM   290  O  OG1 . THR A 1 32  ? -0.952  4.246   11.638  1.000 28.508 ? 1010 THR AAA OG1 1 
ATOM   291  C  CG2 . THR A 1 32  ? -0.935  2.003   10.754  1.000 27.199 ? 1010 THR AAA CG2 1 
ATOM   292  N  N   . LYS A 1 33  ? -0.447  6.469   9.210   1.000 28.123 ? 1011 LYS AAA N   1 
ATOM   293  C  CA  . LYS A 1 33  ? -0.880  7.885   9.119   1.000 32.098 ? 1011 LYS AAA CA  1 
ATOM   294  C  C   . LYS A 1 33  ? 0.089   8.642   8.221   1.000 29.409 ? 1011 LYS AAA C   1 
ATOM   295  O  O   . LYS A 1 33  ? 1.255   8.282   8.103   1.000 29.013 ? 1011 LYS AAA O   1 
ATOM   296  C  CB  . LYS A 1 33  ? -0.999  8.491   10.521  1.000 37.182 ? 1011 LYS AAA CB  1 
ATOM   297  C  CG  . LYS A 1 33  ? -2.173  7.969   11.340  1.000 45.637 ? 1011 LYS AAA CG  1 
ATOM   298  C  CD  . LYS A 1 33  ? -3.539  8.272   10.730  1.000 50.759 ? 1011 LYS AAA CD  1 
ATOM   299  C  CE  . LYS A 1 33  ? -4.563  7.185   10.975  1.000 55.471 ? 1011 LYS AAA CE  1 
ATOM   300  N  NZ  . LYS A 1 33  ? -5.784  7.390   10.158  1.000 60.536 ? 1011 LYS AAA NZ  1 
ATOM   301  N  N   . PRO A 1 34  ? -0.382  9.709   7.542   1.000 31.502 ? 1012 PRO AAA N   1 
ATOM   302  C  CA  . PRO A 1 34  ? 0.503   10.555  6.748   1.000 30.149 ? 1012 PRO AAA CA  1 
ATOM   303  C  C   . PRO A 1 34  ? 1.484   11.271  7.688   1.000 29.478 ? 1012 PRO AAA C   1 
ATOM   304  O  O   . PRO A 1 34  ? 1.186   11.405  8.868   1.000 28.403 ? 1012 PRO AAA O   1 
ATOM   305  C  CB  . PRO A 1 34  ? -0.462  11.526  6.051   1.000 33.630 ? 1012 PRO AAA CB  1 
ATOM   306  C  CG  . PRO A 1 34  ? -1.648  11.593  6.984   1.000 34.609 ? 1012 PRO AAA CG  1 
ATOM   307  C  CD  . PRO A 1 34  ? -1.771  10.197  7.555   1.000 33.282 ? 1012 PRO AAA CD  1 
ATOM   308  N  N   . VAL A 1 35  ? 2.630   11.691  7.158   1.000 30.553 ? 1013 VAL AAA N   1 
ATOM   309  C  CA  . VAL A 1 35  ? 3.670   12.435  7.926   1.000 33.100 ? 1013 VAL AAA CA  1 
ATOM   310  C  C   . VAL A 1 35  ? 3.071   13.782  8.348   1.000 38.168 ? 1013 VAL AAA C   1 
ATOM   311  O  O   . VAL A 1 35  ? 2.542   14.501  7.475   1.000 36.090 ? 1013 VAL AAA O   1 
ATOM   312  C  CB  . VAL A 1 35  ? 4.968   12.599  7.116   1.000 30.516 ? 1013 VAL AAA CB  1 
ATOM   313  C  CG1 . VAL A 1 35  ? 5.926   13.596  7.755   1.000 32.791 ? 1013 VAL AAA CG1 1 
ATOM   314  C  CG2 . VAL A 1 35  ? 5.661   11.266  6.910   1.000 30.800 ? 1013 VAL AAA CG2 1 
ATOM   315  N  N   . ASP A 1 36  ? 3.120   14.079  9.649   1.000 40.182 ? 1014 ASP AAA N   1 
ATOM   316  C  CA  . ASP A 1 36  ? 2.599   15.336  10.246  1.000 43.321 ? 1014 ASP AAA CA  1 
ATOM   317  C  C   . ASP A 1 36  ? 3.442   16.490  9.712   1.000 45.973 ? 1014 ASP AAA C   1 
ATOM   318  O  O   . ASP A 1 36  ? 4.636   16.556  9.993   1.000 48.627 ? 1014 ASP AAA O   1 
ATOM   319  C  CB  . ASP A 1 36  ? 2.626   15.258  11.774  1.000 45.218 ? 1014 ASP AAA CB  1 
ATOM   320  C  CG  . ASP A 1 36  ? 2.066   16.483  12.475  1.000 46.799 ? 1014 ASP AAA CG  1 
ATOM   321  O  OD1 . ASP A 1 36  ? 2.135   17.581  11.890  1.000 46.125 ? 1014 ASP AAA OD1 1 
ATOM   322  O  OD2 . ASP A 1 36  ? 1.565   16.323  13.603  1.000 50.899 ? 1014 ASP AAA OD2 1 
ATOM   323  N  N   . PRO A 1 37  ? 2.855   17.425  8.930   1.000 50.286 ? 1015 PRO AAA N   1 
ATOM   324  C  CA  . PRO A 1 37  ? 3.637   18.460  8.250   1.000 54.394 ? 1015 PRO AAA CA  1 
ATOM   325  C  C   . PRO A 1 37  ? 4.242   19.503  9.206   1.000 56.788 ? 1015 PRO AAA C   1 
ATOM   326  O  O   . PRO A 1 37  ? 5.238   20.103  8.859   1.000 56.120 ? 1015 PRO AAA O   1 
ATOM   327  C  CB  . PRO A 1 37  ? 2.625   19.095  7.285   1.000 54.067 ? 1015 PRO AAA CB  1 
ATOM   328  C  CG  . PRO A 1 37  ? 1.286   18.891  7.966   1.000 55.604 ? 1015 PRO AAA CG  1 
ATOM   329  C  CD  . PRO A 1 37  ? 1.410   17.560  8.679   1.000 54.648 ? 1015 PRO AAA CD  1 
ATOM   330  N  N   A ASP A 1 38  ? 3.614   19.691  10.371  0.500 58.772 ? 1016 ASP AAA N   1 
ATOM   331  N  N   B ASP A 1 38  ? 3.646   19.677  10.391  0.500 59.171 ? 1016 ASP AAA N   1 
ATOM   332  C  CA  A ASP A 1 38  ? 4.090   20.591  11.456  0.500 60.176 ? 1016 ASP AAA CA  1 
ATOM   333  C  CA  B ASP A 1 38  ? 4.133   20.623  11.432  0.500 61.038 ? 1016 ASP AAA CA  1 
ATOM   334  C  C   A ASP A 1 38  ? 5.271   19.930  12.176  0.500 60.313 ? 1016 ASP AAA C   1 
ATOM   335  C  C   B ASP A 1 38  ? 5.218   19.939  12.276  0.500 60.694 ? 1016 ASP AAA C   1 
ATOM   336  O  O   A ASP A 1 38  ? 6.196   20.660  12.578  0.500 63.371 ? 1016 ASP AAA O   1 
ATOM   337  O  O   B ASP A 1 38  ? 6.020   20.669  12.889  0.500 63.856 ? 1016 ASP AAA O   1 
ATOM   338  C  CB  A ASP A 1 38  ? 2.957   20.925  12.429  0.500 60.650 ? 1016 ASP AAA CB  1 
ATOM   339  C  CB  B ASP A 1 38  ? 2.977   21.157  12.285  0.500 62.156 ? 1016 ASP AAA CB  1 
ATOM   340  C  CG  A ASP A 1 38  ? 1.757   21.570  11.757  0.500 61.046 ? 1016 ASP AAA CG  1 
ATOM   341  C  CG  B ASP A 1 38  ? 2.775   20.424  13.598  0.500 63.376 ? 1016 ASP AAA CG  1 
ATOM   342  O  OD1 A ASP A 1 38  ? 1.942   22.164  10.676  0.500 60.136 ? 1016 ASP AAA OD1 1 
ATOM   343  O  OD1 B ASP A 1 38  ? 3.767   20.262  14.337  0.500 65.596 ? 1016 ASP AAA OD1 1 
ATOM   344  O  OD2 A ASP A 1 38  ? 0.648   21.467  12.320  0.500 62.468 ? 1016 ASP AAA OD2 1 
ATOM   345  O  OD2 B ASP A 1 38  ? 1.625   20.025  13.875  0.500 61.872 ? 1016 ASP AAA OD2 1 
ATOM   346  N  N   . GLU A 1 39  ? 5.239   18.600  12.313  1.000 55.926 ? 1017 GLU AAA N   1 
ATOM   347  C  CA  . GLU A 1 39  ? 6.296   17.809  13.001  1.000 53.732 ? 1017 GLU AAA CA  1 
ATOM   348  C  C   . GLU A 1 39  ? 7.494   17.622  12.058  1.000 50.364 ? 1017 GLU AAA C   1 
ATOM   349  O  O   . GLU A 1 39  ? 8.637   17.664  12.550  1.000 50.492 ? 1017 GLU AAA O   1 
ATOM   350  C  CB  . GLU A 1 39  ? 5.750   16.455  13.467  1.000 58.289 ? 1017 GLU AAA CB  1 
ATOM   351  C  CG  . GLU A 1 39  ? 6.240   16.047  14.845  1.000 65.741 ? 1017 GLU AAA CG  1 
ATOM   352  C  CD  . GLU A 1 39  ? 6.241   14.552  15.119  1.000 74.894 ? 1017 GLU AAA CD  1 
ATOM   353  O  OE1 . GLU A 1 39  ? 5.356   13.848  14.590  1.000 72.337 ? 1017 GLU AAA OE1 1 
ATOM   354  O  OE2 . GLU A 1 39  ? 7.133   14.090  15.860  1.000 83.508 ? 1017 GLU AAA OE2 1 
ATOM   355  N  N   . VAL A 1 40  ? 7.244   17.417  10.758  1.000 44.708 ? 1018 VAL AAA N   1 
ATOM   356  C  CA  . VAL A 1 40  ? 8.288   17.122  9.729   1.000 43.546 ? 1018 VAL AAA CA  1 
ATOM   357  C  C   . VAL A 1 40  ? 8.003   17.965  8.488   1.000 45.342 ? 1018 VAL AAA C   1 
ATOM   358  O  O   . VAL A 1 40  ? 7.541   17.448  7.473   1.000 43.514 ? 1018 VAL AAA O   1 
ATOM   359  C  CB  . VAL A 1 40  ? 8.342   15.618  9.387   1.000 41.664 ? 1018 VAL AAA CB  1 
ATOM   360  C  CG1 . VAL A 1 40  ? 9.561   15.272  8.546   1.000 40.513 ? 1018 VAL AAA CG1 1 
ATOM   361  C  CG2 . VAL A 1 40  ? 8.294   14.741  10.630  1.000 44.880 ? 1018 VAL AAA CG2 1 
ATOM   362  N  N   . PRO A 1 41  ? 8.266   19.294  8.524   1.000 50.500 ? 1019 PRO AAA N   1 
ATOM   363  C  CA  . PRO A 1 41  ? 7.978   20.173  7.386   1.000 46.785 ? 1019 PRO AAA CA  1 
ATOM   364  C  C   . PRO A 1 41  ? 8.705   19.861  6.066   1.000 43.312 ? 1019 PRO AAA C   1 
ATOM   365  O  O   . PRO A 1 41  ? 8.160   20.205  5.034   1.000 44.576 ? 1019 PRO AAA O   1 
ATOM   366  C  CB  . PRO A 1 41  ? 8.392   21.571  7.888   1.000 49.316 ? 1019 PRO AAA CB  1 
ATOM   367  C  CG  . PRO A 1 41  ? 9.331   21.298  9.045   1.000 51.849 ? 1019 PRO AAA CG  1 
ATOM   368  C  CD  . PRO A 1 41  ? 8.801   20.031  9.680   1.000 51.659 ? 1019 PRO AAA CD  1 
ATOM   369  N  N   . ASP A 1 42  ? 9.880   19.225  6.100   1.000 40.323 ? 1020 ASP AAA N   1 
ATOM   370  C  CA  . ASP A 1 42  ? 10.692  18.970  4.875   1.000 42.734 ? 1020 ASP AAA CA  1 
ATOM   371  C  C   . ASP A 1 42  ? 10.249  17.678  4.166   1.000 43.593 ? 1020 ASP AAA C   1 
ATOM   372  O  O   . ASP A 1 42  ? 10.775  17.411  3.070   1.000 41.275 ? 1020 ASP AAA O   1 
ATOM   373  C  CB  . ASP A 1 42  ? 12.188  18.915  5.190   1.000 46.296 ? 1020 ASP AAA CB  1 
ATOM   374  C  CG  . ASP A 1 42  ? 12.656  17.573  5.723   1.000 51.652 ? 1020 ASP AAA CG  1 
ATOM   375  O  OD1 . ASP A 1 42  ? 11.946  17.006  6.574   1.000 54.126 ? 1020 ASP AAA OD1 1 
ATOM   376  O  OD2 . ASP A 1 42  ? 13.716  17.101  5.270   1.000 57.582 ? 1020 ASP AAA OD2 1 
ATOM   377  N  N   . TYR A 1 43  ? 9.345   16.882  4.748   1.000 40.222 ? 1021 TYR AAA N   1 
ATOM   378  C  CA  . TYR A 1 43  ? 8.951   15.573  4.159   1.000 38.717 ? 1021 TYR AAA CA  1 
ATOM   379  C  C   . TYR A 1 43  ? 8.397   15.796  2.748   1.000 37.289 ? 1021 TYR AAA C   1 
ATOM   380  O  O   . TYR A 1 43  ? 8.917   15.190  1.783   1.000 38.526 ? 1021 TYR AAA O   1 
ATOM   381  C  CB  . TYR A 1 43  ? 7.919   14.834  5.012   1.000 36.893 ? 1021 TYR AAA CB  1 
ATOM   382  C  CG  . TYR A 1 43  ? 7.773   13.389  4.608   1.000 37.497 ? 1021 TYR AAA CG  1 
ATOM   383  C  CD1 . TYR A 1 43  ? 8.730   12.455  4.970   1.000 36.878 ? 1021 TYR AAA CD1 1 
ATOM   384  C  CD2 . TYR A 1 43  ? 6.721   12.964  3.809   1.000 37.217 ? 1021 TYR AAA CD2 1 
ATOM   385  C  CE1 . TYR A 1 43  ? 8.627   11.129  4.590   1.000 34.936 ? 1021 TYR AAA CE1 1 
ATOM   386  C  CE2 . TYR A 1 43  ? 6.602   11.638  3.421   1.000 34.746 ? 1021 TYR AAA CE2 1 
ATOM   387  C  CZ  . TYR A 1 43  ? 7.558   10.717  3.817   1.000 35.330 ? 1021 TYR AAA CZ  1 
ATOM   388  O  OH  . TYR A 1 43  ? 7.475   9.407   3.441   1.000 34.635 ? 1021 TYR AAA OH  1 
ATOM   389  N  N   . VAL A 1 44  ? 7.399   16.678  2.642   1.000 39.441 ? 1022 VAL AAA N   1 
ATOM   390  C  CA  . VAL A 1 44  ? 6.640   16.979  1.390   1.000 44.051 ? 1022 VAL AAA CA  1 
ATOM   391  C  C   . VAL A 1 44  ? 7.592   17.510  0.306   1.000 41.621 ? 1022 VAL AAA C   1 
ATOM   392  O  O   . VAL A 1 44  ? 7.237   17.400  -0.878  1.000 38.679 ? 1022 VAL AAA O   1 
ATOM   393  C  CB  . VAL A 1 44  ? 5.468   17.940  1.687   1.000 50.628 ? 1022 VAL AAA CB  1 
ATOM   394  C  CG1 . VAL A 1 44  ? 5.120   18.854  0.521   1.000 53.918 ? 1022 VAL AAA CG1 1 
ATOM   395  C  CG2 . VAL A 1 44  ? 4.234   17.175  2.145   1.000 53.181 ? 1022 VAL AAA CG2 1 
ATOM   396  N  N   . THR A 1 45  ? 8.765   18.038  0.672   1.000 42.076 ? 1023 THR AAA N   1 
ATOM   397  C  CA  . THR A 1 45  ? 9.773   18.555  -0.295  1.000 45.009 ? 1023 THR AAA CA  1 
ATOM   398  C  C   . THR A 1 45  ? 10.656  17.400  -0.796  1.000 42.571 ? 1023 THR AAA C   1 
ATOM   399  O  O   . THR A 1 45  ? 10.937  17.364  -2.010  1.000 43.542 ? 1023 THR AAA O   1 
ATOM   400  C  CB  . THR A 1 45  ? 10.564  19.731  0.302   1.000 51.160 ? 1023 THR AAA CB  1 
ATOM   401  O  OG1 . THR A 1 45  ? 11.387  19.268  1.374   1.000 57.687 ? 1023 THR AAA OG1 1 
ATOM   402  C  CG2 . THR A 1 45  ? 9.667   20.842  0.802   1.000 49.419 ? 1023 THR AAA CG2 1 
ATOM   403  N  N   . VAL A 1 46  ? 11.064  16.483  0.090   1.000 38.119 ? 1024 VAL AAA N   1 
ATOM   404  C  CA  . VAL A 1 46  ? 12.002  15.362  -0.228  1.000 34.864 ? 1024 VAL AAA CA  1 
ATOM   405  C  C   . VAL A 1 46  ? 11.234  14.236  -0.935  1.000 32.625 ? 1024 VAL AAA C   1 
ATOM   406  O  O   . VAL A 1 46  ? 11.717  13.728  -1.966  1.000 31.030 ? 1024 VAL AAA O   1 
ATOM   407  C  CB  . VAL A 1 46  ? 12.696  14.836  1.044   1.000 38.369 ? 1024 VAL AAA CB  1 
ATOM   408  C  CG1 . VAL A 1 46  ? 13.578  13.630  0.752   1.000 37.546 ? 1024 VAL AAA CG1 1 
ATOM   409  C  CG2 . VAL A 1 46  ? 13.494  15.925  1.744   1.000 41.150 ? 1024 VAL AAA CG2 1 
ATOM   410  N  N   . ILE A 1 47  ? 10.105  13.819  -0.368  1.000 30.287 ? 1025 ILE AAA N   1 
ATOM   411  C  CA  . ILE A 1 47  ? 9.308   12.670  -0.893  1.000 29.678 ? 1025 ILE AAA CA  1 
ATOM   412  C  C   . ILE A 1 47  ? 8.217   13.221  -1.815  1.000 28.379 ? 1025 ILE AAA C   1 
ATOM   413  O  O   . ILE A 1 47  ? 7.292   13.903  -1.314  1.000 29.302 ? 1025 ILE AAA O   1 
ATOM   414  C  CB  . ILE A 1 47  ? 8.758   11.819  0.267   1.000 28.964 ? 1025 ILE AAA CB  1 
ATOM   415  C  CG1 . ILE A 1 47  ? 9.899   11.264  1.129   1.000 26.790 ? 1025 ILE AAA CG1 1 
ATOM   416  C  CG2 . ILE A 1 47  ? 7.838   10.715  -0.241  1.000 27.691 ? 1025 ILE AAA CG2 1 
ATOM   417  C  CD1 . ILE A 1 47  ? 10.897  10.412  0.382   1.000 25.647 ? 1025 ILE AAA CD1 1 
ATOM   418  N  N   . LYS A 1 48  ? 8.333   12.927  -3.111  1.000 30.703 ? 1026 LYS AAA N   1 
ATOM   419  C  CA  . LYS A 1 48  ? 7.477   13.519  -4.177  1.000 35.708 ? 1026 LYS AAA CA  1 
ATOM   420  C  C   . LYS A 1 48  ? 6.103   12.840  -4.198  1.000 35.819 ? 1026 LYS AAA C   1 
ATOM   421  O  O   . LYS A 1 48  ? 5.124   13.536  -4.524  1.000 33.649 ? 1026 LYS AAA O   1 
ATOM   422  C  CB  . LYS A 1 48  ? 8.178   13.419  -5.534  1.000 38.973 ? 1026 LYS AAA CB  1 
ATOM   423  C  CG  . LYS A 1 48  ? 9.461   14.232  -5.645  1.000 41.287 ? 1026 LYS AAA CG  1 
ATOM   424  C  CD  . LYS A 1 48  ? 9.324   15.651  -5.127  1.000 44.138 ? 1026 LYS AAA CD  1 
ATOM   425  C  CE  . LYS A 1 48  ? 10.574  16.486  -5.298  1.000 47.739 ? 1026 LYS AAA CE  1 
ATOM   426  N  NZ  . LYS A 1 48  ? 10.433  17.794  -4.612  1.000 49.167 ? 1026 LYS AAA NZ  1 
ATOM   427  N  N   . GLN A 1 49  ? 6.018   11.556  -3.837  1.000 33.424 ? 1027 GLN AAA N   1 
ATOM   428  C  CA  A GLN A 1 49  ? 4.731   10.811  -3.820  0.500 33.423 ? 1027 GLN AAA CA  1 
ATOM   429  C  CA  B GLN A 1 49  ? 4.743   10.790  -3.826  0.500 32.315 ? 1027 GLN AAA CA  1 
ATOM   430  C  C   . GLN A 1 49  ? 4.533   10.173  -2.446  1.000 31.444 ? 1027 GLN AAA C   1 
ATOM   431  O  O   . GLN A 1 49  ? 4.722   8.974   -2.278  1.000 30.518 ? 1027 GLN AAA O   1 
ATOM   432  C  CB  A GLN A 1 49  ? 4.694   9.799   -4.966  0.500 35.095 ? 1027 GLN AAA CB  1 
ATOM   433  C  CB  B GLN A 1 49  ? 4.757   9.706   -4.907  0.500 32.284 ? 1027 GLN AAA CB  1 
ATOM   434  C  CG  A GLN A 1 49  ? 3.283   9.514   -5.458  0.500 36.921 ? 1027 GLN AAA CG  1 
ATOM   435  C  CG  B GLN A 1 49  ? 4.685   10.249  -6.326  0.500 32.299 ? 1027 GLN AAA CG  1 
ATOM   436  C  CD  A GLN A 1 49  ? 3.261   8.894   -6.832  0.500 37.742 ? 1027 GLN AAA CD  1 
ATOM   437  C  CD  B GLN A 1 49  ? 4.571   9.151   -7.355  0.500 32.030 ? 1027 GLN AAA CD  1 
ATOM   438  O  OE1 A GLN A 1 49  ? 2.205   8.734   -7.439  0.500 39.503 ? 1027 GLN AAA OE1 1 
ATOM   439  O  OE1 B GLN A 1 49  ? 5.501   8.379   -7.577  0.500 30.809 ? 1027 GLN AAA OE1 1 
ATOM   440  N  NE2 A GLN A 1 49  ? 4.434   8.543   -7.335  0.500 37.727 ? 1027 GLN AAA NE2 1 
ATOM   441  N  NE2 B GLN A 1 49  ? 3.422   9.084   -8.008  0.500 31.476 ? 1027 GLN AAA NE2 1 
ATOM   442  N  N   . PRO A 1 50  ? 4.126   10.966  -1.425  1.000 32.290 ? 1028 PRO AAA N   1 
ATOM   443  C  CA  . PRO A 1 50  ? 3.838   10.432  -0.098  1.000 32.234 ? 1028 PRO AAA CA  1 
ATOM   444  C  C   . PRO A 1 50  ? 2.729   9.377   -0.175  1.000 31.232 ? 1028 PRO AAA C   1 
ATOM   445  O  O   . PRO A 1 50  ? 1.757   9.573   -0.886  1.000 28.252 ? 1028 PRO AAA O   1 
ATOM   446  C  CB  . PRO A 1 50  ? 3.346   11.629  0.721   1.000 32.696 ? 1028 PRO AAA CB  1 
ATOM   447  C  CG  . PRO A 1 50  ? 3.880   12.829  -0.027  1.000 36.128 ? 1028 PRO AAA CG  1 
ATOM   448  C  CD  . PRO A 1 50  ? 3.907   12.417  -1.483  1.000 34.479 ? 1028 PRO AAA CD  1 
ATOM   449  N  N   . MET A 1 51  ? 2.912   8.280   0.549   1.000 28.153 ? 1029 MET AAA N   1 
ATOM   450  C  CA  . MET A 1 51  ? 1.910   7.194   0.631   1.000 28.843 ? 1029 MET AAA CA  1 
ATOM   451  C  C   . MET A 1 51  ? 1.954   6.653   2.059   1.000 30.313 ? 1029 MET AAA C   1 
ATOM   452  O  O   . MET A 1 51  ? 3.042   6.665   2.672   1.000 35.927 ? 1029 MET AAA O   1 
ATOM   453  C  CB  . MET A 1 51  ? 2.212   6.099   -0.398  1.000 29.536 ? 1029 MET AAA CB  1 
ATOM   454  C  CG  . MET A 1 51  ? 1.091   5.074   -0.582  1.000 29.618 ? 1029 MET AAA CG  1 
ATOM   455  S  SD  . MET A 1 51  ? -0.553  5.790   -0.855  1.000 31.601 ? 1029 MET AAA SD  1 
ATOM   456  C  CE  . MET A 1 51  ? -0.252  6.716   -2.359  1.000 31.681 ? 1029 MET AAA CE  1 
ATOM   457  N  N   . ASP A 1 52  ? 0.790   6.315   2.588   1.000 26.679 ? 1030 ASP AAA N   1 
ATOM   458  C  CA  . ASP A 1 52  ? 0.608   5.710   3.927   1.000 26.177 ? 1030 ASP AAA CA  1 
ATOM   459  C  C   . ASP A 1 52  ? -0.633  4.829   3.824   1.000 26.642 ? 1030 ASP AAA C   1 
ATOM   460  O  O   . ASP A 1 52  ? -1.403  5.005   2.854   1.000 24.836 ? 1030 ASP AAA O   1 
ATOM   461  C  CB  . ASP A 1 52  ? 0.469   6.781   5.012   1.000 26.059 ? 1030 ASP AAA CB  1 
ATOM   462  C  CG  . ASP A 1 52  ? -0.836  7.547   4.913   1.000 30.091 ? 1030 ASP AAA CG  1 
ATOM   463  O  OD1 . ASP A 1 52  ? -0.872  8.556   4.191   1.000 34.851 ? 1030 ASP AAA OD1 1 
ATOM   464  O  OD2 . ASP A 1 52  ? -1.812  7.104   5.527   1.000 32.445 ? 1030 ASP AAA OD2 1 
ATOM   465  N  N   . LEU A 1 53  ? -0.845  3.956   4.802   1.000 24.519 ? 1031 LEU AAA N   1 
ATOM   466  C  CA  . LEU A 1 53  ? -1.952  2.970   4.749   1.000 24.289 ? 1031 LEU AAA CA  1 
ATOM   467  C  C   . LEU A 1 53  ? -3.317  3.675   4.798   1.000 24.678 ? 1031 LEU AAA C   1 
ATOM   468  O  O   . LEU A 1 53  ? -4.253  3.125   4.206   1.000 24.168 ? 1031 LEU AAA O   1 
ATOM   469  C  CB  . LEU A 1 53  ? -1.784  1.959   5.882   1.000 22.517 ? 1031 LEU AAA CB  1 
ATOM   470  C  CG  . LEU A 1 53  ? -0.533  1.089   5.788   1.000 23.036 ? 1031 LEU AAA CG  1 
ATOM   471  C  CD1 . LEU A 1 53  ? -0.458  0.137   6.971   1.000 24.105 ? 1031 LEU AAA CD1 1 
ATOM   472  C  CD2 . LEU A 1 53  ? -0.485  0.324   4.472   1.000 22.868 ? 1031 LEU AAA CD2 1 
ATOM   473  N  N   . SER A 1 54  ? -3.456  4.827   5.468   1.000 25.714 ? 1032 SER AAA N   1 
ATOM   474  C  CA  . SER A 1 54  ? -4.750  5.566   5.504   1.000 26.700 ? 1032 SER AAA CA  1 
ATOM   475  C  C   . SER A 1 54  ? -5.088  6.063   4.096   1.000 25.295 ? 1032 SER AAA C   1 
ATOM   476  O  O   . SER A 1 54  ? -6.268  5.977   3.711   1.000 27.074 ? 1032 SER AAA O   1 
ATOM   477  C  CB  A SER A 1 54  ? -4.736  6.699   6.505   0.500 26.044 ? 1032 SER AAA CB  1 
ATOM   478  C  CB  B SER A 1 54  ? -4.745  6.697   6.506   0.500 28.019 ? 1032 SER AAA CB  1 
ATOM   479  O  OG  A SER A 1 54  ? -3.832  7.719   6.110   0.500 25.787 ? 1032 SER AAA OG  1 
ATOM   480  O  OG  B SER A 1 54  ? -4.755  6.195   7.831   0.500 30.910 ? 1032 SER AAA OG  1 
ATOM   481  N  N   . SER A 1 55  ? -4.090  6.560   3.366   1.000 24.687 ? 1033 SER AAA N   1 
ATOM   482  C  CA  . SER A 1 55  ? -4.214  7.010   1.957   1.000 27.497 ? 1033 SER AAA CA  1 
ATOM   483  C  C   . SER A 1 55  ? -4.535  5.809   1.064   1.000 25.760 ? 1033 SER AAA C   1 
ATOM   484  O  O   . SER A 1 55  ? -5.365  5.958   0.148   1.000 23.268 ? 1033 SER AAA O   1 
ATOM   485  C  CB  . SER A 1 55  ? -2.980  7.732   1.493   1.000 30.115 ? 1033 SER AAA CB  1 
ATOM   486  O  OG  . SER A 1 55  ? -2.802  8.932   2.230   1.000 35.714 ? 1033 SER AAA OG  1 
ATOM   487  N  N   . VAL A 1 56  ? -3.917  4.656   1.324   1.000 22.840 ? 1034 VAL AAA N   1 
ATOM   488  C  CA  . VAL A 1 56  ? -4.218  3.402   0.575   1.000 21.184 ? 1034 VAL AAA CA  1 
ATOM   489  C  C   . VAL A 1 56  ? -5.706  3.078   0.739   1.000 19.755 ? 1034 VAL AAA C   1 
ATOM   490  O  O   . VAL A 1 56  ? -6.337  2.795   -0.294  1.000 20.031 ? 1034 VAL AAA O   1 
ATOM   491  C  CB  . VAL A 1 56  ? -3.307  2.234   1.002   1.000 21.491 ? 1034 VAL AAA CB  1 
ATOM   492  C  CG1 . VAL A 1 56  ? -3.800  0.904   0.461   1.000 20.954 ? 1034 VAL AAA CG1 1 
ATOM   493  C  CG2 . VAL A 1 56  ? -1.874  2.482   0.568   1.000 20.890 ? 1034 VAL AAA CG2 1 
ATOM   494  N  N   . ILE A 1 57  ? -6.252  3.134   1.964   1.000 20.989 ? 1035 ILE AAA N   1 
ATOM   495  C  CA  . ILE A 1 57  ? -7.703  2.885   2.233   1.000 23.023 ? 1035 ILE AAA CA  1 
ATOM   496  C  C   . ILE A 1 57  ? -8.536  3.897   1.440   1.000 23.908 ? 1035 ILE AAA C   1 
ATOM   497  O  O   . ILE A 1 57  ? -9.523  3.481   0.794   1.000 20.337 ? 1035 ILE AAA O   1 
ATOM   498  C  CB  . ILE A 1 57  ? -8.035  2.944   3.737   1.000 25.222 ? 1035 ILE AAA CB  1 
ATOM   499  C  CG1 . ILE A 1 57  ? -7.403  1.779   4.505   1.000 27.194 ? 1035 ILE AAA CG1 1 
ATOM   500  C  CG2 . ILE A 1 57  ? -9.540  3.015   3.952   1.000 25.909 ? 1035 ILE AAA CG2 1 
ATOM   501  C  CD1 . ILE A 1 57  ? -7.942  0.417   4.126   1.000 29.052 ? 1035 ILE AAA CD1 1 
ATOM   502  N  N   . SER A 1 58  ? -8.173  5.179   1.499   1.000 25.495 ? 1036 SER AAA N   1 
ATOM   503  C  CA  . SER A 1 58  ? -8.879  6.259   0.759   1.000 25.179 ? 1036 SER AAA CA  1 
ATOM   504  C  C   . SER A 1 58  ? -8.929  5.912   -0.733  1.000 22.367 ? 1036 SER AAA C   1 
ATOM   505  O  O   . SER A 1 58  ? -10.018 6.006   -1.326  1.000 23.126 ? 1036 SER AAA O   1 
ATOM   506  C  CB  . SER A 1 58  ? -8.250  7.597   1.020   1.000 28.305 ? 1036 SER AAA CB  1 
ATOM   507  O  OG  . SER A 1 58  ? -8.453  7.950   2.379   1.000 30.294 ? 1036 SER AAA OG  1 
ATOM   508  N  N   . LYS A 1 59  ? -7.809  5.462   -1.299  1.000 21.247 ? 1037 LYS AAA N   1 
ATOM   509  C  CA  . LYS A 1 59  ? -7.687  5.138   -2.742  1.000 22.029 ? 1037 LYS AAA CA  1 
ATOM   510  C  C   . LYS A 1 59  ? -8.503  3.881   -3.087  1.000 22.494 ? 1037 LYS AAA C   1 
ATOM   511  O  O   . LYS A 1 59  ? -9.127  3.856   -4.174  1.000 22.052 ? 1037 LYS AAA O   1 
ATOM   512  C  CB  . LYS A 1 59  ? -6.220  4.988   -3.126  1.000 21.489 ? 1037 LYS AAA CB  1 
ATOM   513  C  CG  . LYS A 1 59  ? -5.453  6.302   -3.188  1.000 23.465 ? 1037 LYS AAA CG  1 
ATOM   514  C  CD  . LYS A 1 59  ? -4.069  6.154   -3.745  1.000 24.659 ? 1037 LYS AAA CD  1 
ATOM   515  C  CE  . LYS A 1 59  ? -4.072  5.664   -5.176  1.000 25.683 ? 1037 LYS AAA CE  1 
ATOM   516  N  NZ  . LYS A 1 59  ? -2.738  5.764   -5.793  1.000 27.795 ? 1037 LYS AAA NZ  1 
ATOM   517  N  N   . ILE A 1 60  ? -8.534  2.879   -2.208  1.000 21.829 ? 1038 ILE AAA N   1 
ATOM   518  C  CA  . ILE A 1 60  ? -9.410  1.687   -2.420  1.000 19.657 ? 1038 ILE AAA CA  1 
ATOM   519  C  C   . ILE A 1 60  ? -10.851 2.190   -2.568  1.000 19.592 ? 1038 ILE AAA C   1 
ATOM   520  O  O   . ILE A 1 60  ? -11.499 1.836   -3.574  1.000 19.944 ? 1038 ILE AAA O   1 
ATOM   521  C  CB  . ILE A 1 60  ? -9.283  0.654   -1.283  1.000 19.894 ? 1038 ILE AAA CB  1 
ATOM   522  C  CG1 . ILE A 1 60  ? -7.899  -0.004  -1.248  1.000 19.277 ? 1038 ILE AAA CG1 1 
ATOM   523  C  CG2 . ILE A 1 60  ? -10.398 -0.374  -1.409  1.000 20.557 ? 1038 ILE AAA CG2 1 
ATOM   524  C  CD1 . ILE A 1 60  ? -7.605  -0.731  0.050   1.000 20.035 ? 1038 ILE AAA CD1 1 
ATOM   525  N  N   . ASP A 1 61  ? -11.315 2.997   -1.611  1.000 20.924 ? 1039 ASP AAA N   1 
ATOM   526  C  CA  . ASP A 1 61  ? -12.724 3.462   -1.512  1.000 23.351 ? 1039 ASP AAA CA  1 
ATOM   527  C  C   . ASP A 1 61  ? -13.067 4.373   -2.701  1.000 24.971 ? 1039 ASP AAA C   1 
ATOM   528  O  O   . ASP A 1 61  ? -14.259 4.429   -3.063  1.000 24.659 ? 1039 ASP AAA O   1 
ATOM   529  C  CB  . ASP A 1 61  ? -12.983 4.133   -0.159  1.000 23.830 ? 1039 ASP AAA CB  1 
ATOM   530  C  CG  . ASP A 1 61  ? -12.875 3.188   1.026   1.000 25.442 ? 1039 ASP AAA CG  1 
ATOM   531  O  OD1 . ASP A 1 61  ? -12.862 1.964   0.805   1.000 26.921 ? 1039 ASP AAA OD1 1 
ATOM   532  O  OD2 . ASP A 1 61  ? -12.818 3.682   2.167   1.000 24.883 ? 1039 ASP AAA OD2 1 
ATOM   533  N  N   . LEU A 1 62  ? -12.074 5.046   -3.295  1.000 23.570 ? 1040 LEU AAA N   1 
ATOM   534  C  CA  . LEU A 1 62  ? -12.261 5.915   -4.492  1.000 23.780 ? 1040 LEU AAA CA  1 
ATOM   535  C  C   . LEU A 1 62  ? -12.148 5.100   -5.787  1.000 24.375 ? 1040 LEU AAA C   1 
ATOM   536  O  O   . LEU A 1 62  ? -12.170 5.724   -6.866  1.000 24.709 ? 1040 LEU AAA O   1 
ATOM   537  C  CB  . LEU A 1 62  ? -11.232 7.052   -4.461  1.000 23.365 ? 1040 LEU AAA CB  1 
ATOM   538  C  CG  . LEU A 1 62  ? -11.465 8.120   -3.395  1.000 25.417 ? 1040 LEU AAA CG  1 
ATOM   539  C  CD1 . LEU A 1 62  ? -10.235 8.991   -3.203  1.000 25.916 ? 1040 LEU AAA CD1 1 
ATOM   540  C  CD2 . LEU A 1 62  ? -12.667 8.986   -3.750  1.000 27.851 ? 1040 LEU AAA CD2 1 
ATOM   541  N  N   . HIS A 1 63  ? -12.037 3.764   -5.709  1.000 22.560 ? 1041 HIS AAA N   1 
ATOM   542  C  CA  . HIS A 1 63  ? -11.968 2.857   -6.887  1.000 24.140 ? 1041 HIS AAA CA  1 
ATOM   543  C  C   . HIS A 1 63  ? -10.709 3.149   -7.718  1.000 25.818 ? 1041 HIS AAA C   1 
ATOM   544  O  O   . HIS A 1 63  ? -10.750 2.968   -8.951  1.000 26.267 ? 1041 HIS AAA O   1 
ATOM   545  C  CB  . HIS A 1 63  ? -13.241 2.979   -7.752  1.000 24.305 ? 1041 HIS AAA CB  1 
ATOM   546  C  CG  . HIS A 1 63  ? -14.519 2.652   -7.055  1.000 25.857 ? 1041 HIS AAA CG  1 
ATOM   547  N  ND1 . HIS A 1 63  ? -15.662 2.317   -7.752  1.000 27.970 ? 1041 HIS AAA ND1 1 
ATOM   548  C  CD2 . HIS A 1 63  ? -14.846 2.581   -5.748  1.000 27.368 ? 1041 HIS AAA CD2 1 
ATOM   549  C  CE1 . HIS A 1 63  ? -16.640 2.077   -6.904  1.000 27.632 ? 1041 HIS AAA CE1 1 
ATOM   550  N  NE2 . HIS A 1 63  ? -16.166 2.231   -5.667  1.000 29.054 ? 1041 HIS AAA NE2 1 
ATOM   551  N  N   . LYS A 1 64  ? -9.608  3.555   -7.080  1.000 24.136 ? 1042 LYS AAA N   1 
ATOM   552  C  CA  . LYS A 1 64  ? -8.341  3.896   -7.776  1.000 25.009 ? 1042 LYS AAA CA  1 
ATOM   553  C  C   . LYS A 1 64  ? -7.559  2.634   -8.150  1.000 24.323 ? 1042 LYS AAA C   1 
ATOM   554  O  O   . LYS A 1 64  ? -6.711  2.734   -9.046  1.000 25.402 ? 1042 LYS AAA O   1 
ATOM   555  C  CB  . LYS A 1 64  ? -7.468  4.800   -6.903  1.000 27.572 ? 1042 LYS AAA CB  1 
ATOM   556  C  CG  . LYS A 1 64  ? -8.083  6.149   -6.568  1.000 32.343 ? 1042 LYS AAA CG  1 
ATOM   557  C  CD  . LYS A 1 64  ? -8.111  7.095   -7.732  1.000 39.492 ? 1042 LYS AAA CD  1 
ATOM   558  C  CE  . LYS A 1 64  ? -8.618  8.470   -7.348  1.000 45.557 ? 1042 LYS AAA CE  1 
ATOM   559  N  NZ  . LYS A 1 64  ? -8.634  9.385   -8.513  1.000 51.551 ? 1042 LYS AAA NZ  1 
ATOM   560  N  N   . TYR A 1 65  ? -7.793  1.501   -7.477  1.000 22.020 ? 1043 TYR AAA N   1 
ATOM   561  C  CA  . TYR A 1 65  ? -7.092  0.220   -7.746  1.000 21.921 ? 1043 TYR AAA CA  1 
ATOM   562  C  C   . TYR A 1 65  ? -8.032  -0.710  -8.516  1.000 24.151 ? 1043 TYR AAA C   1 
ATOM   563  O  O   . TYR A 1 65  ? -9.060  -1.115  -7.955  1.000 26.648 ? 1043 TYR AAA O   1 
ATOM   564  C  CB  . TYR A 1 65  ? -6.635  -0.456  -6.450  1.000 20.454 ? 1043 TYR AAA CB  1 
ATOM   565  C  CG  . TYR A 1 65  ? -5.759  0.392   -5.565  1.000 19.011 ? 1043 TYR AAA CG  1 
ATOM   566  C  CD1 . TYR A 1 65  ? -4.555  0.908   -6.015  1.000 21.080 ? 1043 TYR AAA CD1 1 
ATOM   567  C  CD2 . TYR A 1 65  ? -6.145  0.687   -4.270  1.000 20.460 ? 1043 TYR AAA CD2 1 
ATOM   568  C  CE1 . TYR A 1 65  ? -3.757  1.694   -5.195  1.000 21.171 ? 1043 TYR AAA CE1 1 
ATOM   569  C  CE2 . TYR A 1 65  ? -5.354  1.457   -3.436  1.000 20.802 ? 1043 TYR AAA CE2 1 
ATOM   570  C  CZ  . TYR A 1 65  ? -4.152  1.958   -3.895  1.000 21.559 ? 1043 TYR AAA CZ  1 
ATOM   571  O  OH  . TYR A 1 65  ? -3.390  2.733   -3.064  1.000 21.389 ? 1043 TYR AAA OH  1 
ATOM   572  N  N   . LEU A 1 66  ? -7.686  -1.031  -9.759  1.000 23.303 ? 1044 LEU AAA N   1 
ATOM   573  C  CA  . LEU A 1 66  ? -8.465  -1.994  -10.586 1.000 26.410 ? 1044 LEU AAA CA  1 
ATOM   574  C  C   . LEU A 1 66  ? -7.724  -3.329  -10.660 1.000 23.693 ? 1044 LEU AAA C   1 
ATOM   575  O  O   . LEU A 1 66  ? -8.322  -4.284  -11.168 1.000 23.246 ? 1044 LEU AAA O   1 
ATOM   576  C  CB  . LEU A 1 66  ? -8.700  -1.411  -11.983 1.000 29.094 ? 1044 LEU AAA CB  1 
ATOM   577  C  CG  . LEU A 1 66  ? -9.459  -0.083  -12.047 1.000 33.442 ? 1044 LEU AAA CG  1 
ATOM   578  C  CD1 . LEU A 1 66  ? -9.911  0.188   -13.475 1.000 35.982 ? 1044 LEU AAA CD1 1 
ATOM   579  C  CD2 . LEU A 1 66  ? -10.656 -0.056  -11.106 1.000 34.401 ? 1044 LEU AAA CD2 1 
ATOM   580  N  N   . THR A 1 67  ? -6.484  -3.401  -10.158 1.000 23.093 ? 1045 THR AAA N   1 
ATOM   581  C  CA  . THR A 1 67  ? -5.704  -4.662  -10.060 1.000 22.153 ? 1045 THR AAA CA  1 
ATOM   582  C  C   . THR A 1 67  ? -4.960  -4.706  -8.726  1.000 23.005 ? 1045 THR AAA C   1 
ATOM   583  O  O   . THR A 1 67  ? -4.730  -3.636  -8.117  1.000 20.474 ? 1045 THR AAA O   1 
ATOM   584  C  CB  . THR A 1 67  ? -4.711  -4.823  -11.215 1.000 24.235 ? 1045 THR AAA CB  1 
ATOM   585  O  OG1 . THR A 1 67  ? -3.709  -3.813  -11.085 1.000 24.920 ? 1045 THR AAA OG1 1 
ATOM   586  C  CG2 . THR A 1 67  ? -5.362  -4.727  -12.577 1.000 25.971 ? 1045 THR AAA CG2 1 
ATOM   587  N  N   . VAL A 1 68  ? -4.578  -5.904  -8.301  1.000 21.991 ? 1046 VAL AAA N   1 
ATOM   588  C  CA  . VAL A 1 68  ? -3.714  -6.073  -7.101  1.000 21.505 ? 1046 VAL AAA CA  1 
ATOM   589  C  C   . VAL A 1 68  ? -2.332  -5.505  -7.444  1.000 21.839 ? 1046 VAL AAA C   1 
ATOM   590  O  O   . VAL A 1 68  ? -1.691  -4.919  -6.548  1.000 22.579 ? 1046 VAL AAA O   1 
ATOM   591  C  CB  . VAL A 1 68  ? -3.658  -7.536  -6.629  1.000 22.067 ? 1046 VAL AAA CB  1 
ATOM   592  C  CG1 . VAL A 1 68  ? -2.709  -7.690  -5.454  1.000 23.227 ? 1046 VAL AAA CG1 1 
ATOM   593  C  CG2 . VAL A 1 68  ? -5.038  -8.055  -6.255  1.000 21.235 ? 1046 VAL AAA CG2 1 
ATOM   594  N  N   . LYS A 1 69  ? -1.903  -5.622  -8.704  1.000 23.048 ? 1047 LYS AAA N   1 
ATOM   595  C  CA  . LYS A 1 69  ? -0.610  -5.056  -9.172  1.000 25.963 ? 1047 LYS AAA CA  1 
ATOM   596  C  C   . LYS A 1 69  ? -0.562  -3.553  -8.868  1.000 24.476 ? 1047 LYS AAA C   1 
ATOM   597  O  O   . LYS A 1 69  ? 0.482   -3.099  -8.348  1.000 25.617 ? 1047 LYS AAA O   1 
ATOM   598  C  CB  . LYS A 1 69  ? -0.393  -5.372  -10.656 1.000 30.756 ? 1047 LYS AAA CB  1 
ATOM   599  C  CG  . LYS A 1 69  ? 0.940   -4.922  -11.236 1.000 37.575 ? 1047 LYS AAA CG  1 
ATOM   600  C  CD  . LYS A 1 69  ? 1.381   -5.757  -12.430 1.000 44.752 ? 1047 LYS AAA CD  1 
ATOM   601  C  CE  . LYS A 1 69  ? 2.109   -4.955  -13.490 1.000 52.841 ? 1047 LYS AAA CE  1 
ATOM   602  N  NZ  . LYS A 1 69  ? 2.654   -5.826  -14.561 1.000 55.586 ? 1047 LYS AAA NZ  1 
ATOM   603  N  N   . ASP A 1 70  ? -1.635  -2.808  -9.140  1.000 23.927 ? 1048 ASP AAA N   1 
ATOM   604  C  CA  . ASP A 1 70  ? -1.678  -1.335  -8.918  1.000 26.333 ? 1048 ASP AAA CA  1 
ATOM   605  C  C   . ASP A 1 70  ? -1.622  -1.028  -7.412  1.000 24.520 ? 1048 ASP AAA C   1 
ATOM   606  O  O   . ASP A 1 70  ? -0.981  -0.045  -7.017  1.000 22.377 ? 1048 ASP AAA O   1 
ATOM   607  C  CB  . ASP A 1 70  ? -2.903  -0.709  -9.575  1.000 29.230 ? 1048 ASP AAA CB  1 
ATOM   608  C  CG  . ASP A 1 70  ? -2.814  -0.679  -11.093 1.000 35.171 ? 1048 ASP AAA CG  1 
ATOM   609  O  OD1 . ASP A 1 70  ? -1.748  -1.029  -11.637 1.000 39.815 ? 1048 ASP AAA OD1 1 
ATOM   610  O  OD2 . ASP A 1 70  ? -3.812  -0.313  -11.714 1.000 40.565 ? 1048 ASP AAA OD2 1 
ATOM   611  N  N   . TYR A 1 71  ? -2.276  -1.843  -6.593  1.000 22.018 ? 1049 TYR AAA N   1 
ATOM   612  C  CA  . TYR A 1 71  ? -2.219  -1.747  -5.111  1.000 20.000 ? 1049 TYR AAA CA  1 
ATOM   613  C  C   . TYR A 1 71  ? -0.779  -1.956  -4.622  1.000 20.386 ? 1049 TYR AAA C   1 
ATOM   614  O  O   . TYR A 1 71  ? -0.295  -1.167  -3.769  1.000 20.631 ? 1049 TYR AAA O   1 
ATOM   615  C  CB  . TYR A 1 71  ? -3.191  -2.759  -4.509  1.000 18.951 ? 1049 TYR AAA CB  1 
ATOM   616  C  CG  . TYR A 1 71  ? -3.067  -2.958  -3.023  1.000 18.213 ? 1049 TYR AAA CG  1 
ATOM   617  C  CD1 . TYR A 1 71  ? -3.753  -2.148  -2.137  1.000 17.016 ? 1049 TYR AAA CD1 1 
ATOM   618  C  CD2 . TYR A 1 71  ? -2.287  -3.979  -2.511  1.000 17.166 ? 1049 TYR AAA CD2 1 
ATOM   619  C  CE1 . TYR A 1 71  ? -3.677  -2.359  -0.772  1.000 17.585 ? 1049 TYR AAA CE1 1 
ATOM   620  C  CE2 . TYR A 1 71  ? -2.189  -4.195  -1.150  1.000 18.019 ? 1049 TYR AAA CE2 1 
ATOM   621  C  CZ  . TYR A 1 71  ? -2.878  -3.376  -0.277  1.000 17.456 ? 1049 TYR AAA CZ  1 
ATOM   622  O  OH  . TYR A 1 71  ? -2.794  -3.591  1.067   1.000 18.513 ? 1049 TYR AAA OH  1 
ATOM   623  N  N   . LEU A 1 72  ? -0.112  -2.999  -5.114  1.000 20.898 ? 1050 LEU AAA N   1 
ATOM   624  C  CA  . LEU A 1 72  ? 1.246   -3.375  -4.649  1.000 23.215 ? 1050 LEU AAA CA  1 
ATOM   625  C  C   . LEU A 1 72  ? 2.242   -2.284  -5.053  1.000 25.372 ? 1050 LEU AAA C   1 
ATOM   626  O  O   . LEU A 1 72  ? 3.229   -2.106  -4.327  1.000 22.299 ? 1050 LEU AAA O   1 
ATOM   627  C  CB  . LEU A 1 72  ? 1.631   -4.747  -5.205  1.000 22.737 ? 1050 LEU AAA CB  1 
ATOM   628  C  CG  . LEU A 1 72  ? 0.937   -5.932  -4.535  1.000 23.455 ? 1050 LEU AAA CG  1 
ATOM   629  C  CD1 . LEU A 1 72  ? 1.294   -7.227  -5.243  1.000 26.433 ? 1050 LEU AAA CD1 1 
ATOM   630  C  CD2 . LEU A 1 72  ? 1.295   -6.012  -3.055  1.000 24.610 ? 1050 LEU AAA CD2 1 
ATOM   631  N  N   . ARG A 1 73  ? 1.969   -1.541  -6.127  1.000 24.899 ? 1051 ARG AAA N   1 
ATOM   632  C  CA  . ARG A 1 73  ? 2.825   -0.395  -6.541  1.000 25.764 ? 1051 ARG AAA CA  1 
ATOM   633  C  C   . ARG A 1 73  ? 2.827   0.654   -5.427  1.000 22.531 ? 1051 ARG AAA C   1 
ATOM   634  O  O   . ARG A 1 73  ? 3.893   1.241   -5.183  1.000 24.533 ? 1051 ARG AAA O   1 
ATOM   635  C  CB  . ARG A 1 73  ? 2.359   0.201   -7.872  1.000 29.679 ? 1051 ARG AAA CB  1 
ATOM   636  C  CG  . ARG A 1 73  ? 2.693   -0.659  -9.082  1.000 37.123 ? 1051 ARG AAA CG  1 
ATOM   637  C  CD  . ARG A 1 73  ? 2.747   0.177   -10.346 1.000 49.302 ? 1051 ARG AAA CD  1 
ATOM   638  N  NE  . ARG A 1 73  ? 2.926   -0.626  -11.550 1.000 56.937 ? 1051 ARG AAA NE  1 
ATOM   639  C  CZ  . ARG A 1 73  ? 1.945   -1.118  -12.302 1.000 60.113 ? 1051 ARG AAA CZ  1 
ATOM   640  N  NH1 . ARG A 1 73  ? 0.677   -0.909  -11.981 1.000 62.887 ? 1051 ARG AAA NH1 1 
ATOM   641  N  NH2 . ARG A 1 73  ? 2.236   -1.823  -13.380 1.000 63.105 ? 1051 ARG AAA NH2 1 
ATOM   642  N  N   . ASP A 1 74  ? 1.695   0.850   -4.746  1.000 22.034 ? 1052 ASP AAA N   1 
ATOM   643  C  CA  . ASP A 1 74  ? 1.567   1.840   -3.644  1.000 21.922 ? 1052 ASP AAA CA  1 
ATOM   644  C  C   . ASP A 1 74  ? 2.213   1.269   -2.374  1.000 23.244 ? 1052 ASP AAA C   1 
ATOM   645  O  O   . ASP A 1 74  ? 2.840   2.059   -1.643  1.000 21.964 ? 1052 ASP AAA O   1 
ATOM   646  C  CB  . ASP A 1 74  ? 0.121   2.295   -3.448  1.000 23.262 ? 1052 ASP AAA CB  1 
ATOM   647  C  CG  . ASP A 1 74  ? -0.272  3.434   -4.377  1.000 26.247 ? 1052 ASP AAA CG  1 
ATOM   648  O  OD1 . ASP A 1 74  ? 0.597   3.869   -5.163  1.000 26.933 ? 1052 ASP AAA OD1 1 
ATOM   649  O  OD2 . ASP A 1 74  ? -1.434  3.890   -4.291  1.000 25.774 ? 1052 ASP AAA OD2 1 
ATOM   650  N  N   . ILE A 1 75  ? 2.101   -0.040  -2.129  1.000 21.104 ? 1053 ILE AAA N   1 
ATOM   651  C  CA  . ILE A 1 75  ? 2.824   -0.701  -1.000  1.000 20.594 ? 1053 ILE AAA CA  1 
ATOM   652  C  C   . ILE A 1 75  ? 4.332   -0.534  -1.237  1.000 20.680 ? 1053 ILE AAA C   1 
ATOM   653  O  O   . ILE A 1 75  ? 5.042   -0.139  -0.284  1.000 21.650 ? 1053 ILE AAA O   1 
ATOM   654  C  CB  . ILE A 1 75  ? 2.404   -2.177  -0.852  1.000 21.063 ? 1053 ILE AAA CB  1 
ATOM   655  C  CG1 . ILE A 1 75  ? 0.909   -2.319  -0.551  1.000 20.901 ? 1053 ILE AAA CG1 1 
ATOM   656  C  CG2 . ILE A 1 75  ? 3.262   -2.875  0.197   1.000 21.633 ? 1053 ILE AAA CG2 1 
ATOM   657  C  CD1 . ILE A 1 75  ? 0.438   -1.570  0.679   1.000 22.619 ? 1053 ILE AAA CD1 1 
ATOM   658  N  N   . ASP A 1 76  ? 4.798   -0.824  -2.457  1.000 21.410 ? 1054 ASP AAA N   1 
ATOM   659  C  CA  . ASP A 1 76  ? 6.210   -0.652  -2.887  1.000 24.930 ? 1054 ASP AAA CA  1 
ATOM   660  C  C   . ASP A 1 76  ? 6.656   0.788   -2.592  1.000 25.013 ? 1054 ASP AAA C   1 
ATOM   661  O  O   . ASP A 1 76  ? 7.809   0.967   -2.165  1.000 25.193 ? 1054 ASP AAA O   1 
ATOM   662  C  CB  . ASP A 1 76  ? 6.399   -0.956  -4.375  1.000 26.809 ? 1054 ASP AAA CB  1 
ATOM   663  C  CG  . ASP A 1 76  ? 6.325   -2.418  -4.779  1.000 31.195 ? 1054 ASP AAA CG  1 
ATOM   664  O  OD1 . ASP A 1 76  ? 6.448   -3.294  -3.897  1.000 31.092 ? 1054 ASP AAA OD1 1 
ATOM   665  O  OD2 . ASP A 1 76  ? 6.178   -2.670  -5.991  1.000 34.803 ? 1054 ASP AAA OD2 1 
ATOM   666  N  N   . LEU A 1 77  ? 5.776   1.764   -2.827  1.000 24.402 ? 1055 LEU AAA N   1 
ATOM   667  C  CA  . LEU A 1 77  ? 6.039   3.220   -2.658  1.000 27.195 ? 1055 LEU AAA CA  1 
ATOM   668  C  C   . LEU A 1 77  ? 6.242   3.551   -1.169  1.000 27.575 ? 1055 LEU AAA C   1 
ATOM   669  O  O   . LEU A 1 77  ? 7.170   4.318   -0.849  1.000 26.486 ? 1055 LEU AAA O   1 
ATOM   670  C  CB  . LEU A 1 77  ? 4.863   3.985   -3.277  1.000 29.193 ? 1055 LEU AAA CB  1 
ATOM   671  C  CG  . LEU A 1 77  ? 5.008   5.496   -3.409  1.000 30.653 ? 1055 LEU AAA CG  1 
ATOM   672  C  CD1 . LEU A 1 77  ? 6.259   5.877   -4.189  1.000 30.267 ? 1055 LEU AAA CD1 1 
ATOM   673  C  CD2 . LEU A 1 77  ? 3.769   6.076   -4.072  1.000 30.324 ? 1055 LEU AAA CD2 1 
ATOM   674  N  N   . ILE A 1 78  ? 5.448   2.973   -0.265  1.000 27.007 ? 1056 ILE AAA N   1 
ATOM   675  C  CA  . ILE A 1 78  ? 5.659   3.159   1.202   1.000 25.987 ? 1056 ILE AAA CA  1 
ATOM   676  C  C   . ILE A 1 78  ? 7.084   2.703   1.537   1.000 26.317 ? 1056 ILE AAA C   1 
ATOM   677  O  O   . ILE A 1 78  ? 7.801   3.438   2.254   1.000 26.987 ? 1056 ILE AAA O   1 
ATOM   678  C  CB  . ILE A 1 78  ? 4.595   2.419   2.037   1.000 25.882 ? 1056 ILE AAA CB  1 
ATOM   679  C  CG1 . ILE A 1 78  ? 3.206   3.024   1.827   1.000 25.375 ? 1056 ILE AAA CG1 1 
ATOM   680  C  CG2 . ILE A 1 78  ? 4.987   2.397   3.510   1.000 27.334 ? 1056 ILE AAA CG2 1 
ATOM   681  C  CD1 . ILE A 1 78  ? 2.070   2.208   2.409   1.000 25.078 ? 1056 ILE AAA CD1 1 
ATOM   682  N  N   . CYS A 1 79  ? 7.482   1.534   1.040   1.000 24.400 ? 1057 CYS AAA N   1 
ATOM   683  C  CA  . CYS A 1 79  ? 8.807   0.920   1.305   1.000 25.981 ? 1057 CYS AAA CA  1 
ATOM   684  C  C   . CYS A 1 79  ? 9.924   1.788   0.704   1.000 27.494 ? 1057 CYS AAA C   1 
ATOM   685  O  O   . CYS A 1 79  ? 10.877  2.117   1.428   1.000 24.528 ? 1057 CYS AAA O   1 
ATOM   686  C  CB  . CYS A 1 79  ? 8.867   -0.498  0.759   1.000 27.290 ? 1057 CYS AAA CB  1 
ATOM   687  S  SG  . CYS A 1 79  ? 10.454  -1.297  1.080   1.000 31.011 ? 1057 CYS AAA SG  1 
ATOM   688  N  N   . SER A 1 80  ? 9.812   2.178   -0.565  1.000 26.817 ? 1058 SER AAA N   1 
ATOM   689  C  CA  . SER A 1 80  ? 10.857  2.995   -1.242  1.000 27.576 ? 1058 SER AAA CA  1 
ATOM   690  C  C   . SER A 1 80  ? 10.974  4.380   -0.585  1.000 24.097 ? 1058 SER AAA C   1 
ATOM   691  O  O   . SER A 1 80  ? 12.115  4.845   -0.408  1.000 27.402 ? 1058 SER AAA O   1 
ATOM   692  C  CB  . SER A 1 80  ? 10.610  3.081   -2.731  1.000 30.988 ? 1058 SER AAA CB  1 
ATOM   693  O  OG  . SER A 1 80  ? 9.333   3.632   -2.990  1.000 36.032 ? 1058 SER AAA OG  1 
ATOM   694  N  N   . ASN A 1 81  ? 9.852   5.023   -0.245  1.000 22.828 ? 1059 ASN AAA N   1 
ATOM   695  C  CA  . ASN A 1 81  ? 9.819   6.353   0.424   1.000 22.176 ? 1059 ASN AAA CA  1 
ATOM   696  C  C   . ASN A 1 81  ? 10.535  6.243   1.778   1.000 24.440 ? 1059 ASN AAA C   1 
ATOM   697  O  O   . ASN A 1 81  ? 11.319  7.155   2.118   1.000 22.532 ? 1059 ASN AAA O   1 
ATOM   698  C  CB  . ASN A 1 81  ? 8.395   6.880   0.621   1.000 23.482 ? 1059 ASN AAA CB  1 
ATOM   699  C  CG  . ASN A 1 81  ? 7.728   7.344   -0.658  1.000 25.666 ? 1059 ASN AAA CG  1 
ATOM   700  O  OD1 . ASN A 1 81  ? 8.376   7.484   -1.693  1.000 27.844 ? 1059 ASN AAA OD1 1 
ATOM   701  N  ND2 . ASN A 1 81  ? 6.434   7.603   -0.588  1.000 25.640 ? 1059 ASN AAA ND2 1 
ATOM   702  N  N   . ALA A 1 82  ? 10.276  5.172   2.535   1.000 23.829 ? 1060 ALA AAA N   1 
ATOM   703  C  CA  . ALA A 1 82  ? 10.910  4.926   3.854   1.000 24.395 ? 1060 ALA AAA CA  1 
ATOM   704  C  C   . ALA A 1 82  ? 12.432  4.789   3.684   1.000 24.627 ? 1060 ALA AAA C   1 
ATOM   705  O  O   . ALA A 1 82  ? 13.164  5.409   4.476   1.000 28.613 ? 1060 ALA AAA O   1 
ATOM   706  C  CB  . ALA A 1 82  ? 10.304  3.707   4.510   1.000 23.652 ? 1060 ALA AAA CB  1 
ATOM   707  N  N   . LEU A 1 83  ? 12.894  4.011   2.699   1.000 26.056 ? 1061 LEU AAA N   1 
ATOM   708  C  CA  . LEU A 1 83  ? 14.340  3.794   2.430   1.000 29.042 ? 1061 LEU AAA CA  1 
ATOM   709  C  C   . LEU A 1 83  ? 14.972  5.128   2.014   1.000 31.567 ? 1061 LEU AAA C   1 
ATOM   710  O  O   . LEU A 1 83  ? 16.121  5.392   2.421   1.000 29.674 ? 1061 LEU AAA O   1 
ATOM   711  C  CB  . LEU A 1 83  ? 14.551  2.737   1.339   1.000 30.674 ? 1061 LEU AAA CB  1 
ATOM   712  C  CG  . LEU A 1 83  ? 14.033  1.322   1.613   1.000 35.526 ? 1061 LEU AAA CG  1 
ATOM   713  C  CD1 . LEU A 1 83  ? 14.835  0.296   0.833   1.000 39.469 ? 1061 LEU AAA CD1 1 
ATOM   714  C  CD2 . LEU A 1 83  ? 14.040  0.972   3.088   1.000 37.489 ? 1061 LEU AAA CD2 1 
ATOM   715  N  N   . GLU A 1 84  ? 14.241  5.943   1.251   1.000 29.689 ? 1062 GLU AAA N   1 
ATOM   716  C  CA  . GLU A 1 84  ? 14.765  7.219   0.698   1.000 31.388 ? 1062 GLU AAA CA  1 
ATOM   717  C  C   . GLU A 1 84  ? 14.903  8.251   1.821   1.000 28.486 ? 1062 GLU AAA C   1 
ATOM   718  O  O   . GLU A 1 84  ? 15.979  8.859   1.906   1.000 31.114 ? 1062 GLU AAA O   1 
ATOM   719  C  CB  . GLU A 1 84  ? 13.877  7.720   -0.440  1.000 34.876 ? 1062 GLU AAA CB  1 
ATOM   720  C  CG  . GLU A 1 84  ? 14.322  9.058   -1.003  1.000 41.515 ? 1062 GLU AAA CG  1 
ATOM   721  C  CD  . GLU A 1 84  ? 13.581  9.490   -2.258  1.000 49.371 ? 1062 GLU AAA CD  1 
ATOM   722  O  OE1 . GLU A 1 84  ? 12.567  8.846   -2.598  1.000 45.481 ? 1062 GLU AAA OE1 1 
ATOM   723  O  OE2 . GLU A 1 84  ? 14.025  10.467  -2.896  1.000 56.704 ? 1062 GLU AAA OE2 1 
ATOM   724  N  N   . TYR A 1 85  ? 13.870  8.454   2.643   1.000 27.624 ? 1063 TYR AAA N   1 
ATOM   725  C  CA  . TYR A 1 85  ? 13.850  9.518   3.676   1.000 28.434 ? 1063 TYR AAA CA  1 
ATOM   726  C  C   . TYR A 1 85  ? 14.716  9.130   4.885   1.000 29.310 ? 1063 TYR AAA C   1 
ATOM   727  O  O   . TYR A 1 85  ? 15.142  10.055  5.606   1.000 29.283 ? 1063 TYR AAA O   1 
ATOM   728  C  CB  . TYR A 1 85  ? 12.431  9.866   4.122   1.000 29.771 ? 1063 TYR AAA CB  1 
ATOM   729  C  CG  . TYR A 1 85  ? 12.378  11.137  4.928   1.000 32.979 ? 1063 TYR AAA CG  1 
ATOM   730  C  CD1 . TYR A 1 85  ? 12.424  12.378  4.308   1.000 34.856 ? 1063 TYR AAA CD1 1 
ATOM   731  C  CD2 . TYR A 1 85  ? 12.349  11.106  6.312   1.000 32.229 ? 1063 TYR AAA CD2 1 
ATOM   732  C  CE1 . TYR A 1 85  ? 12.396  13.551  5.041   1.000 35.214 ? 1063 TYR AAA CE1 1 
ATOM   733  C  CE2 . TYR A 1 85  ? 12.322  12.271  7.060   1.000 35.623 ? 1063 TYR AAA CE2 1 
ATOM   734  C  CZ  . TYR A 1 85  ? 12.355  13.498  6.423   1.000 37.551 ? 1063 TYR AAA CZ  1 
ATOM   735  O  OH  . TYR A 1 85  ? 12.329  14.644  7.160   1.000 38.717 ? 1063 TYR AAA OH  1 
ATOM   736  N  N   . ASN A 1 86  ? 14.972  7.833   5.097   1.000 27.351 ? 1064 ASN AAA N   1 
ATOM   737  C  CA  . ASN A 1 86  ? 15.649  7.308   6.317   1.000 28.721 ? 1064 ASN AAA CA  1 
ATOM   738  C  C   . ASN A 1 86  ? 16.806  6.403   5.899   1.000 28.319 ? 1064 ASN AAA C   1 
ATOM   739  O  O   . ASN A 1 86  ? 16.800  5.207   6.183   1.000 29.877 ? 1064 ASN AAA O   1 
ATOM   740  C  CB  . ASN A 1 86  ? 14.641  6.595   7.228   1.000 28.092 ? 1064 ASN AAA CB  1 
ATOM   741  C  CG  . ASN A 1 86  ? 13.362  7.378   7.446   1.000 28.301 ? 1064 ASN AAA CG  1 
ATOM   742  O  OD1 . ASN A 1 86  ? 13.295  8.257   8.306   1.000 25.139 ? 1064 ASN AAA OD1 1 
ATOM   743  N  ND2 . ASN A 1 86  ? 12.324  7.053   6.686   1.000 27.000 ? 1064 ASN AAA ND2 1 
ATOM   744  N  N   . PRO A 1 87  ? 17.837  6.934   5.193   1.000 27.919 ? 1065 PRO AAA N   1 
ATOM   745  C  CA  . PRO A 1 87  ? 18.900  6.102   4.631   1.000 28.486 ? 1065 PRO AAA CA  1 
ATOM   746  C  C   . PRO A 1 87  ? 20.128  5.849   5.519   1.000 27.866 ? 1065 PRO AAA C   1 
ATOM   747  O  O   . PRO A 1 87  ? 20.987  5.093   5.108   1.000 29.565 ? 1065 PRO AAA O   1 
ATOM   748  C  CB  . PRO A 1 87  ? 19.337  6.951   3.426   1.000 29.516 ? 1065 PRO AAA CB  1 
ATOM   749  C  CG  . PRO A 1 87  ? 19.200  8.370   3.917   1.000 29.360 ? 1065 PRO AAA CG  1 
ATOM   750  C  CD  . PRO A 1 87  ? 17.995  8.355   4.836   1.000 29.308 ? 1065 PRO AAA CD  1 
ATOM   751  N  N   . ASP A 1 88  ? 20.187  6.471   6.696   1.000 29.012 ? 1066 ASP AAA N   1 
ATOM   752  C  CA  . ASP A 1 88  ? 21.430  6.548   7.514   1.000 31.627 ? 1066 ASP AAA CA  1 
ATOM   753  C  C   . ASP A 1 88  ? 21.649  5.238   8.277   1.000 31.777 ? 1066 ASP AAA C   1 
ATOM   754  O  O   . ASP A 1 88  ? 20.718  4.413   8.353   1.000 31.305 ? 1066 ASP AAA O   1 
ATOM   755  C  CB  . ASP A 1 88  ? 21.394  7.768   8.432   1.000 33.070 ? 1066 ASP AAA CB  1 
ATOM   756  C  CG  . ASP A 1 88  ? 21.422  9.078   7.665   1.000 38.766 ? 1066 ASP AAA CG  1 
ATOM   757  O  OD1 . ASP A 1 88  ? 21.771  9.046   6.469   1.000 40.113 ? 1066 ASP AAA OD1 1 
ATOM   758  O  OD2 . ASP A 1 88  ? 21.092  10.117  8.269   1.000 43.770 ? 1066 ASP AAA OD2 1 
ATOM   759  N  N   . ARG A 1 89  ? 22.858  5.055   8.812   1.000 29.333 ? 1067 ARG AAA N   1 
ATOM   760  C  CA  . ARG A 1 89  ? 23.265  3.808   9.508   1.000 31.417 ? 1067 ARG AAA CA  1 
ATOM   761  C  C   . ARG A 1 89  ? 22.721  3.807   10.942  1.000 30.008 ? 1067 ARG AAA C   1 
ATOM   762  O  O   . ARG A 1 89  ? 22.816  2.751   11.594  1.000 34.822 ? 1067 ARG AAA O   1 
ATOM   763  C  CB  . ARG A 1 89  ? 24.788  3.660   9.525   1.000 33.092 ? 1067 ARG AAA CB  1 
ATOM   764  C  CG  . ARG A 1 89  ? 25.502  4.775   10.275  1.000 35.640 ? 1067 ARG AAA CG  1 
ATOM   765  C  CD  . ARG A 1 89  ? 26.651  4.262   11.114  1.000 36.126 ? 1067 ARG AAA CD  1 
ATOM   766  N  NE  . ARG A 1 89  ? 26.271  3.204   12.038  1.000 35.665 ? 1067 ARG AAA NE  1 
ATOM   767  C  CZ  . ARG A 1 89  ? 25.773  3.385   13.264  1.000 39.548 ? 1067 ARG AAA CZ  1 
ATOM   768  N  NH1 . ARG A 1 89  ? 25.479  2.325   14.001  1.000 34.882 ? 1067 ARG AAA NH1 1 
ATOM   769  N  NH2 . ARG A 1 89  ? 25.549  4.604   13.746  1.000 36.927 ? 1067 ARG AAA NH2 1 
ATOM   770  N  N   . ASP A 1 90  ? 22.207  4.935   11.430  1.000 31.104 ? 1068 ASP AAA N   1 
ATOM   771  C  CA  . ASP A 1 90  ? 21.769  5.060   12.847  1.000 35.415 ? 1068 ASP AAA CA  1 
ATOM   772  C  C   . ASP A 1 90  ? 20.610  4.093   13.078  1.000 34.335 ? 1068 ASP AAA C   1 
ATOM   773  O  O   . ASP A 1 90  ? 19.848  3.794   12.149  1.000 29.668 ? 1068 ASP AAA O   1 
ATOM   774  C  CB  . ASP A 1 90  ? 21.392  6.493   13.218  1.000 41.051 ? 1068 ASP AAA CB  1 
ATOM   775  C  CG  . ASP A 1 90  ? 20.138  6.981   12.524  1.000 46.988 ? 1068 ASP AAA CG  1 
ATOM   776  O  OD1 . ASP A 1 90  ? 20.219  7.249   11.312  1.000 55.904 ? 1068 ASP AAA OD1 1 
ATOM   777  O  OD2 . ASP A 1 90  ? 19.086  7.060   13.196  1.000 51.110 ? 1068 ASP AAA OD2 1 
ATOM   778  N  N   . PRO A 1 91  ? 20.468  3.550   14.309  1.000 30.710 ? 1069 PRO AAA N   1 
ATOM   779  C  CA  . PRO A 1 91  ? 19.437  2.553   14.599  1.000 27.370 ? 1069 PRO AAA CA  1 
ATOM   780  C  C   . PRO A 1 91  ? 18.005  3.020   14.300  1.000 24.339 ? 1069 PRO AAA C   1 
ATOM   781  O  O   . PRO A 1 91  ? 17.203  2.183   13.952  1.000 21.804 ? 1069 PRO AAA O   1 
ATOM   782  C  CB  . PRO A 1 91  ? 19.595  2.304   16.108  1.000 28.835 ? 1069 PRO AAA CB  1 
ATOM   783  C  CG  . PRO A 1 91  ? 21.037  2.647   16.387  1.000 30.788 ? 1069 PRO AAA CG  1 
ATOM   784  C  CD  . PRO A 1 91  ? 21.330  3.817   15.475  1.000 30.959 ? 1069 PRO AAA CD  1 
ATOM   785  N  N   . GLY A 1 92  ? 17.711  4.310   14.499  1.000 23.902 ? 1070 GLY AAA N   1 
ATOM   786  C  CA  . GLY A 1 92  ? 16.383  4.895   14.236  1.000 26.607 ? 1070 GLY AAA CA  1 
ATOM   787  C  C   . GLY A 1 92  ? 15.984  4.683   12.786  1.000 26.375 ? 1070 GLY AAA C   1 
ATOM   788  O  O   . GLY A 1 92  ? 14.879  4.175   12.534  1.000 24.626 ? 1070 GLY AAA O   1 
ATOM   789  N  N   . ASP A 1 93  ? 16.881  5.035   11.864  1.000 26.200 ? 1071 ASP AAA N   1 
ATOM   790  C  CA  . ASP A 1 93  ? 16.681  4.878   10.401  1.000 27.120 ? 1071 ASP AAA CA  1 
ATOM   791  C  C   . ASP A 1 93  ? 16.625  3.386   10.045  1.000 26.507 ? 1071 ASP AAA C   1 
ATOM   792  O  O   . ASP A 1 93  ? 15.738  2.999   9.274   1.000 24.523 ? 1071 ASP AAA O   1 
ATOM   793  C  CB  . ASP A 1 93  ? 17.780  5.591   9.612   1.000 28.546 ? 1071 ASP AAA CB  1 
ATOM   794  C  CG  . ASP A 1 93  ? 17.586  7.090   9.444   1.000 29.758 ? 1071 ASP AAA CG  1 
ATOM   795  O  OD1 . ASP A 1 93  ? 16.879  7.707   10.270  1.000 30.467 ? 1071 ASP AAA OD1 1 
ATOM   796  O  OD2 . ASP A 1 93  ? 18.143  7.628   8.469   1.000 33.145 ? 1071 ASP AAA OD2 1 
ATOM   797  N  N   . ARG A 1 94  ? 17.539  2.577   10.581  1.000 24.232 ? 1072 ARG AAA N   1 
ATOM   798  C  CA  . ARG A 1 94  ? 17.623  1.127   10.268  1.000 25.820 ? 1072 ARG AAA CA  1 
ATOM   799  C  C   . ARG A 1 94  ? 16.330  0.427   10.709  1.000 22.837 ? 1072 ARG AAA C   1 
ATOM   800  O  O   . ARG A 1 94  ? 15.872  -0.465  9.972   1.000 22.322 ? 1072 ARG AAA O   1 
ATOM   801  C  CB  . ARG A 1 94  ? 18.867  0.503   10.906  1.000 26.110 ? 1072 ARG AAA CB  1 
ATOM   802  C  CG  . ARG A 1 94  ? 20.119  0.664   10.057  1.000 31.772 ? 1072 ARG AAA CG  1 
ATOM   803  C  CD  . ARG A 1 94  ? 21.360  0.088   10.704  1.000 36.690 ? 1072 ARG AAA CD  1 
ATOM   804  N  NE  . ARG A 1 94  ? 22.507  0.101   9.799   1.000 41.111 ? 1072 ARG AAA NE  1 
ATOM   805  C  CZ  . ARG A 1 94  ? 23.779  -0.036  10.172  1.000 44.418 ? 1072 ARG AAA CZ  1 
ATOM   806  N  NH1 . ARG A 1 94  ? 24.092  -0.177  11.452  1.000 46.639 ? 1072 ARG AAA NH1 1 
ATOM   807  N  NH2 . ARG A 1 94  ? 24.739  -0.023  9.263   1.000 42.880 ? 1072 ARG AAA NH2 1 
ATOM   808  N  N   . LEU A 1 95  ? 15.776  0.803   11.862  1.000 22.267 ? 1073 LEU AAA N   1 
ATOM   809  C  CA  . LEU A 1 95  ? 14.507  0.221   12.384  1.000 21.623 ? 1073 LEU AAA CA  1 
ATOM   810  C  C   . LEU A 1 95  ? 13.365  0.561   11.414  1.000 23.310 ? 1073 LEU AAA C   1 
ATOM   811  O  O   . LEU A 1 95  ? 12.577  -0.343  11.077  1.000 21.577 ? 1073 LEU AAA O   1 
ATOM   812  C  CB  . LEU A 1 95  ? 14.240  0.762   13.788  1.000 21.171 ? 1073 LEU AAA CB  1 
ATOM   813  C  CG  . LEU A 1 95  ? 12.955  0.280   14.460  1.000 21.226 ? 1073 LEU AAA CG  1 
ATOM   814  C  CD1 . LEU A 1 95  ? 12.916  -1.236  14.567  1.000 23.406 ? 1073 LEU AAA CD1 1 
ATOM   815  C  CD2 . LEU A 1 95  ? 12.800  0.912   15.830  1.000 23.228 ? 1073 LEU AAA CD2 1 
ATOM   816  N  N   . ILE A 1 96  ? 13.286  1.813   10.962  1.000 23.807 ? 1074 ILE AAA N   1 
ATOM   817  C  CA  . ILE A 1 96  ? 12.230  2.265   10.007  1.000 24.360 ? 1074 ILE AAA CA  1 
ATOM   818  C  C   . ILE A 1 96  ? 12.347  1.444   8.717   1.000 24.990 ? 1074 ILE AAA C   1 
ATOM   819  O  O   . ILE A 1 96  ? 11.305  0.929   8.244   1.000 25.002 ? 1074 ILE AAA O   1 
ATOM   820  C  CB  . ILE A 1 96  ? 12.300  3.789   9.765   1.000 25.954 ? 1074 ILE AAA CB  1 
ATOM   821  C  CG1 . ILE A 1 96  ? 11.905  4.571   11.019  1.000 29.358 ? 1074 ILE AAA CG1 1 
ATOM   822  C  CG2 . ILE A 1 96  ? 11.430  4.187   8.580   1.000 28.235 ? 1074 ILE AAA CG2 1 
ATOM   823  C  CD1 . ILE A 1 96  ? 12.459  5.980   11.073  1.000 33.083 ? 1074 ILE AAA CD1 1 
ATOM   824  N  N   . ARG A 1 97  ? 13.557  1.305   8.167   1.000 25.177 ? 1075 ARG AAA N   1 
ATOM   825  C  CA  . ARG A 1 97  ? 13.802  0.564   6.901   1.000 26.815 ? 1075 ARG AAA CA  1 
ATOM   826  C  C   . ARG A 1 97  ? 13.393  -0.904  7.073   1.000 26.963 ? 1075 ARG AAA C   1 
ATOM   827  O  O   . ARG A 1 97  ? 12.709  -1.434  6.170   1.000 24.225 ? 1075 ARG AAA O   1 
ATOM   828  C  CB  . ARG A 1 97  ? 15.264  0.661   6.459   1.000 28.165 ? 1075 ARG AAA CB  1 
ATOM   829  C  CG  . ARG A 1 97  ? 15.684  2.057   6.028   1.000 27.869 ? 1075 ARG AAA CG  1 
ATOM   830  C  CD  . ARG A 1 97  ? 16.891  2.021   5.112   1.000 29.410 ? 1075 ARG AAA CD  1 
ATOM   831  N  NE  . ARG A 1 97  ? 18.090  1.431   5.693   1.000 31.366 ? 1075 ARG AAA NE  1 
ATOM   832  C  CZ  . ARG A 1 97  ? 18.931  2.044   6.522   1.000 31.996 ? 1075 ARG AAA CZ  1 
ATOM   833  N  NH1 . ARG A 1 97  ? 18.696  3.276   6.936   1.000 32.099 ? 1075 ARG AAA NH1 1 
ATOM   834  N  NH2 . ARG A 1 97  ? 20.007  1.407   6.948   1.000 34.403 ? 1075 ARG AAA NH2 1 
ATOM   835  N  N   . HIS A 1 98  ? 13.805  -1.547  8.171   1.000 24.118 ? 1076 HIS AAA N   1 
ATOM   836  C  CA  . HIS A 1 98  ? 13.452  -2.962  8.453   1.000 24.550 ? 1076 HIS AAA CA  1 
ATOM   837  C  C   . HIS A 1 98  ? 11.924  -3.095  8.501   1.000 21.558 ? 1076 HIS AAA C   1 
ATOM   838  O  O   . HIS A 1 98  ? 11.405  -4.066  7.915   1.000 23.924 ? 1076 HIS AAA O   1 
ATOM   839  C  CB  . HIS A 1 98  ? 14.121  -3.480  9.736   1.000 26.044 ? 1076 HIS AAA CB  1 
ATOM   840  C  CG  . HIS A 1 98  ? 14.006  -4.958  9.904   1.000 32.792 ? 1076 HIS AAA CG  1 
ATOM   841  N  ND1 . HIS A 1 98  ? 13.019  -5.544  10.684  1.000 39.037 ? 1076 HIS AAA ND1 1 
ATOM   842  C  CD2 . HIS A 1 98  ? 14.737  -5.974  9.388   1.000 36.912 ? 1076 HIS AAA CD2 1 
ATOM   843  C  CE1 . HIS A 1 98  ? 13.156  -6.857  10.647  1.000 39.676 ? 1076 HIS AAA CE1 1 
ATOM   844  N  NE2 . HIS A 1 98  ? 14.202  -7.148  9.853   1.000 35.148 ? 1076 HIS AAA NE2 1 
ATOM   845  N  N   . ARG A 1 99  ? 11.242  -2.164  9.171   1.000 22.105 ? 1077 ARG AAA N   1 
ATOM   846  C  CA  . ARG A 1 99  ? 9.762   -2.181  9.335   1.000 22.452 ? 1077 ARG AAA CA  1 
ATOM   847  C  C   . ARG A 1 99  ? 9.093   -1.947  7.974   1.000 25.058 ? 1077 ARG AAA C   1 
ATOM   848  O  O   . ARG A 1 99  ? 8.102   -2.638  7.679   1.000 21.477 ? 1077 ARG AAA O   1 
ATOM   849  C  CB  . ARG A 1 99  ? 9.321   -1.130  10.351  1.000 23.688 ? 1077 ARG AAA CB  1 
ATOM   850  C  CG  . ARG A 1 99  ? 9.615   -1.512  11.793  1.000 23.068 ? 1077 ARG AAA CG  1 
ATOM   851  C  CD  . ARG A 1 99  ? 9.328   -0.360  12.721  1.000 24.219 ? 1077 ARG AAA CD  1 
ATOM   852  N  NE  . ARG A 1 99  ? 9.348   -0.765  14.118  1.000 26.088 ? 1077 ARG AAA NE  1 
ATOM   853  C  CZ  . ARG A 1 99  ? 9.191   0.062   15.142  1.000 26.505 ? 1077 ARG AAA CZ  1 
ATOM   854  N  NH1 . ARG A 1 99  ? 8.999   1.354   14.931  1.000 28.200 ? 1077 ARG AAA NH1 1 
ATOM   855  N  NH2 . ARG A 1 99  ? 9.215   -0.410  16.376  1.000 31.122 ? 1077 ARG AAA NH2 1 
ATOM   856  N  N   . ALA A 1 100 ? 9.625   -1.026  7.169   1.000 26.397 ? 1078 ALA AAA N   1 
ATOM   857  C  CA  . ALA A 1 100 ? 9.123   -0.720  5.806   1.000 27.543 ? 1078 ALA AAA CA  1 
ATOM   858  C  C   . ALA A 1 100 ? 9.229   -1.957  4.909   1.000 27.319 ? 1078 ALA AAA C   1 
ATOM   859  O  O   . ALA A 1 100 ? 8.220   -2.284  4.238   1.000 31.751 ? 1078 ALA AAA O   1 
ATOM   860  C  CB  . ALA A 1 100 ? 9.883   0.447   5.223   1.000 29.502 ? 1078 ALA AAA CB  1 
ATOM   861  N  N   . CYS A 1 101 ? 10.400  -2.598  4.879   1.000 26.655 ? 1079 CYS AAA N   1 
ATOM   862  C  CA  . CYS A 1 101 ? 10.688  -3.842  4.120   1.000 30.807 ? 1079 CYS AAA CA  1 
ATOM   863  C  C   . CYS A 1 101 ? 9.748   -4.951  4.596   1.000 26.592 ? 1079 CYS AAA C   1 
ATOM   864  O  O   . CYS A 1 101 ? 9.253   -5.694  3.745   1.000 23.451 ? 1079 CYS AAA O   1 
ATOM   865  C  CB  . CYS A 1 101 ? 12.135  -4.298  4.283   1.000 35.402 ? 1079 CYS AAA CB  1 
ATOM   866  S  SG  . CYS A 1 101 ? 13.313  -3.339  3.292   1.000 44.065 ? 1079 CYS AAA SG  1 
ATOM   867  N  N   . ALA A 1 102 ? 9.519   -5.050  5.910   1.000 23.224 ? 1080 ALA AAA N   1 
ATOM   868  C  CA  . ALA A 1 102 ? 8.635   -6.067  6.528   1.000 22.166 ? 1080 ALA AAA CA  1 
ATOM   869  C  C   . ALA A 1 102 ? 7.181   -5.826  6.105   1.000 20.848 ? 1080 ALA AAA C   1 
ATOM   870  O  O   . ALA A 1 102 ? 6.457   -6.820  5.854   1.000 20.615 ? 1080 ALA AAA O   1 
ATOM   871  C  CB  . ALA A 1 102 ? 8.780   -6.038  8.031   1.000 22.494 ? 1080 ALA AAA CB  1 
ATOM   872  N  N   . LEU A 1 103 ? 6.741   -4.569  6.092   1.000 21.609 ? 1081 LEU AAA N   1 
ATOM   873  C  CA  . LEU A 1 103 ? 5.365   -4.201  5.655   1.000 22.722 ? 1081 LEU AAA CA  1 
ATOM   874  C  C   . LEU A 1 103 ? 5.178   -4.694  4.215   1.000 22.927 ? 1081 LEU AAA C   1 
ATOM   875  O  O   . LEU A 1 103 ? 4.178   -5.380  3.947   1.000 20.173 ? 1081 LEU AAA O   1 
ATOM   876  C  CB  . LEU A 1 103 ? 5.164   -2.686  5.764   1.000 24.608 ? 1081 LEU AAA CB  1 
ATOM   877  C  CG  . LEU A 1 103 ? 3.735   -2.200  5.504   1.000 27.508 ? 1081 LEU AAA CG  1 
ATOM   878  C  CD1 . LEU A 1 103 ? 3.407   -0.978  6.350   1.000 32.843 ? 1081 LEU AAA CD1 1 
ATOM   879  C  CD2 . LEU A 1 103 ? 3.536   -1.873  4.038   1.000 32.052 ? 1081 LEU AAA CD2 1 
ATOM   880  N  N   . ARG A 1 104 ? 6.138   -4.389  3.340   1.000 23.025 ? 1082 ARG AAA N   1 
ATOM   881  C  CA  A ARG A 1 104 ? 6.118   -4.794  1.908   0.500 25.689 ? 1082 ARG AAA CA  1 
ATOM   882  C  CA  B ARG A 1 104 ? 6.101   -4.793  1.910   0.500 24.791 ? 1082 ARG AAA CA  1 
ATOM   883  C  C   . ARG A 1 104 ? 6.114   -6.323  1.804   1.000 23.890 ? 1082 ARG AAA C   1 
ATOM   884  O  O   . ARG A 1 104 ? 5.266   -6.861  1.075   1.000 20.826 ? 1082 ARG AAA O   1 
ATOM   885  C  CB  A ARG A 1 104 ? 7.324   -4.213  1.164   0.500 28.156 ? 1082 ARG AAA CB  1 
ATOM   886  C  CB  B ARG A 1 104 ? 7.274   -4.166  1.153   0.500 25.736 ? 1082 ARG AAA CB  1 
ATOM   887  C  CG  A ARG A 1 104 ? 7.506   -4.740  -0.253  0.500 29.537 ? 1082 ARG AAA CG  1 
ATOM   888  C  CG  B ARG A 1 104 ? 7.290   -4.481  -0.336  0.500 25.965 ? 1082 ARG AAA CG  1 
ATOM   889  C  CD  A ARG A 1 104 ? 8.955   -4.679  -0.688  0.500 33.698 ? 1082 ARG AAA CD  1 
ATOM   890  C  CD  B ARG A 1 104 ? 8.396   -3.744  -1.062  0.500 27.558 ? 1082 ARG AAA CD  1 
ATOM   891  N  NE  A ARG A 1 104 ? 9.819   -5.482  0.168   0.500 36.117 ? 1082 ARG AAA NE  1 
ATOM   892  N  NE  B ARG A 1 104 ? 8.457   -4.126  -2.462  0.500 29.892 ? 1082 ARG AAA NE  1 
ATOM   893  C  CZ  A ARG A 1 104 ? 11.140  -5.386  0.192   0.500 37.183 ? 1082 ARG AAA CZ  1 
ATOM   894  C  CZ  B ARG A 1 104 ? 9.255   -5.064  -2.957  0.500 30.440 ? 1082 ARG AAA CZ  1 
ATOM   895  N  NH1 A ARG A 1 104 ? 11.751  -4.514  -0.591  0.500 40.408 ? 1082 ARG AAA NH1 1 
ATOM   896  N  NH1 B ARG A 1 104 ? 9.225   -5.334  -4.249  0.500 30.798 ? 1082 ARG AAA NH1 1 
ATOM   897  N  NH2 A ARG A 1 104 ? 11.846  -6.154  1.000   0.500 38.604 ? 1082 ARG AAA NH2 1 
ATOM   898  N  NH2 B ARG A 1 104 ? 10.085  -5.721  -2.165  0.500 31.846 ? 1082 ARG AAA NH2 1 
ATOM   899  N  N   . ASP A 1 105 ? 7.032   -6.991  2.504   1.000 22.900 ? 1083 ASP AAA N   1 
ATOM   900  C  CA  . ASP A 1 105 ? 7.166   -8.471  2.445   1.000 22.314 ? 1083 ASP AAA CA  1 
ATOM   901  C  C   . ASP A 1 105 ? 5.864   -9.119  2.935   1.000 20.128 ? 1083 ASP AAA C   1 
ATOM   902  O  O   . ASP A 1 105 ? 5.447   -10.128 2.328   1.000 21.038 ? 1083 ASP AAA O   1 
ATOM   903  C  CB  . ASP A 1 105 ? 8.367   -8.970  3.246   1.000 25.401 ? 1083 ASP AAA CB  1 
ATOM   904  C  CG  . ASP A 1 105 ? 9.715   -8.604  2.644   1.000 30.276 ? 1083 ASP AAA CG  1 
ATOM   905  O  OD1 . ASP A 1 105 ? 9.767   -8.272  1.440   1.000 32.892 ? 1083 ASP AAA OD1 1 
ATOM   906  O  OD2 . ASP A 1 105 ? 10.705  -8.651  3.392   1.000 31.718 ? 1083 ASP AAA OD2 1 
ATOM   907  N  N   . THR A 1 106 ? 5.248   -8.566  3.980   1.000 19.497 ? 1084 THR AAA N   1 
ATOM   908  C  CA  . THR A 1 106 ? 4.008   -9.114  4.587   1.000 19.939 ? 1084 THR AAA CA  1 
ATOM   909  C  C   . THR A 1 106 ? 2.864   -8.993  3.570   1.000 18.951 ? 1084 THR AAA C   1 
ATOM   910  O  O   . THR A 1 106 ? 2.135   -9.986  3.380   1.000 18.711 ? 1084 THR AAA O   1 
ATOM   911  C  CB  . THR A 1 106 ? 3.684   -8.442  5.924   1.000 20.682 ? 1084 THR AAA CB  1 
ATOM   912  O  OG1 . THR A 1 106 ? 4.778   -8.680  6.811   1.000 20.920 ? 1084 THR AAA OG1 1 
ATOM   913  C  CG2 . THR A 1 106 ? 2.406   -8.957  6.547   1.000 21.686 ? 1084 THR AAA CG2 1 
ATOM   914  N  N   . ALA A 1 107 ? 2.708   -7.823  2.955   1.000 18.366 ? 1085 ALA AAA N   1 
ATOM   915  C  CA  . ALA A 1 107 ? 1.683   -7.571  1.913   1.000 17.935 ? 1085 ALA AAA CA  1 
ATOM   916  C  C   . ALA A 1 107 ? 1.833   -8.605  0.791   1.000 18.342 ? 1085 ALA AAA C   1 
ATOM   917  O  O   . ALA A 1 107 ? 0.836   -9.269  0.447   1.000 16.872 ? 1085 ALA AAA O   1 
ATOM   918  C  CB  . ALA A 1 107 ? 1.804   -6.164  1.393   1.000 18.363 ? 1085 ALA AAA CB  1 
ATOM   919  N  N   . TYR A 1 108 ? 3.041   -8.777  0.257   1.000 18.795 ? 1086 TYR AAA N   1 
ATOM   920  C  CA  . TYR A 1 108 ? 3.313   -9.739  -0.845  1.000 19.835 ? 1086 TYR AAA CA  1 
ATOM   921  C  C   . TYR A 1 108 ? 3.011   -11.171 -0.376  1.000 19.529 ? 1086 TYR AAA C   1 
ATOM   922  O  O   . TYR A 1 108 ? 2.431   -11.947 -1.163  1.000 19.591 ? 1086 TYR AAA O   1 
ATOM   923  C  CB  . TYR A 1 108 ? 4.740   -9.579  -1.377  1.000 21.148 ? 1086 TYR AAA CB  1 
ATOM   924  C  CG  . TYR A 1 108 ? 4.912   -8.506  -2.426  1.000 21.629 ? 1086 TYR AAA CG  1 
ATOM   925  C  CD1 . TYR A 1 108 ? 5.062   -7.172  -2.077  1.000 23.825 ? 1086 TYR AAA CD1 1 
ATOM   926  C  CD2 . TYR A 1 108 ? 4.923   -8.818  -3.777  1.000 24.857 ? 1086 TYR AAA CD2 1 
ATOM   927  C  CE1 . TYR A 1 108 ? 5.243   -6.181  -3.034  1.000 23.192 ? 1086 TYR AAA CE1 1 
ATOM   928  C  CE2 . TYR A 1 108 ? 5.094   -7.840  -4.748  1.000 24.320 ? 1086 TYR AAA CE2 1 
ATOM   929  C  CZ  . TYR A 1 108 ? 5.255   -6.516  -4.376  1.000 24.854 ? 1086 TYR AAA CZ  1 
ATOM   930  O  OH  . TYR A 1 108 ? 5.421   -5.542  -5.320  1.000 25.021 ? 1086 TYR AAA OH  1 
ATOM   931  N  N   . ALA A 1 109 ? 3.355   -11.520 0.868   1.000 19.697 ? 1087 ALA AAA N   1 
ATOM   932  C  CA  . ALA A 1 109 ? 3.160   -12.882 1.421   1.000 20.672 ? 1087 ALA AAA CA  1 
ATOM   933  C  C   . ALA A 1 109 ? 1.659   -13.181 1.569   1.000 19.319 ? 1087 ALA AAA C   1 
ATOM   934  O  O   . ALA A 1 109 ? 1.228   -14.301 1.207   1.000 18.547 ? 1087 ALA AAA O   1 
ATOM   935  C  CB  . ALA A 1 109 ? 3.890   -13.027 2.733   1.000 23.283 ? 1087 ALA AAA CB  1 
ATOM   936  N  N   . ILE A 1 110 ? 0.877   -12.231 2.082   1.000 19.269 ? 1088 ILE AAA N   1 
ATOM   937  C  CA  . ILE A 1 110 ? -0.602  -12.396 2.208   1.000 18.928 ? 1088 ILE AAA CA  1 
ATOM   938  C  C   . ILE A 1 110 ? -1.172  -12.632 0.806   1.000 18.386 ? 1088 ILE AAA C   1 
ATOM   939  O  O   . ILE A 1 110 ? -1.975  -13.567 0.639   1.000 18.312 ? 1088 ILE AAA O   1 
ATOM   940  C  CB  . ILE A 1 110 ? -1.258  -11.201 2.933   1.000 20.637 ? 1088 ILE AAA CB  1 
ATOM   941  C  CG1 . ILE A 1 110 ? -0.823  -11.114 4.400   1.000 20.813 ? 1088 ILE AAA CG1 1 
ATOM   942  C  CG2 . ILE A 1 110 ? -2.774  -11.270 2.811   1.000 21.341 ? 1088 ILE AAA CG2 1 
ATOM   943  C  CD1 . ILE A 1 110 ? -1.230  -9.828  5.096   1.000 21.424 ? 1088 ILE AAA CD1 1 
ATOM   944  N  N   . ILE A 1 111 ? -0.769  -11.820 -0.172  1.000 18.990 ? 1089 ILE AAA N   1 
ATOM   945  C  CA  . ILE A 1 111 ? -1.298  -11.888 -1.568  1.000 20.169 ? 1089 ILE AAA CA  1 
ATOM   946  C  C   . ILE A 1 111 ? -0.871  -13.226 -2.185  1.000 20.920 ? 1089 ILE AAA C   1 
ATOM   947  O  O   . ILE A 1 111 ? -1.717  -13.876 -2.822  1.000 20.015 ? 1089 ILE AAA O   1 
ATOM   948  C  CB  . ILE A 1 111 ? -0.894  -10.633 -2.374  1.000 21.950 ? 1089 ILE AAA CB  1 
ATOM   949  C  CG1 A ILE A 1 111 ? -1.854  -9.486  -2.040  0.500 23.247 ? 1089 ILE AAA CG1 1 
ATOM   950  C  CG1 B ILE A 1 111 ? -1.862  -9.461  -2.179  0.500 23.860 ? 1089 ILE AAA CG1 1 
ATOM   951  C  CG2 A ILE A 1 111 ? -0.829  -10.897 -3.871  0.500 22.313 ? 1089 ILE AAA CG2 1 
ATOM   952  C  CG2 B ILE A 1 111 ? -0.767  -10.958 -3.856  0.500 22.413 ? 1089 ILE AAA CG2 1 
ATOM   953  C  CD1 A ILE A 1 111 ? -1.252  -8.110  -2.145  0.500 23.143 ? 1089 ILE AAA CD1 1 
ATOM   954  C  CD1 B ILE A 1 111 ? -2.057  -9.026  -0.761  0.500 23.798 ? 1089 ILE AAA CD1 1 
ATOM   955  N  N   . LYS A 1 112 ? 0.364   -13.670 -1.952  1.000 21.059 ? 1090 LYS AAA N   1 
ATOM   956  C  CA  . LYS A 1 112 ? 0.847   -14.970 -2.490  1.000 23.758 ? 1090 LYS AAA CA  1 
ATOM   957  C  C   . LYS A 1 112 ? -0.056  -16.101 -1.976  1.000 23.285 ? 1090 LYS AAA C   1 
ATOM   958  O  O   . LYS A 1 112 ? -0.442  -16.967 -2.791  1.000 22.142 ? 1090 LYS AAA O   1 
ATOM   959  C  CB  . LYS A 1 112 ? 2.310   -15.222 -2.119  1.000 27.239 ? 1090 LYS AAA CB  1 
ATOM   960  C  CG  . LYS A 1 112 ? 2.856   -16.549 -2.631  1.000 32.260 ? 1090 LYS AAA CG  1 
ATOM   961  C  CD  . LYS A 1 112 ? 4.337   -16.736 -2.406  1.000 39.703 ? 1090 LYS AAA CD  1 
ATOM   962  C  CE  . LYS A 1 112 ? 4.869   -17.999 -3.050  1.000 44.829 ? 1090 LYS AAA CE  1 
ATOM   963  N  NZ  . LYS A 1 112 ? 6.326   -18.153 -2.824  1.000 50.133 ? 1090 LYS AAA NZ  1 
ATOM   964  N  N   . GLU A 1 113 ? -0.393  -16.102 -0.683  1.000 21.720 ? 1091 GLU AAA N   1 
ATOM   965  C  CA  . GLU A 1 113 ? -1.183  -17.186 -0.039  1.000 22.915 ? 1091 GLU AAA CA  1 
ATOM   966  C  C   . GLU A 1 113 ? -2.684  -17.065 -0.353  1.000 22.570 ? 1091 GLU AAA C   1 
ATOM   967  O  O   . GLU A 1 113 ? -3.353  -18.119 -0.344  1.000 22.379 ? 1091 GLU AAA O   1 
ATOM   968  C  CB  . GLU A 1 113 ? -0.984  -17.189 1.478   1.000 26.836 ? 1091 GLU AAA CB  1 
ATOM   969  C  CG  . GLU A 1 113 ? 0.400   -17.631 1.913   1.000 34.249 ? 1091 GLU AAA CG  1 
ATOM   970  C  CD  . GLU A 1 113 ? 0.548   -17.868 3.408   1.000 45.547 ? 1091 GLU AAA CD  1 
ATOM   971  O  OE1 . GLU A 1 113 ? -0.176  -17.214 4.191   1.000 45.203 ? 1091 GLU AAA OE1 1 
ATOM   972  O  OE2 . GLU A 1 113 ? 1.394   -18.709 3.791   1.000 52.970 ? 1091 GLU AAA OE2 1 
ATOM   973  N  N   . GLU A 1 114 ? -3.225  -15.860 -0.591  1.000 19.681 ? 1092 GLU AAA N   1 
ATOM   974  C  CA  . GLU A 1 114 ? -4.699  -15.649 -0.516  1.000 19.992 ? 1092 GLU AAA CA  1 
ATOM   975  C  C   . GLU A 1 114 ? -5.308  -15.114 -1.819  1.000 20.002 ? 1092 GLU AAA C   1 
ATOM   976  O  O   . GLU A 1 114 ? -6.535  -15.236 -1.957  1.000 20.850 ? 1092 GLU AAA O   1 
ATOM   977  C  CB  . GLU A 1 114 ? -5.041  -14.727 0.649   1.000 20.507 ? 1092 GLU AAA CB  1 
ATOM   978  C  CG  . GLU A 1 114 ? -4.606  -15.293 1.982   1.000 20.272 ? 1092 GLU AAA CG  1 
ATOM   979  C  CD  . GLU A 1 114 ? -4.843  -14.376 3.161   1.000 19.986 ? 1092 GLU AAA CD  1 
ATOM   980  O  OE1 . GLU A 1 114 ? -5.785  -13.559 3.100   1.000 19.809 ? 1092 GLU AAA OE1 1 
ATOM   981  O  OE2 . GLU A 1 114 ? -4.092  -14.487 4.138   1.000 20.056 ? 1092 GLU AAA OE2 1 
ATOM   982  N  N   . LEU A 1 115 ? -4.520  -14.536 -2.726  1.000 19.921 ? 1093 LEU AAA N   1 
ATOM   983  C  CA  . LEU A 1 115 ? -5.033  -14.038 -4.030  1.000 21.189 ? 1093 LEU AAA CA  1 
ATOM   984  C  C   . LEU A 1 115 ? -5.083  -15.195 -5.030  1.000 22.559 ? 1093 LEU AAA C   1 
ATOM   985  O  O   . LEU A 1 115 ? -4.047  -15.830 -5.254  1.000 21.877 ? 1093 LEU AAA O   1 
ATOM   986  C  CB  . LEU A 1 115 ? -4.127  -12.920 -4.547  1.000 21.515 ? 1093 LEU AAA CB  1 
ATOM   987  C  CG  . LEU A 1 115 ? -4.426  -12.438 -5.965  1.000 22.472 ? 1093 LEU AAA CG  1 
ATOM   988  C  CD1 . LEU A 1 115 ? -5.808  -11.818 -6.035  1.000 21.943 ? 1093 LEU AAA CD1 1 
ATOM   989  C  CD2 . LEU A 1 115 ? -3.363  -11.455 -6.423  1.000 24.487 ? 1093 LEU AAA CD2 1 
ATOM   990  N  N   . ASP A 1 116 ? -6.240  -15.429 -5.642  1.000 23.829 ? 1094 ASP AAA N   1 
ATOM   991  C  CA  . ASP A 1 116 ? -6.362  -16.366 -6.791  1.000 23.823 ? 1094 ASP AAA CA  1 
ATOM   992  C  C   . ASP A 1 116 ? -5.770  -15.685 -8.033  1.000 22.627 ? 1094 ASP AAA C   1 
ATOM   993  O  O   . ASP A 1 116 ? -6.232  -14.591 -8.385  1.000 23.742 ? 1094 ASP AAA O   1 
ATOM   994  C  CB  . ASP A 1 116 ? -7.816  -16.805 -6.968  1.000 25.970 ? 1094 ASP AAA CB  1 
ATOM   995  C  CG  . ASP A 1 116 ? -7.959  -17.960 -7.938  1.000 29.302 ? 1094 ASP AAA CG  1 
ATOM   996  O  OD1 . ASP A 1 116 ? -7.476  -17.821 -9.083  1.000 30.383 ? 1094 ASP AAA OD1 1 
ATOM   997  O  OD2 . ASP A 1 116 ? -8.529  -18.998 -7.532  1.000 26.713 ? 1094 ASP AAA OD2 1 
ATOM   998  N  N   . GLU A 1 117 ? -4.779  -16.309 -8.672  1.000 23.636 ? 1095 GLU AAA N   1 
ATOM   999  C  CA  . GLU A 1 117 ? -4.083  -15.763 -9.873  1.000 27.403 ? 1095 GLU AAA CA  1 
ATOM   1000 C  C   . GLU A 1 117 ? -5.096  -15.498 -10.992 1.000 24.131 ? 1095 GLU AAA C   1 
ATOM   1001 O  O   . GLU A 1 117 ? -4.895  -14.534 -11.760 1.000 22.368 ? 1095 GLU AAA O   1 
ATOM   1002 C  CB  . GLU A 1 117 ? -3.006  -16.727 -10.374 1.000 33.567 ? 1095 GLU AAA CB  1 
ATOM   1003 C  CG  . GLU A 1 117 ? -1.763  -16.740 -9.509  1.000 44.500 ? 1095 GLU AAA CG  1 
ATOM   1004 C  CD  . GLU A 1 117 ? -0.695  -17.725 -9.956  1.000 55.865 ? 1095 GLU AAA CD  1 
ATOM   1005 O  OE1 . GLU A 1 117 ? -0.847  -18.312 -11.055 1.000 58.011 ? 1095 GLU AAA OE1 1 
ATOM   1006 O  OE2 . GLU A 1 117 ? 0.287   -17.908 -9.202  1.000 65.928 ? 1095 GLU AAA OE2 1 
ATOM   1007 N  N   . ASP A 1 118 ? -6.146  -16.315 -11.091 1.000 24.347 ? 1096 ASP AAA N   1 
ATOM   1008 C  CA  . ASP A 1 118 ? -7.186  -16.155 -12.144 1.000 23.930 ? 1096 ASP AAA CA  1 
ATOM   1009 C  C   . ASP A 1 118 ? -8.066  -14.948 -11.818 1.000 21.395 ? 1096 ASP AAA C   1 
ATOM   1010 O  O   . ASP A 1 118 ? -8.600  -14.338 -12.753 1.000 21.736 ? 1096 ASP AAA O   1 
ATOM   1011 C  CB  . ASP A 1 118 ? -7.994  -17.437 -12.331 1.000 24.743 ? 1096 ASP AAA CB  1 
ATOM   1012 C  CG  . ASP A 1 118 ? -7.168  -18.565 -12.922 1.000 28.956 ? 1096 ASP AAA CG  1 
ATOM   1013 O  OD1 . ASP A 1 118 ? -6.254  -18.262 -13.704 1.000 30.150 ? 1096 ASP AAA OD1 1 
ATOM   1014 O  OD2 . ASP A 1 118 ? -7.420  -19.719 -12.558 1.000 33.929 ? 1096 ASP AAA OD2 1 
ATOM   1015 N  N   . PHE A 1 119 ? -8.218  -14.601 -10.539 1.000 20.421 ? 1097 PHE AAA N   1 
ATOM   1016 C  CA  . PHE A 1 119 ? -8.970  -13.390 -10.134 1.000 19.926 ? 1097 PHE AAA CA  1 
ATOM   1017 C  C   . PHE A 1 119 ? -8.186  -12.144 -10.568 1.000 20.370 ? 1097 PHE AAA C   1 
ATOM   1018 O  O   . PHE A 1 119 ? -8.802  -11.240 -11.171 1.000 20.279 ? 1097 PHE AAA O   1 
ATOM   1019 C  CB  . PHE A 1 119 ? -9.266  -13.376 -8.634  1.000 19.888 ? 1097 PHE AAA CB  1 
ATOM   1020 C  CG  . PHE A 1 119 ? -10.050 -12.162 -8.218  1.000 19.734 ? 1097 PHE AAA CG  1 
ATOM   1021 C  CD1 . PHE A 1 119 ? -11.434 -12.146 -8.308  1.000 21.505 ? 1097 PHE AAA CD1 1 
ATOM   1022 C  CD2 . PHE A 1 119 ? -9.403  -11.017 -7.783  1.000 19.402 ? 1097 PHE AAA CD2 1 
ATOM   1023 C  CE1 . PHE A 1 119 ? -12.153 -11.020 -7.944  1.000 21.921 ? 1097 PHE AAA CE1 1 
ATOM   1024 C  CE2 . PHE A 1 119 ? -10.123 -9.886  -7.434  1.000 19.886 ? 1097 PHE AAA CE2 1 
ATOM   1025 C  CZ  . PHE A 1 119 ? -11.496 -9.890  -7.507  1.000 20.557 ? 1097 PHE AAA CZ  1 
ATOM   1026 N  N   . GLU A 1 120 ? -6.887  -12.086 -10.254 1.000 21.587 ? 1098 GLU AAA N   1 
ATOM   1027 C  CA  . GLU A 1 120 ? -5.994  -10.967 -10.669 1.000 23.326 ? 1098 GLU AAA CA  1 
ATOM   1028 C  C   . GLU A 1 120 ? -6.032  -10.859 -12.198 1.000 23.488 ? 1098 GLU AAA C   1 
ATOM   1029 O  O   . GLU A 1 120 ? -6.157  -9.738  -12.695 1.000 23.291 ? 1098 GLU AAA O   1 
ATOM   1030 C  CB  . GLU A 1 120 ? -4.565  -11.166 -10.152 1.000 25.305 ? 1098 GLU AAA CB  1 
ATOM   1031 C  CG  . GLU A 1 120 ? -3.552  -10.141 -10.662 1.000 25.575 ? 1098 GLU AAA CG  1 
ATOM   1032 C  CD  . GLU A 1 120 ? -3.755  -8.689  -10.248 1.000 28.602 ? 1098 GLU AAA CD  1 
ATOM   1033 O  OE1 . GLU A 1 120 ? -4.786  -8.395  -9.604  1.000 29.501 ? 1098 GLU AAA OE1 1 
ATOM   1034 O  OE2 . GLU A 1 120 ? -2.868  -7.838  -10.570 1.000 27.470 ? 1098 GLU AAA OE2 1 
ATOM   1035 N  N   . GLN A 1 121 ? -5.959  -11.992 -12.904 1.000 23.743 ? 1099 GLN AAA N   1 
ATOM   1036 C  CA  . GLN A 1 121 ? -5.914  -12.029 -14.392 1.000 25.063 ? 1099 GLN AAA CA  1 
ATOM   1037 C  C   . GLN A 1 121 ? -7.215  -11.434 -14.942 1.000 25.041 ? 1099 GLN AAA C   1 
ATOM   1038 O  O   . GLN A 1 121 ? -7.129  -10.627 -15.872 1.000 25.570 ? 1099 GLN AAA O   1 
ATOM   1039 C  CB  . GLN A 1 121 ? -5.653  -13.447 -14.901 1.000 27.038 ? 1099 GLN AAA CB  1 
ATOM   1040 C  CG  . GLN A 1 121 ? -5.368  -13.518 -16.398 1.000 31.090 ? 1099 GLN AAA CG  1 
ATOM   1041 C  CD  . GLN A 1 121 ? -4.189  -12.670 -16.807 1.000 34.369 ? 1099 GLN AAA CD  1 
ATOM   1042 O  OE1 . GLN A 1 121 ? -3.171  -12.616 -16.118 1.000 36.507 ? 1099 GLN AAA OE1 1 
ATOM   1043 N  NE2 . GLN A 1 121 ? -4.321  -11.994 -17.939 1.000 32.866 ? 1099 GLN AAA NE2 1 
ATOM   1044 N  N   . LEU A 1 122 ? -8.372  -11.768 -14.357 1.000 24.500 ? 1100 LEU AAA N   1 
ATOM   1045 C  CA  . LEU A 1 122 ? -9.688  -11.204 -14.769 1.000 24.104 ? 1100 LEU AAA CA  1 
ATOM   1046 C  C   . LEU A 1 122 ? -9.707  -9.685  -14.548 1.000 25.730 ? 1100 LEU AAA C   1 
ATOM   1047 O  O   . LEU A 1 122 ? -10.157 -8.942  -15.465 1.000 22.422 ? 1100 LEU AAA O   1 
ATOM   1048 C  CB  . LEU A 1 122 ? -10.819 -11.884 -13.989 1.000 24.511 ? 1100 LEU AAA CB  1 
ATOM   1049 C  CG  . LEU A 1 122 ? -12.206 -11.284 -14.213 1.000 25.769 ? 1100 LEU AAA CG  1 
ATOM   1050 C  CD1 . LEU A 1 122 ? -12.599 -11.348 -15.685 1.000 29.510 ? 1100 LEU AAA CD1 1 
ATOM   1051 C  CD2 . LEU A 1 122 ? -13.249 -11.971 -13.346 1.000 25.354 ? 1100 LEU AAA CD2 1 
ATOM   1052 N  N   . CYS A 1 123 ? -9.261  -9.215  -13.379 1.000 23.059 ? 1101 CYS AAA N   1 
ATOM   1053 C  CA  . CYS A 1 123 ? -9.140  -7.760  -13.089 1.000 23.127 ? 1101 CYS AAA CA  1 
ATOM   1054 C  C   . CYS A 1 123 ? -8.301  -7.089  -14.185 1.000 23.135 ? 1101 CYS AAA C   1 
ATOM   1055 O  O   . CYS A 1 123 ? -8.736  -6.040  -14.703 1.000 27.311 ? 1101 CYS AAA O   1 
ATOM   1056 C  CB  . CYS A 1 123 ? -8.536  -7.521  -11.708 1.000 22.035 ? 1101 CYS AAA CB  1 
ATOM   1057 S  SG  . CYS A 1 123 ? -9.686  -7.922  -10.371 1.000 22.425 ? 1101 CYS AAA SG  1 
ATOM   1058 N  N   . GLU A 1 124 ? -7.151  -7.677  -14.528 1.000 24.620 ? 1102 GLU AAA N   1 
ATOM   1059 C  CA  . GLU A 1 124 ? -6.188  -7.118  -15.513 1.000 30.571 ? 1102 GLU AAA CA  1 
ATOM   1060 C  C   . GLU A 1 124 ? -6.881  -7.015  -16.878 1.000 32.936 ? 1102 GLU AAA C   1 
ATOM   1061 O  O   . GLU A 1 124 ? -6.709  -5.985  -17.556 1.000 33.775 ? 1102 GLU AAA O   1 
ATOM   1062 C  CB  . GLU A 1 124 ? -4.928  -7.980  -15.613 1.000 32.804 ? 1102 GLU AAA CB  1 
ATOM   1063 C  CG  . GLU A 1 124 ? -4.149  -8.095  -14.311 1.000 41.564 ? 1102 GLU AAA CG  1 
ATOM   1064 C  CD  . GLU A 1 124 ? -2.841  -7.325  -14.229 1.000 53.457 ? 1102 GLU AAA CD  1 
ATOM   1065 O  OE1 . GLU A 1 124 ? -2.738  -6.257  -14.877 1.000 54.367 ? 1102 GLU AAA OE1 1 
ATOM   1066 O  OE2 . GLU A 1 124 ? -1.929  -7.792  -13.499 1.000 54.547 ? 1102 GLU AAA OE2 1 
ATOM   1067 N  N   . GLU A 1 125 ? -7.658  -8.034  -17.252 1.000 31.320 ? 1103 GLU AAA N   1 
ATOM   1068 C  CA  . GLU A 1 125 ? -8.293  -8.114  -18.595 1.000 31.398 ? 1103 GLU AAA CA  1 
ATOM   1069 C  C   . GLU A 1 125 ? -9.501  -7.172  -18.668 1.000 34.047 ? 1103 GLU AAA C   1 
ATOM   1070 O  O   . GLU A 1 125 ? -9.722  -6.619  -19.759 1.000 40.965 ? 1103 GLU AAA O   1 
ATOM   1071 C  CB  . GLU A 1 125 ? -8.604  -9.569  -18.951 1.000 28.676 ? 1103 GLU AAA CB  1 
ATOM   1072 C  CG  . GLU A 1 125 ? -7.337  -10.339 -19.264 1.000 28.891 ? 1103 GLU AAA CG  1 
ATOM   1073 C  CD  . GLU A 1 125 ? -7.503  -11.794 -19.651 1.000 28.962 ? 1103 GLU AAA CD  1 
ATOM   1074 O  OE1 . GLU A 1 125 ? -8.650  -12.212 -19.889 1.000 28.752 ? 1103 GLU AAA OE1 1 
ATOM   1075 O  OE2 . GLU A 1 125 ? -6.480  -12.503 -19.702 1.000 29.155 ? 1103 GLU AAA OE2 1 
ATOM   1076 N  N   . ILE A 1 126 ? -10.231 -6.950  -17.569 1.000 30.606 ? 1104 ILE AAA N   1 
ATOM   1077 C  CA  . ILE A 1 126 ? -11.318 -5.929  -17.531 1.000 32.988 ? 1104 ILE AAA CA  1 
ATOM   1078 C  C   . ILE A 1 126 ? -10.669 -4.542  -17.655 1.000 39.071 ? 1104 ILE AAA C   1 
ATOM   1079 O  O   . ILE A 1 126 ? -11.159 -3.744  -18.474 1.000 41.420 ? 1104 ILE AAA O   1 
ATOM   1080 C  CB  . ILE A 1 126 ? -12.205 -6.043  -16.276 1.000 32.917 ? 1104 ILE AAA CB  1 
ATOM   1081 C  CG1 . ILE A 1 126 ? -12.895 -7.406  -16.167 1.000 32.739 ? 1104 ILE AAA CG1 1 
ATOM   1082 C  CG2 . ILE A 1 126 ? -13.221 -4.911  -16.245 1.000 34.556 ? 1104 ILE AAA CG2 1 
ATOM   1083 C  CD1 . ILE A 1 126 ? -13.473 -7.693  -14.799 1.000 33.872 ? 1104 ILE AAA CD1 1 
ATOM   1084 N  N   . GLN A 1 127 ? -9.607  -4.277  -16.881 1.000 40.907 ? 1105 GLN AAA N   1 
ATOM   1085 C  CA  . GLN A 1 127 ? -8.877  -2.975  -16.860 1.000 44.918 ? 1105 GLN AAA CA  1 
ATOM   1086 C  C   . GLN A 1 127 ? -8.444  -2.621  -18.288 1.000 46.026 ? 1105 GLN AAA C   1 
ATOM   1087 O  O   . GLN A 1 127 ? -8.774  -1.506  -18.743 1.000 46.327 ? 1105 GLN AAA O   1 
ATOM   1088 C  CB  . GLN A 1 127 ? -7.669  -3.032  -15.915 1.000 45.111 ? 1105 GLN AAA CB  1 
ATOM   1089 C  CG  . GLN A 1 127 ? -6.903  -1.714  -15.808 1.000 48.869 ? 1105 GLN AAA CG  1 
ATOM   1090 C  CD  . GLN A 1 127 ? -5.630  -1.828  -15.001 1.000 54.250 ? 1105 GLN AAA CD  1 
ATOM   1091 O  OE1 . GLN A 1 127 ? -4.801  -2.707  -15.228 1.000 58.202 ? 1105 GLN AAA OE1 1 
ATOM   1092 N  NE2 . GLN A 1 127 ? -5.452  -0.921  -14.053 1.000 54.905 ? 1105 GLN AAA NE2 1 
ATOM   1093 N  N   . GLU A 1 128 ? -7.745  -3.543  -18.960 1.000 49.497 ? 1106 GLU AAA N   1 
ATOM   1094 C  CA  . GLU A 1 128 ? -7.204  -3.390  -20.342 1.000 56.944 ? 1106 GLU AAA CA  1 
ATOM   1095 C  C   . GLU A 1 128 ? -8.332  -3.106  -21.345 1.000 60.668 ? 1106 GLU AAA C   1 
ATOM   1096 O  O   . GLU A 1 128 ? -8.074  -2.369  -22.316 1.000 64.651 ? 1106 GLU AAA O   1 
ATOM   1097 C  CB  . GLU A 1 128 ? -6.443  -4.651  -20.763 1.000 60.913 ? 1106 GLU AAA CB  1 
ATOM   1098 C  CG  . GLU A 1 128 ? -5.068  -4.766  -20.132 1.000 69.595 ? 1106 GLU AAA CG  1 
ATOM   1099 C  CD  . GLU A 1 128 ? -4.378  -6.107  -20.331 1.000 78.502 ? 1106 GLU AAA CD  1 
ATOM   1100 O  OE1 . GLU A 1 128 ? -5.052  -7.149  -20.199 1.000 76.147 ? 1106 GLU AAA OE1 1 
ATOM   1101 O  OE2 . GLU A 1 128 ? -3.163  -6.104  -20.618 1.000 88.783 ? 1106 GLU AAA OE2 1 
ATOM   1102 N  N   . SER A 1 129 ? -9.527  -3.668  -21.127 1.000 61.416 ? 1107 SER AAA N   1 
ATOM   1103 C  CA  . SER A 1 129 ? -10.698 -3.559  -22.039 1.000 65.183 ? 1107 SER AAA CA  1 
ATOM   1104 C  C   . SER A 1 129 ? -11.310 -2.151  -21.984 1.000 68.833 ? 1107 SER AAA C   1 
ATOM   1105 O  O   . SER A 1 129 ? -12.173 -1.863  -22.836 1.000 69.150 ? 1107 SER AAA O   1 
ATOM   1106 C  CB  . SER A 1 129 ? -11.741 -4.599  -21.723 1.000 60.415 ? 1107 SER AAA CB  1 
ATOM   1107 O  OG  . SER A 1 129 ? -12.601 -4.149  -20.684 1.000 56.785 ? 1107 SER AAA OG  1 
ATOM   1108 N  N   . ARG A 1 130 ? -10.909 -1.329  -21.007 1.000 71.363 ? 1108 ARG AAA N   1 
ATOM   1109 C  CA  . ARG A 1 130 ? -11.392 0.067   -20.823 1.000 75.510 ? 1108 ARG AAA CA  1 
ATOM   1110 C  C   . ARG A 1 130 ? -10.332 1.042   -21.353 1.000 81.256 ? 1108 ARG AAA C   1 
ATOM   1111 O  O   . ARG A 1 130 ? -9.166  0.688   -21.533 1.000 82.249 ? 1108 ARG AAA O   1 
ATOM   1112 C  CB  . ARG A 1 130 ? -11.700 0.326   -19.344 1.000 74.722 ? 1108 ARG AAA CB  1 
ATOM   1113 C  CG  . ARG A 1 130 ? -12.531 -0.775  -18.701 1.000 75.249 ? 1108 ARG AAA CG  1 
ATOM   1114 C  CD  . ARG A 1 130 ? -13.167 -0.387  -17.382 1.000 73.314 ? 1108 ARG AAA CD  1 
ATOM   1115 N  NE  . ARG A 1 130 ? -14.252 -1.298  -17.033 1.000 71.299 ? 1108 ARG AAA NE  1 
ATOM   1116 C  CZ  . ARG A 1 130 ? -15.038 -1.180  -15.966 1.000 69.394 ? 1108 ARG AAA CZ  1 
ATOM   1117 N  NH1 . ARG A 1 130 ? -15.997 -2.066  -15.752 1.000 64.567 ? 1108 ARG AAA NH1 1 
ATOM   1118 N  NH2 . ARG A 1 130 ? -14.865 -0.181  -15.116 1.000 70.841 ? 1108 ARG AAA NH2 1 
ATOM   1119 O  OXT . ARG A 1 130 ? -10.634 2.206   -21.612 1.000 86.816 ? 1108 ARG AAA OXT 1 
HETATM 1120 S  S   . SO4 B 2 .   ? 8.866   2.951   18.240  1.000 94.959 ? 1201 SO4 AAA S   1 
HETATM 1121 O  O1  . SO4 B 2 .   ? 7.618   2.915   18.954  1.000 96.118 ? 1201 SO4 AAA O1  1 
HETATM 1122 O  O2  . SO4 B 2 .   ? 9.468   1.645   18.259  1.000 82.091 ? 1201 SO4 AAA O2  1 
HETATM 1123 O  O3  . SO4 B 2 .   ? 9.751   3.898   18.868  1.000 97.608 ? 1201 SO4 AAA O3  1 
HETATM 1124 O  O4  . SO4 B 2 .   ? 8.630   3.353   16.879  1.000 90.099 ? 1201 SO4 AAA O4  1 
HETATM 1125 S  S   . SO4 C 2 .   ? -17.545 -1.059  -1.560  1.000 36.030 ? 1202 SO4 AAA S   1 
HETATM 1126 O  O1  . SO4 C 2 .   ? -18.355 -0.876  -2.722  1.000 31.571 ? 1202 SO4 AAA O1  1 
HETATM 1127 O  O2  . SO4 C 2 .   ? -17.901 -2.305  -0.929  1.000 49.407 ? 1202 SO4 AAA O2  1 
HETATM 1128 O  O3  . SO4 C 2 .   ? -16.166 -1.098  -1.950  1.000 43.843 ? 1202 SO4 AAA O3  1 
HETATM 1129 O  O4  . SO4 C 2 .   ? -17.755 0.015   -0.632  1.000 35.347 ? 1202 SO4 AAA O4  1 
HETATM 1130 C  C1  . EDO D 3 .   ? 3.588   16.184  -2.313  1.000 54.401 ? 1203 EDO AAA C1  1 
HETATM 1131 O  O1  . EDO D 3 .   ? 2.458   15.828  -1.548  1.000 52.554 ? 1203 EDO AAA O1  1 
HETATM 1132 C  C2  . EDO D 3 .   ? 4.862   15.769  -1.682  1.000 52.001 ? 1203 EDO AAA C2  1 
HETATM 1133 O  O2  . EDO D 3 .   ? 5.985   15.882  -2.530  1.000 53.915 ? 1203 EDO AAA O2  1 
HETATM 1134 C  C1  . EDO E 3 .   ? -6.352  -18.797 -3.852  1.000 51.646 ? 1204 EDO AAA C1  1 
HETATM 1135 O  O1  . EDO E 3 .   ? -5.128  -19.088 -3.205  1.000 55.991 ? 1204 EDO AAA O1  1 
HETATM 1136 C  C2  . EDO E 3 .   ? -7.379  -18.227 -2.937  1.000 47.902 ? 1204 EDO AAA C2  1 
HETATM 1137 O  O2  . EDO E 3 .   ? -8.591  -18.963 -2.873  1.000 48.358 ? 1204 EDO AAA O2  1 
HETATM 1138 C  C1  . EDO F 3 .   ? -8.833  -12.691 -4.139  1.000 28.242 ? 1205 EDO AAA C1  1 
HETATM 1139 O  O1  . EDO F 3 .   ? -8.728  -13.955 -4.789  1.000 27.681 ? 1205 EDO AAA O1  1 
HETATM 1140 C  C2  . EDO F 3 .   ? -10.170 -12.059 -4.254  1.000 23.932 ? 1205 EDO AAA C2  1 
HETATM 1141 O  O2  . EDO F 3 .   ? -11.139 -12.592 -3.383  1.000 23.107 ? 1205 EDO AAA O2  1 
HETATM 1142 C  C13 . OJH G 4 .   ? 4.872   7.943   7.647   1.000 27.101 ? 1206 OJH AAA C13 1 
HETATM 1143 C  C15 . OJH G 4 .   ? 4.555   9.068   9.852   1.000 30.836 ? 1206 OJH AAA C15 1 
HETATM 1144 C  C17 . OJH G 4 .   ? 3.452   9.525   10.790  1.000 35.837 ? 1206 OJH AAA C17 1 
HETATM 1145 C  C22 . OJH G 4 .   ? 4.931   10.338  14.153  1.000 45.088 ? 1206 OJH AAA C22 1 
HETATM 1146 C  C24 . OJH G 4 .   ? 6.350   9.773   14.509  1.000 52.047 ? 1206 OJH AAA C24 1 
HETATM 1147 C  C26 . OJH G 4 .   ? 7.423   9.873   13.463  1.000 54.847 ? 1206 OJH AAA C26 1 
HETATM 1148 C  C01 . OJH G 4 .   ? 9.301   11.220  9.652   1.000 36.440 ? 1206 OJH AAA C01 1 
HETATM 1149 C  C02 . OJH G 4 .   ? 9.741   9.834   9.190   1.000 33.920 ? 1206 OJH AAA C02 1 
HETATM 1150 C  C04 . OJH G 4 .   ? 9.180   8.727   10.028  1.000 31.957 ? 1206 OJH AAA C04 1 
HETATM 1151 C  C05 . OJH G 4 .   ? 9.275   7.492   9.134   1.000 32.378 ? 1206 OJH AAA C05 1 
HETATM 1152 N  N06 . OJH G 4 .   ? 9.316   8.026   7.756   1.000 32.425 ? 1206 OJH AAA N06 1 
HETATM 1153 C  C07 . OJH G 4 .   ? 9.271   9.503   7.764   1.000 34.088 ? 1206 OJH AAA C07 1 
HETATM 1154 S  S08 . OJH G 4 .   ? 8.687   7.168   6.519   1.000 30.923 ? 1206 OJH AAA S08 1 
HETATM 1155 O  O09 . OJH G 4 .   ? 9.059   5.810   6.743   1.000 29.426 ? 1206 OJH AAA O09 1 
HETATM 1156 O  O10 . OJH G 4 .   ? 9.114   7.811   5.319   1.000 30.986 ? 1206 OJH AAA O10 1 
HETATM 1157 C  C11 . OJH G 4 .   ? 6.907   7.241   6.540   1.000 29.973 ? 1206 OJH AAA C11 1 
HETATM 1158 C  C12 . OJH G 4 .   ? 6.269   7.861   7.614   1.000 29.901 ? 1206 OJH AAA C12 1 
HETATM 1159 N  N14 . OJH G 4 .   ? 4.118   8.512   8.699   1.000 28.043 ? 1206 OJH AAA N14 1 
HETATM 1160 O  O16 . OJH G 4 .   ? 5.737   9.226   10.138  1.000 30.520 ? 1206 OJH AAA O16 1 
HETATM 1161 N  N18 . OJH G 4 .   ? 4.048   10.087  11.991  1.000 37.435 ? 1206 OJH AAA N18 1 
HETATM 1162 C  C19 . OJH G 4 .   ? 4.526   11.385  12.080  1.000 40.851 ? 1206 OJH AAA C19 1 
HETATM 1163 O  O20 . OJH G 4 .   ? 4.481   12.215  11.188  1.000 37.647 ? 1206 OJH AAA O20 1 
HETATM 1164 N  N21 . OJH G 4 .   ? 5.033   11.540  13.324  1.000 45.806 ? 1206 OJH AAA N21 1 
HETATM 1165 C  C23 . OJH G 4 .   ? 4.082   10.574  15.404  1.000 48.348 ? 1206 OJH AAA C23 1 
HETATM 1166 C  C25 . OJH G 4 .   ? 7.539   10.667  14.716  1.000 55.571 ? 1206 OJH AAA C25 1 
HETATM 1167 C  C27 . OJH G 4 .   ? 4.251   9.389   13.156  1.000 41.620 ? 1206 OJH AAA C27 1 
HETATM 1168 O  O28 . OJH G 4 .   ? 3.928   8.231   13.344  1.000 38.736 ? 1206 OJH AAA O28 1 
HETATM 1169 C  C29 . OJH G 4 .   ? 4.124   7.371   6.624   1.000 30.949 ? 1206 OJH AAA C29 1 
HETATM 1170 C  C30 . OJH G 4 .   ? 4.754   6.759   5.559   1.000 29.488 ? 1206 OJH AAA C30 1 
HETATM 1171 C  C31 . OJH G 4 .   ? 6.134   6.690   5.520   1.000 34.922 ? 1206 OJH AAA C31 1 
HETATM 1172 BR BR1 . OJH G 4 .   ? 6.918   5.809   4.040   1.000 75.535 ? 1206 OJH AAA BR1 1 
HETATM 1173 O  O   . HOH H 5 .   ? -11.004 -10.322 7.034   1.000 50.645 ? 1301 HOH AAA O   1 
HETATM 1174 O  O   . HOH H 5 .   ? -5.661  0.158   -10.845 1.000 35.385 ? 1302 HOH AAA O   1 
HETATM 1175 O  O   . HOH H 5 .   ? 5.175   6.556   2.101   1.000 19.949 ? 1303 HOH AAA O   1 
HETATM 1176 O  O   . HOH H 5 .   ? 13.627  12.555  -2.241  1.000 57.644 ? 1304 HOH AAA O   1 
HETATM 1177 O  O   . HOH H 5 .   ? -8.440  -7.891  7.833   1.000 52.483 ? 1305 HOH AAA O   1 
HETATM 1178 O  O   . HOH H 5 .   ? -9.121  -7.078  -22.052 1.000 41.027 ? 1306 HOH AAA O   1 
HETATM 1179 O  O   . HOH H 5 .   ? -20.797 -7.189  -4.656  0.500 42.364 ? 1307 HOH AAA O   1 
HETATM 1180 O  O   . HOH H 5 .   ? -0.504  19.704  11.044  0.500 71.545 ? 1308 HOH AAA O   1 
HETATM 1181 O  O   . HOH H 5 .   ? -2.262  -16.072 4.834   1.000 36.834 ? 1309 HOH AAA O   1 
HETATM 1182 O  O   . HOH H 5 .   ? -21.401 -4.662  1.961   1.000 35.301 ? 1310 HOH AAA O   1 
HETATM 1183 O  O   . HOH H 5 .   ? -14.278 -5.969  -20.366 1.000 55.994 ? 1311 HOH AAA O   1 
HETATM 1184 O  O   . HOH H 5 .   ? 0.706   9.978   2.873   1.000 36.143 ? 1312 HOH AAA O   1 
HETATM 1185 O  O   . HOH H 5 .   ? 13.992  -3.428  -0.902  1.000 59.596 ? 1313 HOH AAA O   1 
HETATM 1186 O  O   . HOH H 5 .   ? -13.363 2.493   4.313   1.000 41.641 ? 1314 HOH AAA O   1 
HETATM 1187 O  O   . HOH H 5 .   ? 2.836   13.971  14.775  1.000 63.663 ? 1315 HOH AAA O   1 
HETATM 1188 O  O   . HOH H 5 .   ? 26.233  0.060   13.142  1.000 28.914 ? 1316 HOH AAA O   1 
HETATM 1189 O  O   . HOH H 5 .   ? 4.718   -10.195 9.067   1.000 33.658 ? 1317 HOH AAA O   1 
HETATM 1190 O  O   . HOH H 5 .   ? 10.173  6.414   -3.147  1.000 30.712 ? 1318 HOH AAA O   1 
HETATM 1191 O  O   . HOH H 5 .   ? 5.257   8.524   2.540   1.000 31.345 ? 1319 HOH AAA O   1 
HETATM 1192 O  O   . HOH H 5 .   ? 13.201  6.557   -3.533  1.000 62.161 ? 1320 HOH AAA O   1 
HETATM 1193 O  O   . HOH H 5 .   ? 7.308   -17.638 -0.522  1.000 45.044 ? 1321 HOH AAA O   1 
HETATM 1194 O  O   . HOH H 5 .   ? 1.380   10.441  -3.263  1.000 45.192 ? 1322 HOH AAA O   1 
HETATM 1195 O  O   . HOH H 5 .   ? 23.270  7.930   4.721   1.000 56.825 ? 1323 HOH AAA O   1 
HETATM 1196 O  O   . HOH H 5 .   ? 5.175   16.030  -5.131  1.000 39.730 ? 1324 HOH AAA O   1 
HETATM 1197 O  O   . HOH H 5 .   ? -0.663  2.264   -8.097  1.000 35.577 ? 1325 HOH AAA O   1 
HETATM 1198 O  O   . HOH H 5 .   ? -12.502 6.231   2.418   1.000 37.053 ? 1326 HOH AAA O   1 
HETATM 1199 O  O   . HOH H 5 .   ? -1.489  -16.178 -5.382  1.000 44.089 ? 1327 HOH AAA O   1 
HETATM 1200 O  O   . HOH H 5 .   ? -2.149  -8.210  11.581  1.000 34.555 ? 1328 HOH AAA O   1 
HETATM 1201 O  O   . HOH H 5 .   ? -25.824 -8.092  -16.396 1.000 71.297 ? 1329 HOH AAA O   1 
HETATM 1202 O  O   . HOH H 5 .   ? -8.029  -10.405 2.186   1.000 34.760 ? 1330 HOH AAA O   1 
HETATM 1203 O  O   . HOH H 5 .   ? 10.825  -8.765  5.983   1.000 50.003 ? 1331 HOH AAA O   1 
HETATM 1204 O  O   . HOH H 5 .   ? -4.577  -16.770 -15.010 1.000 35.947 ? 1332 HOH AAA O   1 
HETATM 1205 O  O   . HOH H 5 .   ? 14.081  4.195   -1.981  1.000 40.923 ? 1333 HOH AAA O   1 
HETATM 1206 O  O   . HOH H 5 .   ? 17.795  -0.216  14.797  1.000 26.272 ? 1334 HOH AAA O   1 
HETATM 1207 O  O   . HOH H 5 .   ? -4.046  0.923   13.037  1.000 41.427 ? 1335 HOH AAA O   1 
HETATM 1208 O  O   . HOH H 5 .   ? -11.288 -2.424  -7.567  1.000 56.960 ? 1336 HOH AAA O   1 
HETATM 1209 O  O   . HOH H 5 .   ? 18.216  10.226  8.196   1.000 44.698 ? 1337 HOH AAA O   1 
HETATM 1210 O  O   . HOH H 5 .   ? -0.104  12.366  10.929  1.000 45.326 ? 1338 HOH AAA O   1 
HETATM 1211 O  O   . HOH H 5 .   ? 19.163  6.406   15.727  1.000 51.552 ? 1339 HOH AAA O   1 
HETATM 1212 O  O   . HOH H 5 .   ? 11.103  17.171  11.827  1.000 64.421 ? 1340 HOH AAA O   1 
HETATM 1213 O  O   . HOH H 5 .   ? 13.734  14.708  -3.314  1.000 50.332 ? 1341 HOH AAA O   1 
HETATM 1214 O  O   . HOH H 5 .   ? 1.479   15.225  0.809   1.000 62.334 ? 1342 HOH AAA O   1 
HETATM 1215 O  O   . HOH H 5 .   ? 15.792  15.502  5.090   1.000 59.582 ? 1343 HOH AAA O   1 
HETATM 1216 O  O   . HOH H 5 .   ? -4.164  -4.705  -16.827 1.000 54.280 ? 1344 HOH AAA O   1 
HETATM 1217 O  O   . HOH H 5 .   ? -10.814 -12.807 -0.772  1.000 19.715 ? 1345 HOH AAA O   1 
HETATM 1218 O  O   . HOH H 5 .   ? -19.658 -1.313  -6.744  1.000 56.912 ? 1346 HOH AAA O   1 
HETATM 1219 O  O   . HOH H 5 .   ? -6.732  -7.857  -22.136 1.000 48.271 ? 1347 HOH AAA O   1 
HETATM 1220 O  O   . HOH H 5 .   ? 18.082  8.982   0.281   1.000 42.949 ? 1348 HOH AAA O   1 
HETATM 1221 O  O   . HOH H 5 .   ? -5.656  -2.772  -23.375 1.000 68.197 ? 1349 HOH AAA O   1 
HETATM 1222 O  O   . HOH H 5 .   ? 20.531  3.274   3.203   1.000 50.134 ? 1350 HOH AAA O   1 
HETATM 1223 O  O   . HOH H 5 .   ? -4.826  -12.455 -21.803 1.000 51.130 ? 1351 HOH AAA O   1 
HETATM 1224 O  O   . HOH H 5 .   ? 15.259  9.696   9.416   1.000 40.093 ? 1352 HOH AAA O   1 
HETATM 1225 O  O   . HOH H 5 .   ? 7.792   8.693   -6.229  1.000 45.994 ? 1353 HOH AAA O   1 
HETATM 1226 O  O   . HOH H 5 .   ? 8.106   -10.142 9.131   1.000 53.680 ? 1354 HOH AAA O   1 
HETATM 1227 O  O   . HOH H 5 .   ? 3.698   15.714  5.385   1.000 39.897 ? 1355 HOH AAA O   1 
HETATM 1228 O  O   . HOH H 5 .   ? 0.387   6.283   -6.311  1.000 35.695 ? 1356 HOH AAA O   1 
HETATM 1229 O  O   . HOH H 5 .   ? -2.693  4.952   13.553  1.000 52.173 ? 1357 HOH AAA O   1 
HETATM 1230 O  O   . HOH H 5 .   ? 18.114  3.645   2.001   1.000 41.626 ? 1358 HOH AAA O   1 
HETATM 1231 O  O   . HOH H 5 .   ? -19.550 -9.256  -18.169 1.000 48.829 ? 1359 HOH AAA O   1 
HETATM 1232 O  O   . HOH H 5 .   ? -0.178  -0.416  13.559  1.000 26.536 ? 1360 HOH AAA O   1 
HETATM 1233 O  O   . HOH H 5 .   ? 6.069   1.922   -6.607  1.000 30.075 ? 1361 HOH AAA O   1 
HETATM 1234 O  O   . HOH H 5 .   ? 4.903   0.644   17.157  1.000 45.740 ? 1362 HOH AAA O   1 
HETATM 1235 O  O   . HOH H 5 .   ? 23.001  3.445   5.792   1.000 59.573 ? 1363 HOH AAA O   1 
HETATM 1236 O  O   . HOH H 5 .   ? -13.208 -15.054 -6.051  1.000 25.437 ? 1364 HOH AAA O   1 
HETATM 1237 O  O   . HOH H 5 .   ? 12.379  -6.476  7.194   1.000 38.484 ? 1365 HOH AAA O   1 
HETATM 1238 O  O   . HOH H 5 .   ? 8.786   2.853   12.692  1.000 38.034 ? 1366 HOH AAA O   1 
HETATM 1239 O  O   . HOH H 5 .   ? -2.228  -20.576 -0.444  1.000 37.573 ? 1367 HOH AAA O   1 
HETATM 1240 O  O   . HOH H 5 .   ? -10.085 -19.057 -5.318  1.000 41.224 ? 1368 HOH AAA O   1 
HETATM 1241 O  O   . HOH H 5 .   ? -0.741  10.146  0.001   1.000 55.421 ? 1369 HOH AAA O   1 
HETATM 1242 O  O   . HOH H 5 .   ? -12.664 -5.892  3.636   1.000 17.432 ? 1370 HOH AAA O   1 
HETATM 1243 O  O   . HOH H 5 .   ? -21.232 -1.906  -15.852 1.000 57.442 ? 1371 HOH AAA O   1 
HETATM 1244 O  O   . HOH H 5 .   ? 5.680   17.703  5.460   1.000 43.419 ? 1372 HOH AAA O   1 
HETATM 1245 O  O   . HOH H 5 .   ? -4.360  3.555   8.634   1.000 43.216 ? 1373 HOH AAA O   1 
HETATM 1246 O  O   . HOH H 5 .   ? -11.106 -11.357 -20.808 1.000 29.592 ? 1374 HOH AAA O   1 
HETATM 1247 O  O   . HOH H 5 .   ? -8.407  6.518   5.387   1.000 39.229 ? 1375 HOH AAA O   1 
HETATM 1248 O  O   . HOH H 5 .   ? -2.498  -13.244 -12.284 1.000 45.662 ? 1376 HOH AAA O   1 
HETATM 1249 O  O   . HOH H 5 .   ? -14.891 0.312   -12.382 1.000 62.798 ? 1377 HOH AAA O   1 
HETATM 1250 O  O   . HOH H 5 .   ? 7.099   -11.728 0.770   1.000 25.174 ? 1378 HOH AAA O   1 
HETATM 1251 O  O   . HOH H 5 .   ? 3.191   -3.749  -8.492  1.000 58.177 ? 1379 HOH AAA O   1 
HETATM 1252 O  O   . HOH H 5 .   ? 6.009   1.733   13.394  1.000 30.708 ? 1380 HOH AAA O   1 
HETATM 1253 O  O   . HOH H 5 .   ? 8.080   9.522   -3.584  1.000 28.669 ? 1381 HOH AAA O   1 
HETATM 1254 O  O   . HOH H 5 .   ? 20.635  11.328  5.318   1.000 47.455 ? 1382 HOH AAA O   1 
HETATM 1255 O  O   . HOH H 5 .   ? 3.040   -16.459 4.044   1.000 65.102 ? 1383 HOH AAA O   1 
HETATM 1256 O  O   . HOH H 5 .   ? -1.868  -12.766 8.012   1.000 48.347 ? 1384 HOH AAA O   1 
HETATM 1257 O  O   . HOH H 5 .   ? 16.007  11.553  7.808   1.000 56.511 ? 1385 HOH AAA O   1 
HETATM 1258 O  O   . HOH H 5 .   ? -17.198 -1.348  -13.325 1.000 68.077 ? 1386 HOH AAA O   1 
HETATM 1259 O  O   . HOH H 5 .   ? -11.815 6.402   -9.569  1.000 53.682 ? 1387 HOH AAA O   1 
HETATM 1260 O  O   . HOH H 5 .   ? 0.781   -6.132  16.537  1.000 36.941 ? 1388 HOH AAA O   1 
HETATM 1261 O  O   . HOH H 5 .   ? -11.883 7.594   0.054   1.000 30.394 ? 1389 HOH AAA O   1 
HETATM 1262 O  O   . HOH H 5 .   ? -12.282 8.328   -7.926  1.000 57.398 ? 1390 HOH AAA O   1 
HETATM 1263 O  O   . HOH H 5 .   ? -2.126  -3.616  -13.408 1.000 37.924 ? 1391 HOH AAA O   1 
HETATM 1264 O  O   . HOH H 5 .   ? -8.839  -14.820 -0.387  1.000 25.562 ? 1392 HOH AAA O   1 
HETATM 1265 O  O   . HOH H 5 .   ? -9.361  -0.942  -24.390 1.000 67.658 ? 1393 HOH AAA O   1 
HETATM 1266 O  O   . HOH H 5 .   ? -8.313  -20.478 -9.931  1.000 49.238 ? 1394 HOH AAA O   1 
HETATM 1267 O  O   . HOH H 5 .   ? 6.003   2.657   16.095  1.000 44.782 ? 1395 HOH AAA O   1 
HETATM 1268 O  O   . HOH H 5 .   ? 11.652  18.331  9.057   1.000 53.777 ? 1396 HOH AAA O   1 
HETATM 1269 O  O   . HOH H 5 .   ? -2.478  -11.124 -13.807 1.000 41.582 ? 1397 HOH AAA O   1 
HETATM 1270 O  O   . HOH H 5 .   ? -15.129 -2.834  -19.255 1.000 59.561 ? 1398 HOH AAA O   1 
HETATM 1271 O  O   . HOH H 5 .   ? -17.405 -1.817  -8.514  1.000 29.692 ? 1399 HOH AAA O   1 
HETATM 1272 O  O   . HOH H 5 .   ? 1.286   7.194   13.204  1.000 49.076 ? 1400 HOH AAA O   1 
HETATM 1273 O  O   . HOH H 5 .   ? -3.799  -18.767 -7.616  1.000 35.395 ? 1401 HOH AAA O   1 
HETATM 1274 O  O   . HOH H 5 .   ? 10.433  11.118  -3.789  1.000 37.146 ? 1402 HOH AAA O   1 
HETATM 1275 O  O   . HOH H 5 .   ? 9.809   -7.662  11.522  1.000 38.201 ? 1403 HOH AAA O   1 
HETATM 1276 O  O   . HOH H 5 .   ? -7.603  -0.614  10.238  1.000 39.362 ? 1404 HOH AAA O   1 
HETATM 1277 O  O   . HOH H 5 .   ? -6.348  9.746   3.107   1.000 55.223 ? 1405 HOH AAA O   1 
HETATM 1278 O  O   . HOH H 5 .   ? -12.523 -0.444  -7.761  1.000 27.002 ? 1406 HOH AAA O   1 
HETATM 1279 O  O   . HOH H 5 .   ? -11.061 -19.141 -1.428  1.000 53.900 ? 1407 HOH AAA O   1 
HETATM 1280 O  O   . HOH H 5 .   ? -7.154  -21.179 -6.278  1.000 62.911 ? 1408 HOH AAA O   1 
HETATM 1281 O  O   . HOH H 5 .   ? -5.299  10.151  5.713   1.000 54.954 ? 1409 HOH AAA O   1 
HETATM 1282 O  O   . HOH H 5 .   ? 19.092  9.882   11.152  1.000 66.516 ? 1410 HOH AAA O   1 
HETATM 1283 O  O   . HOH H 5 .   ? 24.755  6.875   7.656   1.000 41.354 ? 1411 HOH AAA O   1 
HETATM 1284 O  O   . HOH H 5 .   ? 4.012   -7.630  15.172  1.000 45.996 ? 1412 HOH AAA O   1 
HETATM 1285 O  O   . HOH H 5 .   ? -9.971  0.486   -5.622  1.000 22.369 ? 1413 HOH AAA O   1 
HETATM 1286 O  O   . HOH H 5 .   ? 8.426   2.300   -5.390  1.000 35.811 ? 1414 HOH AAA O   1 
HETATM 1287 O  O   . HOH H 5 .   ? -15.591 -12.121 -10.508 1.000 43.831 ? 1415 HOH AAA O   1 
HETATM 1288 O  O   . HOH H 5 .   ? -14.579 -14.793 -2.555  1.000 18.997 ? 1416 HOH AAA O   1 
HETATM 1289 O  O   . HOH H 5 .   ? 12.772  4.582   14.497  1.000 49.192 ? 1417 HOH AAA O   1 
HETATM 1290 O  O   . HOH H 5 .   ? 6.669   -0.461  -7.821  1.000 38.894 ? 1418 HOH AAA O   1 
HETATM 1291 O  O   . HOH H 5 .   ? -3.223  -11.267 9.419   1.000 39.827 ? 1419 HOH AAA O   1 
HETATM 1292 O  O   . HOH H 5 .   ? 1.387   -2.391  -16.117 1.000 58.103 ? 1420 HOH AAA O   1 
HETATM 1293 O  O   . HOH H 5 .   ? 22.516  0.856   13.801  1.000 29.858 ? 1421 HOH AAA O   1 
HETATM 1294 O  O   . HOH H 5 .   ? 9.587   19.097  -7.100  1.000 48.132 ? 1422 HOH AAA O   1 
HETATM 1295 O  O   . HOH H 5 .   ? 0.781   -14.613 5.191   1.000 53.325 ? 1423 HOH AAA O   1 
HETATM 1296 O  O   . HOH H 5 .   ? -16.037 2.317   -2.030  1.000 55.005 ? 1424 HOH AAA O   1 
HETATM 1297 O  O   . HOH H 5 .   ? -16.125 6.052   -4.668  1.000 53.054 ? 1425 HOH AAA O   1 
HETATM 1298 O  O   . HOH H 5 .   ? 9.869   -1.025  -2.881  1.000 42.712 ? 1426 HOH AAA O   1 
HETATM 1299 O  O   . HOH H 5 .   ? -10.763 -16.051 -4.323  1.000 40.199 ? 1427 HOH AAA O   1 
HETATM 1300 O  O   . HOH H 5 .   ? 15.393  8.007   12.828  1.000 54.649 ? 1428 HOH AAA O   1 
HETATM 1301 O  O   . HOH H 5 .   ? 4.027   -5.815  -7.933  1.000 43.807 ? 1429 HOH AAA O   1 
HETATM 1302 O  O   . HOH H 5 .   ? -6.518  -20.230 -15.928 1.000 58.291 ? 1430 HOH AAA O   1 
HETATM 1303 O  O   . HOH H 5 .   ? -2.223  8.699   -5.578  1.000 36.091 ? 1431 HOH AAA O   1 
HETATM 1304 O  O   . HOH H 5 .   ? 3.356   -16.409 1.231   1.000 41.625 ? 1432 HOH AAA O   1 
HETATM 1305 O  O   . HOH H 5 .   ? -1.938  -2.232  17.084  1.000 61.312 ? 1433 HOH AAA O   1 
HETATM 1306 O  O   . HOH H 5 .   ? -7.224  4.652   -11.306 1.000 58.414 ? 1434 HOH AAA O   1 
HETATM 1307 O  O   . HOH H 5 .   ? 2.829   -11.827 -4.147  1.000 36.774 ? 1435 HOH AAA O   1 
HETATM 1308 O  O   . HOH H 5 .   ? 23.114  1.145   6.998   1.000 48.898 ? 1436 HOH AAA O   1 
HETATM 1309 O  O   . HOH H 5 .   ? 8.579   -9.595  -1.031  1.000 53.163 ? 1437 HOH AAA O   1 
HETATM 1310 O  O   . HOH H 5 .   ? 6.641   8.819   -10.387 1.000 60.064 ? 1438 HOH AAA O   1 
HETATM 1311 O  O   . HOH H 5 .   ? -2.642  3.980   -8.292  1.000 39.910 ? 1439 HOH AAA O   1 
HETATM 1312 O  O   . HOH H 5 .   ? -24.731 -5.778  -16.855 1.000 55.318 ? 1440 HOH AAA O   1 
HETATM 1313 O  O   . HOH H 5 .   ? 0.575   -8.034  9.577   1.000 37.442 ? 1441 HOH AAA O   1 
HETATM 1314 O  O   . HOH H 5 .   ? 2.027   13.733  -4.115  1.000 56.578 ? 1442 HOH AAA O   1 
HETATM 1315 O  O   . HOH H 5 .   ? 19.905  -1.696  6.452   1.000 52.009 ? 1443 HOH AAA O   1 
HETATM 1316 O  O   . HOH H 5 .   ? -5.360  -19.989 -9.930  1.000 62.778 ? 1444 HOH AAA O   1 
HETATM 1317 O  O   . HOH H 5 .   ? -15.498 2.798   -10.874 1.000 51.017 ? 1445 HOH AAA O   1 
HETATM 1318 O  O   . HOH H 5 .   ? -16.597 4.557   -0.927  1.000 50.021 ? 1446 HOH AAA O   1 
HETATM 1319 O  O   . HOH H 5 .   ? -20.749 -11.598 -10.507 1.000 68.835 ? 1447 HOH AAA O   1 
HETATM 1320 O  O   . HOH H 5 .   ? 24.941  3.907   16.811  1.000 58.542 ? 1448 HOH AAA O   1 
HETATM 1321 O  O   . HOH H 5 .   ? 9.933   4.729   14.298  1.000 55.110 ? 1449 HOH AAA O   1 
HETATM 1322 O  O   . HOH H 5 .   ? 17.027  12.387  4.451   1.000 59.327 ? 1450 HOH AAA O   1 
HETATM 1323 O  O   . HOH H 5 .   ? 2.996   10.489  4.124   1.000 35.569 ? 1451 HOH AAA O   1 
HETATM 1324 O  O   . HOH H 5 .   ? -5.302  1.784   7.047   1.000 48.006 ? 1452 HOH AAA O   1 
HETATM 1325 O  O   . HOH H 5 .   ? -10.748 6.559   4.349   1.000 59.389 ? 1453 HOH AAA O   1 
HETATM 1326 O  O   . HOH H 5 .   ? 23.470  8.034   11.164  1.000 44.193 ? 1454 HOH AAA O   1 
HETATM 1327 O  O   . HOH H 5 .   ? 6.976   -10.805 13.162  1.000 52.247 ? 1455 HOH AAA O   1 
HETATM 1328 O  O   . HOH H 5 .   ? -4.459  7.040   -8.425  1.000 58.632 ? 1456 HOH AAA O   1 
HETATM 1329 O  O   . HOH H 5 .   ? -0.287  -8.910  -8.628  1.000 51.333 ? 1457 HOH AAA O   1 
HETATM 1330 O  O   . HOH H 5 .   ? -13.934 0.319   -10.021 1.000 35.045 ? 1458 HOH AAA O   1 
HETATM 1331 O  O   . HOH H 5 .   ? 12.220  -1.254  -1.770  1.000 68.937 ? 1459 HOH AAA O   1 
HETATM 1332 O  O   . HOH H 5 .   ? -11.364 -5.057  6.064   1.000 26.764 ? 1460 HOH AAA O   1 
HETATM 1333 O  O   . HOH H 5 .   ? -2.516  -17.826 6.735   1.000 54.944 ? 1461 HOH AAA O   1 
HETATM 1334 O  O   . HOH H 5 .   ? 1.072   -20.111 -3.204  1.000 62.747 ? 1462 HOH AAA O   1 
HETATM 1335 O  O   . HOH H 5 .   ? -9.853  7.260   -11.047 1.000 69.811 ? 1463 HOH AAA O   1 
HETATM 1336 O  O   . HOH H 5 .   ? 17.522  -3.436  8.919   1.000 52.847 ? 1464 HOH AAA O   1 
HETATM 1337 O  O   . HOH H 5 .   ? 6.810   -11.699 5.249   1.000 53.020 ? 1465 HOH AAA O   1 
HETATM 1338 O  O   . HOH H 5 .   ? 1.189   11.692  13.507  1.000 52.552 ? 1466 HOH AAA O   1 
HETATM 1339 O  O   . HOH H 5 .   ? -17.520 -12.479 -12.509 1.000 49.070 ? 1467 HOH AAA O   1 
HETATM 1340 O  O   . HOH H 5 .   ? -2.620  -16.214 -14.077 1.000 57.528 ? 1468 HOH AAA O   1 
HETATM 1341 O  O   . HOH H 5 .   ? 5.953   -13.482 -0.830  1.000 31.801 ? 1469 HOH AAA O   1 
HETATM 1342 O  O   . HOH H 5 .   ? -3.730  -22.248 -1.919  1.000 49.300 ? 1470 HOH AAA O   1 
HETATM 1343 O  O   . HOH H 5 .   ? -0.949  12.149  2.238   1.000 53.139 ? 1471 HOH AAA O   1 
HETATM 1344 O  O   . HOH H 5 .   ? 16.095  13.561  -2.839  1.000 60.864 ? 1472 HOH AAA O   1 
HETATM 1345 O  O   . HOH H 5 .   ? -3.084  -0.563  -17.754 1.000 62.264 ? 1473 HOH AAA O   1 
HETATM 1346 O  O   . HOH H 5 .   ? -8.125  4.608   7.128   1.000 53.707 ? 1474 HOH AAA O   1 
HETATM 1347 O  O   . HOH H 5 .   ? -0.748  -14.108 -6.502  1.000 54.004 ? 1475 HOH AAA O   1 
HETATM 1348 O  O   . HOH H 5 .   ? 5.798   -1.521  18.653  1.000 58.648 ? 1476 HOH AAA O   1 
HETATM 1349 O  O   . HOH H 5 .   ? 8.096   -12.825 3.212   1.000 48.976 ? 1477 HOH AAA O   1 
HETATM 1350 O  O   . HOH H 5 .   ? -1.145  -8.086  14.362  1.000 56.809 ? 1478 HOH AAA O   1 
HETATM 1351 O  O   . HOH H 5 .   ? -7.154  -0.131  7.747   1.000 48.818 ? 1479 HOH AAA O   1 
HETATM 1352 O  O   . HOH H 5 .   ? 10.730  -8.993  9.386   1.000 41.707 ? 1480 HOH AAA O   1 
HETATM 1353 O  O   . HOH H 5 .   ? 9.345   6.112   -6.072  1.000 53.057 ? 1481 HOH AAA O   1 
HETATM 1354 O  O   . HOH H 5 .   ? -5.474  9.105   -6.122  1.000 57.931 ? 1482 HOH AAA O   1 
HETATM 1355 O  O   . HOH H 5 .   ? -14.657 7.731   -0.799  1.000 44.464 ? 1483 HOH AAA O   1 
HETATM 1356 O  O   . HOH H 5 .   ? -12.365 -10.457 3.583   1.000 22.944 ? 1484 HOH AAA O   1 
HETATM 1357 O  O   . HOH H 5 .   ? 4.740   3.985   -8.030  1.000 62.238 ? 1485 HOH AAA O   1 
HETATM 1358 O  O   . HOH H 5 .   ? 8.881   10.598  -8.135  1.000 51.594 ? 1486 HOH AAA O   1 
HETATM 1359 O  O   . HOH H 5 .   ? -2.085  9.618   -2.283  1.000 61.699 ? 1487 HOH AAA O   1 
HETATM 1360 O  O   . HOH H 5 .   ? -16.585 -0.457  -10.627 1.000 60.663 ? 1488 HOH AAA O   1 
HETATM 1361 O  O   . HOH H 5 .   ? 8.726   -9.384  -3.567  1.000 59.205 ? 1489 HOH AAA O   1 
HETATM 1362 O  O   . HOH H 5 .   ? 22.861  9.156   2.477   1.000 51.992 ? 1490 HOH AAA O   1 
HETATM 1363 O  O   . HOH H 5 .   ? 2.377   -11.499 9.436   1.000 55.356 ? 1491 HOH AAA O   1 
HETATM 1364 O  O   . HOH H 5 .   ? 10.024  0.427   -5.673  1.000 51.337 ? 1492 HOH AAA O   1 
HETATM 1365 O  O   . HOH H 5 .   ? -1.671  -13.178 -9.448  1.000 43.715 ? 1493 HOH AAA O   1 
HETATM 1366 O  O   . HOH H 5 .   ? 3.365   13.660  3.438   1.000 38.840 ? 1494 HOH AAA O   1 
HETATM 1367 O  O   . HOH H 5 .   ? 2.827   -18.930 -0.201  1.000 63.057 ? 1495 HOH AAA O   1 
HETATM 1368 O  O   . HOH H 5 .   ? -6.763  9.505   -2.096  1.000 52.636 ? 1496 HOH AAA O   1 
HETATM 1369 O  O   . HOH H 5 .   ? 5.107   -12.893 6.317   1.000 51.834 ? 1497 HOH AAA O   1 
HETATM 1370 O  O   . HOH H 5 .   ? -19.980 1.036   -7.509  1.000 59.207 ? 1498 HOH AAA O   1 
HETATM 1371 O  O   . HOH H 5 .   ? -4.981  2.848   11.096  1.000 51.948 ? 1499 HOH AAA O   1 
HETATM 1372 O  O   . HOH H 5 .   ? 5.789   -12.940 -3.674  1.000 46.746 ? 1500 HOH AAA O   1 
HETATM 1373 O  O   . HOH H 5 .   ? 5.730   -15.717 0.699   1.000 43.314 ? 1501 HOH AAA O   1 
HETATM 1374 O  O   . HOH H 5 .   ? 12.299  4.399   -6.086  1.000 66.828 ? 1502 HOH AAA O   1 
HETATM 1375 O  O   . HOH H 5 .   ? 13.947  1.708   -2.843  1.000 50.159 ? 1503 HOH AAA O   1 
HETATM 1376 O  O   . HOH H 5 .   ? 20.335  -0.910  13.901  1.000 31.401 ? 1504 HOH AAA O   1 
HETATM 1377 O  O   . HOH H 5 .   ? -0.898  -0.046  16.201  1.000 49.404 ? 1505 HOH AAA O   1 
HETATM 1378 O  O   . HOH H 5 .   ? -6.394  -0.054  -25.729 0.500 42.709 ? 1506 HOH AAA O   1 
HETATM 1379 O  O   . HOH H 5 .   ? -10.125 -0.358  6.596   1.000 65.386 ? 1507 HOH AAA O   1 
HETATM 1380 O  O   . HOH H 5 .   ? 2.594   -13.577 6.221   1.000 56.842 ? 1508 HOH AAA O   1 
HETATM 1381 O  O   . HOH H 5 .   ? -3.111  11.492  10.879  1.000 57.541 ? 1509 HOH AAA O   1 
HETATM 1382 O  O   . HOH H 5 .   ? -3.851  9.779   -8.170  0.500 62.042 ? 1510 HOH AAA O   1 
HETATM 1383 O  O   . HOH H 5 .   ? 12.989  1.816   -5.520  1.000 66.100 ? 1511 HOH AAA O   1 
HETATM 1384 O  O   . HOH H 5 .   ? -0.050  -10.540 8.898   1.000 43.449 ? 1512 HOH AAA O   1 
HETATM 1385 O  O   . HOH H 5 .   ? 0.793   -12.574 7.496   1.000 67.188 ? 1513 HOH AAA O   1 
HETATM 1386 O  O   . HOH H 5 .   ? 9.372   7.229   13.858  1.000 58.055 ? 1514 HOH AAA O   1 
HETATM 1387 O  O   . HOH H 5 .   ? 5.503   -16.061 4.743   1.000 62.511 ? 1515 HOH AAA O   1 
HETATM 1388 O  O   . HOH H 5 .   ? 0.126   -11.038 -7.704  1.000 55.548 ? 1516 HOH AAA O   1 
HETATM 1389 O  O   . HOH H 5 .   ? -22.872 -14.272 -19.475 1.000 71.002 ? 1517 HOH AAA O   1 
HETATM 1390 O  O   . HOH H 5 .   ? 2.418   -11.466 -6.464  1.000 62.833 ? 1518 HOH AAA O   1 
HETATM 1391 O  O   . HOH H 5 .   ? -0.257  -16.730 9.506   1.000 59.567 ? 1519 HOH AAA O   1 
HETATM 1392 O  O   . HOH H 5 .   ? 7.160   -15.199 2.881   1.000 48.410 ? 1520 HOH AAA O   1 
HETATM 1393 O  O   . HOH H 5 .   ? 6.326   -11.208 -6.609  1.000 63.010 ? 1521 HOH AAA O   1 
HETATM 1394 O  O   . HOH H 5 .   ? 26.284  10.290  16.536  1.000 56.724 ? 1522 HOH AAA O   1 
# 
